data_1CQ5
# 
_entry.id   1CQ5 
# 
_audit_conform.dict_name       mmcif_pdbx.dic 
_audit_conform.dict_version    5.392 
_audit_conform.dict_location   http://mmcif.pdb.org/dictionaries/ascii/mmcif_pdbx.dic 
# 
loop_
_database_2.database_id 
_database_2.database_code 
_database_2.pdbx_database_accession 
_database_2.pdbx_DOI 
PDB   1CQ5         pdb_00001cq5 10.2210/pdb1cq5/pdb 
RCSB  RCSB009481   ?            ?                   
WWPDB D_1000009481 ?            ?                   
# 
loop_
_pdbx_audit_revision_history.ordinal 
_pdbx_audit_revision_history.data_content_type 
_pdbx_audit_revision_history.major_revision 
_pdbx_audit_revision_history.minor_revision 
_pdbx_audit_revision_history.revision_date 
1 'Structure model' 1 0 1999-08-23 
2 'Structure model' 1 1 2008-04-27 
3 'Structure model' 1 2 2011-07-13 
4 'Structure model' 1 3 2022-02-16 
5 'Structure model' 1 4 2024-05-22 
# 
_pdbx_audit_revision_details.ordinal             1 
_pdbx_audit_revision_details.revision_ordinal    1 
_pdbx_audit_revision_details.data_content_type   'Structure model' 
_pdbx_audit_revision_details.provider            repository 
_pdbx_audit_revision_details.type                'Initial release' 
_pdbx_audit_revision_details.description         ? 
_pdbx_audit_revision_details.details             ? 
# 
loop_
_pdbx_audit_revision_group.ordinal 
_pdbx_audit_revision_group.revision_ordinal 
_pdbx_audit_revision_group.data_content_type 
_pdbx_audit_revision_group.group 
1 2 'Structure model' 'Version format compliance' 
2 3 'Structure model' 'Version format compliance' 
3 4 'Structure model' 'Data collection'           
4 4 'Structure model' 'Database references'       
5 4 'Structure model' 'Derived calculations'      
6 5 'Structure model' 'Data collection'           
# 
loop_
_pdbx_audit_revision_category.ordinal 
_pdbx_audit_revision_category.revision_ordinal 
_pdbx_audit_revision_category.data_content_type 
_pdbx_audit_revision_category.category 
1 4 'Structure model' database_2            
2 4 'Structure model' pdbx_nmr_software     
3 4 'Structure model' pdbx_struct_assembly  
4 4 'Structure model' pdbx_struct_oper_list 
5 5 'Structure model' chem_comp_atom        
6 5 'Structure model' chem_comp_bond        
# 
loop_
_pdbx_audit_revision_item.ordinal 
_pdbx_audit_revision_item.revision_ordinal 
_pdbx_audit_revision_item.data_content_type 
_pdbx_audit_revision_item.item 
1 4 'Structure model' '_database_2.pdbx_DOI'                
2 4 'Structure model' '_database_2.pdbx_database_accession' 
3 4 'Structure model' '_pdbx_nmr_software.name'             
# 
_pdbx_database_status.status_code                     REL 
_pdbx_database_status.entry_id                        1CQ5 
_pdbx_database_status.recvd_initial_deposition_date   1999-08-05 
_pdbx_database_status.deposit_site                    RCSB 
_pdbx_database_status.process_site                    RCSB 
_pdbx_database_status.SG_entry                        . 
_pdbx_database_status.pdb_format_compatible           Y 
_pdbx_database_status.status_code_mr                  ? 
_pdbx_database_status.status_code_sf                  ? 
_pdbx_database_status.status_code_cs                  ? 
_pdbx_database_status.status_code_nmr_data            ? 
_pdbx_database_status.methods_development_category    ? 
# 
loop_
_pdbx_database_related.db_name 
_pdbx_database_related.db_id 
_pdbx_database_related.details 
_pdbx_database_related.content_type 
PDB 28SR 'NMR STRUCTURE OF THE MOST CONSERVED PART OF SRP DOMAIN IV (ENSEMBLE OF 7)'     unspecified 
PDB 28SP 'NMR STRUCTURE OF THE MOST CONSERVED PART OF SRP DOMAIN IV (AVERAGE STRUCTURE)' unspecified 
# 
loop_
_audit_author.name 
_audit_author.pdbx_ordinal 
'Schmitz, U.'    1 
'James, T.L.'    2 
'Behrens, S.'    3 
'Freymann, D.M.' 4 
'Lukavsky, P.'   5 
'Walter, P.'     6 
# 
_citation.id                        primary 
_citation.title                     'Structure of the phylogenetically most conserved domain of SRP RNA.' 
_citation.journal_abbrev            RNA 
_citation.journal_volume            5 
_citation.page_first                1419 
_citation.page_last                 1429 
_citation.year                      1999 
_citation.journal_id_ASTM           RNARFU 
_citation.country                   UK 
_citation.journal_id_ISSN           1355-8382 
_citation.journal_id_CSD            2122 
_citation.book_publisher            ? 
_citation.pdbx_database_id_PubMed   10580470 
_citation.pdbx_database_id_DOI      10.1017/S1355838299991458 
# 
loop_
_citation_author.citation_id 
_citation_author.name 
_citation_author.ordinal 
_citation_author.identifier_ORCID 
primary 'Schmitz, U.'    1 ? 
primary 'Behrens, S.'    2 ? 
primary 'Freymann, D.M.' 3 ? 
primary 'Keenan, R.J.'   4 ? 
primary 'Lukavsky, P.'   5 ? 
primary 'Walter, P.'     6 ? 
primary 'James, T.L.'    7 ? 
# 
_entity.id                         1 
_entity.type                       polymer 
_entity.src_method                 man 
_entity.pdbx_description           'SRP RNA DOMAIN IV' 
_entity.formula_weight             13963.401 
_entity.pdbx_number_of_molecules   1 
_entity.pdbx_ec                    ? 
_entity.pdbx_mutation              ? 
_entity.pdbx_fragment              'MODIFIED E. COLI SEQUENCE' 
_entity.details                    ? 
# 
_entity_poly.entity_id                      1 
_entity_poly.type                           polyribonucleotide 
_entity_poly.nstd_linkage                   no 
_entity_poly.nstd_monomer                   no 
_entity_poly.pdbx_seq_one_letter_code       GGCGUUUACCAGGUCAGGUCCGGAAGGAAGCAGCCAAGGCGCC 
_entity_poly.pdbx_seq_one_letter_code_can   GGCGUUUACCAGGUCAGGUCCGGAAGGAAGCAGCCAAGGCGCC 
_entity_poly.pdbx_strand_id                 A 
_entity_poly.pdbx_target_identifier         ? 
# 
loop_
_entity_poly_seq.entity_id 
_entity_poly_seq.num 
_entity_poly_seq.mon_id 
_entity_poly_seq.hetero 
1 1  G n 
1 2  G n 
1 3  C n 
1 4  G n 
1 5  U n 
1 6  U n 
1 7  U n 
1 8  A n 
1 9  C n 
1 10 C n 
1 11 A n 
1 12 G n 
1 13 G n 
1 14 U n 
1 15 C n 
1 16 A n 
1 17 G n 
1 18 G n 
1 19 U n 
1 20 C n 
1 21 C n 
1 22 G n 
1 23 G n 
1 24 A n 
1 25 A n 
1 26 G n 
1 27 G n 
1 28 A n 
1 29 A n 
1 30 G n 
1 31 C n 
1 32 A n 
1 33 G n 
1 34 C n 
1 35 C n 
1 36 A n 
1 37 A n 
1 38 G n 
1 39 G n 
1 40 C n 
1 41 G n 
1 42 C n 
1 43 C n 
# 
_entity_src_gen.entity_id                          1 
_entity_src_gen.pdbx_src_id                        1 
_entity_src_gen.pdbx_alt_source_flag               sample 
_entity_src_gen.pdbx_seq_type                      ? 
_entity_src_gen.pdbx_beg_seq_num                   ? 
_entity_src_gen.pdbx_end_seq_num                   ? 
_entity_src_gen.gene_src_common_name               ? 
_entity_src_gen.gene_src_genus                     Escherichia 
_entity_src_gen.pdbx_gene_src_gene                 ? 
_entity_src_gen.gene_src_species                   ? 
_entity_src_gen.gene_src_strain                    ? 
_entity_src_gen.gene_src_tissue                    ? 
_entity_src_gen.gene_src_tissue_fraction           ? 
_entity_src_gen.gene_src_details                   ? 
_entity_src_gen.pdbx_gene_src_fragment             ? 
_entity_src_gen.pdbx_gene_src_scientific_name      'Escherichia coli' 
_entity_src_gen.pdbx_gene_src_ncbi_taxonomy_id     562 
_entity_src_gen.pdbx_gene_src_variant              ? 
_entity_src_gen.pdbx_gene_src_cell_line            ? 
_entity_src_gen.pdbx_gene_src_atcc                 ? 
_entity_src_gen.pdbx_gene_src_organ                ? 
_entity_src_gen.pdbx_gene_src_organelle            ? 
_entity_src_gen.pdbx_gene_src_cell                 ? 
_entity_src_gen.pdbx_gene_src_cellular_location    ? 
_entity_src_gen.host_org_common_name               ? 
_entity_src_gen.pdbx_host_org_scientific_name      ? 
_entity_src_gen.pdbx_host_org_ncbi_taxonomy_id     ? 
_entity_src_gen.host_org_genus                     ? 
_entity_src_gen.pdbx_host_org_gene                 ? 
_entity_src_gen.pdbx_host_org_organ                ? 
_entity_src_gen.host_org_species                   ? 
_entity_src_gen.pdbx_host_org_tissue               ? 
_entity_src_gen.pdbx_host_org_tissue_fraction      ? 
_entity_src_gen.pdbx_host_org_strain               ? 
_entity_src_gen.pdbx_host_org_variant              ? 
_entity_src_gen.pdbx_host_org_cell_line            ? 
_entity_src_gen.pdbx_host_org_atcc                 ? 
_entity_src_gen.pdbx_host_org_culture_collection   ? 
_entity_src_gen.pdbx_host_org_cell                 ? 
_entity_src_gen.pdbx_host_org_organelle            ? 
_entity_src_gen.pdbx_host_org_cellular_location    ? 
_entity_src_gen.pdbx_host_org_vector_type          ? 
_entity_src_gen.pdbx_host_org_vector               ? 
_entity_src_gen.host_org_details                   ? 
_entity_src_gen.expression_system_id               ? 
_entity_src_gen.plasmid_name                       ? 
_entity_src_gen.plasmid_details                    ? 
_entity_src_gen.pdbx_description                   'IN VITRO TRANSCIPTION FROM DNA TEMPLATES' 
# 
loop_
_chem_comp.id 
_chem_comp.type 
_chem_comp.mon_nstd_flag 
_chem_comp.name 
_chem_comp.pdbx_synonyms 
_chem_comp.formula 
_chem_comp.formula_weight 
A 'RNA linking' y "ADENOSINE-5'-MONOPHOSPHATE" ? 'C10 H14 N5 O7 P' 347.221 
C 'RNA linking' y "CYTIDINE-5'-MONOPHOSPHATE"  ? 'C9 H14 N3 O8 P'  323.197 
G 'RNA linking' y "GUANOSINE-5'-MONOPHOSPHATE" ? 'C10 H14 N5 O8 P' 363.221 
U 'RNA linking' y "URIDINE-5'-MONOPHOSPHATE"   ? 'C9 H13 N2 O9 P'  324.181 
# 
loop_
_pdbx_poly_seq_scheme.asym_id 
_pdbx_poly_seq_scheme.entity_id 
_pdbx_poly_seq_scheme.seq_id 
_pdbx_poly_seq_scheme.mon_id 
_pdbx_poly_seq_scheme.ndb_seq_num 
_pdbx_poly_seq_scheme.pdb_seq_num 
_pdbx_poly_seq_scheme.auth_seq_num 
_pdbx_poly_seq_scheme.pdb_mon_id 
_pdbx_poly_seq_scheme.auth_mon_id 
_pdbx_poly_seq_scheme.pdb_strand_id 
_pdbx_poly_seq_scheme.pdb_ins_code 
_pdbx_poly_seq_scheme.hetero 
A 1 1  G 1  1  1  G G A . n 
A 1 2  G 2  2  2  G G A . n 
A 1 3  C 3  3  3  C C A . n 
A 1 4  G 4  4  4  G G A . n 
A 1 5  U 5  5  5  U U A . n 
A 1 6  U 6  6  6  U U A . n 
A 1 7  U 7  7  7  U U A . n 
A 1 8  A 8  8  8  A A A . n 
A 1 9  C 9  9  9  C C A . n 
A 1 10 C 10 10 10 C C A . n 
A 1 11 A 11 11 11 A A A . n 
A 1 12 G 12 12 12 G G A . n 
A 1 13 G 13 13 13 G G A . n 
A 1 14 U 14 14 14 U U A . n 
A 1 15 C 15 15 15 C C A . n 
A 1 16 A 16 16 16 A A A . n 
A 1 17 G 17 17 17 G G A . n 
A 1 18 G 18 18 18 G G A . n 
A 1 19 U 19 19 19 U U A . n 
A 1 20 C 20 20 20 C C A . n 
A 1 21 C 21 21 21 C C A . n 
A 1 22 G 22 22 22 G G A . n 
A 1 23 G 23 23 23 G G A . n 
A 1 24 A 24 24 24 A A A . n 
A 1 25 A 25 25 25 A A A . n 
A 1 26 G 26 26 26 G G A . n 
A 1 27 G 27 27 27 G G A . n 
A 1 28 A 28 28 28 A A A . n 
A 1 29 A 29 29 29 A A A . n 
A 1 30 G 30 30 30 G G A . n 
A 1 31 C 31 31 31 C C A . n 
A 1 32 A 32 32 32 A A A . n 
A 1 33 G 33 33 33 G G A . n 
A 1 34 C 34 34 34 C C A . n 
A 1 35 C 35 35 35 C C A . n 
A 1 36 A 36 36 36 A A A . n 
A 1 37 A 37 37 37 A A A . n 
A 1 38 G 38 38 38 G G A . n 
A 1 39 G 39 39 39 G G A . n 
A 1 40 C 40 40 40 C C A . n 
A 1 41 G 41 41 41 G G A . n 
A 1 42 C 42 42 42 C C A . n 
A 1 43 C 43 43 43 C C A . n 
# 
_cell.entry_id           1CQ5 
_cell.length_a           1.000 
_cell.length_b           1.000 
_cell.length_c           1.000 
_cell.angle_alpha        90.00 
_cell.angle_beta         90.00 
_cell.angle_gamma        90.00 
_cell.Z_PDB              1 
_cell.pdbx_unique_axis   ? 
# 
_symmetry.entry_id                         1CQ5 
_symmetry.space_group_name_H-M             'P 1' 
_symmetry.pdbx_full_space_group_name_H-M   ? 
_symmetry.cell_setting                     ? 
_symmetry.Int_Tables_number                1 
# 
_exptl.entry_id          1CQ5 
_exptl.method            'SOLUTION NMR' 
_exptl.crystals_number   ? 
# 
_struct.entry_id                  1CQ5 
_struct.title                     'NMR STRUCTURE OF SRP RNA DOMAIN IV' 
_struct.pdbx_model_details        ? 
_struct.pdbx_CASP_flag            ? 
_struct.pdbx_model_type_details   'minimized average' 
# 
_struct_keywords.entry_id        1CQ5 
_struct_keywords.pdbx_keywords   RNA 
_struct_keywords.text            'SRP, RNA STRUCTURE, DOMAIN IV, SIGNAL SEQUENCE RECOGNITION, RNA' 
# 
_struct_asym.id                            A 
_struct_asym.pdbx_blank_PDB_chainid_flag   N 
_struct_asym.pdbx_modified                 N 
_struct_asym.entity_id                     1 
_struct_asym.details                       ? 
# 
_struct_ref.id                         1 
_struct_ref.entity_id                  1 
_struct_ref.db_name                    PDB 
_struct_ref.db_code                    1CQ5 
_struct_ref.pdbx_db_accession          1CQ5 
_struct_ref.pdbx_db_isoform            ? 
_struct_ref.pdbx_seq_one_letter_code   ? 
_struct_ref.pdbx_align_begin           ? 
# 
_struct_ref_seq.align_id                      1 
_struct_ref_seq.ref_id                        1 
_struct_ref_seq.pdbx_PDB_id_code              1CQ5 
_struct_ref_seq.pdbx_strand_id                A 
_struct_ref_seq.seq_align_beg                 1 
_struct_ref_seq.pdbx_seq_align_beg_ins_code   ? 
_struct_ref_seq.seq_align_end                 43 
_struct_ref_seq.pdbx_seq_align_end_ins_code   ? 
_struct_ref_seq.pdbx_db_accession             1CQ5 
_struct_ref_seq.db_align_beg                  1 
_struct_ref_seq.pdbx_db_align_beg_ins_code    ? 
_struct_ref_seq.db_align_end                  43 
_struct_ref_seq.pdbx_db_align_end_ins_code    ? 
_struct_ref_seq.pdbx_auth_seq_align_beg       1 
_struct_ref_seq.pdbx_auth_seq_align_end       43 
# 
_pdbx_struct_assembly.id                   1 
_pdbx_struct_assembly.details              author_defined_assembly 
_pdbx_struct_assembly.method_details       ? 
_pdbx_struct_assembly.oligomeric_details   monomeric 
_pdbx_struct_assembly.oligomeric_count     1 
# 
_pdbx_struct_assembly_gen.assembly_id       1 
_pdbx_struct_assembly_gen.oper_expression   1 
_pdbx_struct_assembly_gen.asym_id_list      A 
# 
_pdbx_struct_oper_list.id                   1 
_pdbx_struct_oper_list.type                 'identity operation' 
_pdbx_struct_oper_list.name                 1_555 
_pdbx_struct_oper_list.symmetry_operation   x,y,z 
_pdbx_struct_oper_list.matrix[1][1]         1.0000000000 
_pdbx_struct_oper_list.matrix[1][2]         0.0000000000 
_pdbx_struct_oper_list.matrix[1][3]         0.0000000000 
_pdbx_struct_oper_list.vector[1]            0.0000000000 
_pdbx_struct_oper_list.matrix[2][1]         0.0000000000 
_pdbx_struct_oper_list.matrix[2][2]         1.0000000000 
_pdbx_struct_oper_list.matrix[2][3]         0.0000000000 
_pdbx_struct_oper_list.vector[2]            0.0000000000 
_pdbx_struct_oper_list.matrix[3][1]         0.0000000000 
_pdbx_struct_oper_list.matrix[3][2]         0.0000000000 
_pdbx_struct_oper_list.matrix[3][3]         1.0000000000 
_pdbx_struct_oper_list.vector[3]            0.0000000000 
# 
_struct_biol.id   1 
# 
loop_
_struct_conn.id 
_struct_conn.conn_type_id 
_struct_conn.pdbx_leaving_atom_flag 
_struct_conn.pdbx_PDB_id 
_struct_conn.ptnr1_label_asym_id 
_struct_conn.ptnr1_label_comp_id 
_struct_conn.ptnr1_label_seq_id 
_struct_conn.ptnr1_label_atom_id 
_struct_conn.pdbx_ptnr1_label_alt_id 
_struct_conn.pdbx_ptnr1_PDB_ins_code 
_struct_conn.pdbx_ptnr1_standard_comp_id 
_struct_conn.ptnr1_symmetry 
_struct_conn.ptnr2_label_asym_id 
_struct_conn.ptnr2_label_comp_id 
_struct_conn.ptnr2_label_seq_id 
_struct_conn.ptnr2_label_atom_id 
_struct_conn.pdbx_ptnr2_label_alt_id 
_struct_conn.pdbx_ptnr2_PDB_ins_code 
_struct_conn.ptnr1_auth_asym_id 
_struct_conn.ptnr1_auth_comp_id 
_struct_conn.ptnr1_auth_seq_id 
_struct_conn.ptnr2_auth_asym_id 
_struct_conn.ptnr2_auth_comp_id 
_struct_conn.ptnr2_auth_seq_id 
_struct_conn.ptnr2_symmetry 
_struct_conn.pdbx_ptnr3_label_atom_id 
_struct_conn.pdbx_ptnr3_label_seq_id 
_struct_conn.pdbx_ptnr3_label_comp_id 
_struct_conn.pdbx_ptnr3_label_asym_id 
_struct_conn.pdbx_ptnr3_label_alt_id 
_struct_conn.pdbx_ptnr3_PDB_ins_code 
_struct_conn.details 
_struct_conn.pdbx_dist_value 
_struct_conn.pdbx_value_order 
_struct_conn.pdbx_role 
hydrog1  hydrog ? ? A G 1  N1 ? ? ? 1_555 A C 43 N3 ? ? A G 1  A C 43 1_555 ? ? ? ? ? ? WATSON-CRICK  ? ? ? 
hydrog2  hydrog ? ? A G 1  N2 ? ? ? 1_555 A C 43 O2 ? ? A G 1  A C 43 1_555 ? ? ? ? ? ? WATSON-CRICK  ? ? ? 
hydrog3  hydrog ? ? A G 1  O6 ? ? ? 1_555 A C 43 N4 ? ? A G 1  A C 43 1_555 ? ? ? ? ? ? WATSON-CRICK  ? ? ? 
hydrog4  hydrog ? ? A G 2  N1 ? ? ? 1_555 A C 42 N3 ? ? A G 2  A C 42 1_555 ? ? ? ? ? ? WATSON-CRICK  ? ? ? 
hydrog5  hydrog ? ? A G 2  N2 ? ? ? 1_555 A C 42 O2 ? ? A G 2  A C 42 1_555 ? ? ? ? ? ? WATSON-CRICK  ? ? ? 
hydrog6  hydrog ? ? A G 2  O6 ? ? ? 1_555 A C 42 N4 ? ? A G 2  A C 42 1_555 ? ? ? ? ? ? WATSON-CRICK  ? ? ? 
hydrog7  hydrog ? ? A C 3  N3 ? ? ? 1_555 A G 41 N1 ? ? A C 3  A G 41 1_555 ? ? ? ? ? ? WATSON-CRICK  ? ? ? 
hydrog8  hydrog ? ? A C 3  N4 ? ? ? 1_555 A G 41 O6 ? ? A C 3  A G 41 1_555 ? ? ? ? ? ? WATSON-CRICK  ? ? ? 
hydrog9  hydrog ? ? A C 3  O2 ? ? ? 1_555 A G 41 N2 ? ? A C 3  A G 41 1_555 ? ? ? ? ? ? WATSON-CRICK  ? ? ? 
hydrog10 hydrog ? ? A G 4  N1 ? ? ? 1_555 A C 40 N3 ? ? A G 4  A C 40 1_555 ? ? ? ? ? ? WATSON-CRICK  ? ? ? 
hydrog11 hydrog ? ? A G 4  N2 ? ? ? 1_555 A C 40 O2 ? ? A G 4  A C 40 1_555 ? ? ? ? ? ? WATSON-CRICK  ? ? ? 
hydrog12 hydrog ? ? A G 4  O6 ? ? ? 1_555 A C 40 N4 ? ? A G 4  A C 40 1_555 ? ? ? ? ? ? WATSON-CRICK  ? ? ? 
hydrog13 hydrog ? ? A U 5  N3 ? ? ? 1_555 A G 39 O6 ? ? A U 5  A G 39 1_555 ? ? ? ? ? ? TYPE_28_PAIR  ? ? ? 
hydrog14 hydrog ? ? A U 5  O2 ? ? ? 1_555 A G 39 N1 ? ? A U 5  A G 39 1_555 ? ? ? ? ? ? TYPE_28_PAIR  ? ? ? 
hydrog15 hydrog ? ? A U 6  N3 ? ? ? 1_555 A G 38 O6 ? ? A U 6  A G 38 1_555 ? ? ? ? ? ? 'U-G MISPAIR' ? ? ? 
hydrog16 hydrog ? ? A C 9  N4 ? ? ? 1_555 A A 36 N3 ? ? A C 9  A A 36 1_555 ? ? ? ? ? ? 'C-A MISPAIR' ? ? ? 
hydrog17 hydrog ? ? A A 11 N6 ? ? ? 1_555 A A 36 N3 ? ? A A 11 A A 36 1_555 ? ? ? ? ? ? 'A-A MISPAIR' ? ? ? 
hydrog18 hydrog ? ? A G 12 N1 ? ? ? 1_555 A C 35 N3 ? ? A G 12 A C 35 1_555 ? ? ? ? ? ? WATSON-CRICK  ? ? ? 
hydrog19 hydrog ? ? A G 12 N2 ? ? ? 1_555 A C 35 O2 ? ? A G 12 A C 35 1_555 ? ? ? ? ? ? WATSON-CRICK  ? ? ? 
hydrog20 hydrog ? ? A G 12 O6 ? ? ? 1_555 A C 35 N4 ? ? A G 12 A C 35 1_555 ? ? ? ? ? ? WATSON-CRICK  ? ? ? 
hydrog21 hydrog ? ? A G 13 N1 ? ? ? 1_555 A C 34 N3 ? ? A G 13 A C 34 1_555 ? ? ? ? ? ? WATSON-CRICK  ? ? ? 
hydrog22 hydrog ? ? A G 13 N2 ? ? ? 1_555 A C 34 O2 ? ? A G 13 A C 34 1_555 ? ? ? ? ? ? WATSON-CRICK  ? ? ? 
hydrog23 hydrog ? ? A G 13 O6 ? ? ? 1_555 A C 34 N4 ? ? A G 13 A C 34 1_555 ? ? ? ? ? ? WATSON-CRICK  ? ? ? 
hydrog24 hydrog ? ? A U 14 N3 ? ? ? 1_555 A G 33 O6 ? ? A U 14 A G 33 1_555 ? ? ? ? ? ? TYPE_28_PAIR  ? ? ? 
hydrog25 hydrog ? ? A U 14 O2 ? ? ? 1_555 A G 33 N1 ? ? A U 14 A G 33 1_555 ? ? ? ? ? ? TYPE_28_PAIR  ? ? ? 
hydrog26 hydrog ? ? A C 15 N4 ? ? ? 1_555 A C 31 O2 ? ? A C 15 A C 31 1_555 ? ? ? ? ? ? 'C-C MISPAIR' ? ? ? 
hydrog27 hydrog ? ? A C 15 O2 ? ? ? 1_555 A A 32 N6 ? ? A C 15 A A 32 1_555 ? ? ? ? ? ? 'C-A MISPAIR' ? ? ? 
hydrog28 hydrog ? ? A G 18 N1 ? ? ? 1_555 A A 29 N1 ? ? A G 18 A A 29 1_555 ? ? ? ? ? ? TYPE_8_PAIR   ? ? ? 
hydrog29 hydrog ? ? A G 18 O6 ? ? ? 1_555 A A 29 N6 ? ? A G 18 A A 29 1_555 ? ? ? ? ? ? TYPE_8_PAIR   ? ? ? 
hydrog30 hydrog ? ? A U 19 N3 ? ? ? 1_555 A A 28 N1 ? ? A U 19 A A 28 1_555 ? ? ? ? ? ? WATSON-CRICK  ? ? ? 
hydrog31 hydrog ? ? A U 19 O4 ? ? ? 1_555 A A 28 N6 ? ? A U 19 A A 28 1_555 ? ? ? ? ? ? WATSON-CRICK  ? ? ? 
hydrog32 hydrog ? ? A C 20 N3 ? ? ? 1_555 A G 27 N1 ? ? A C 20 A G 27 1_555 ? ? ? ? ? ? WATSON-CRICK  ? ? ? 
hydrog33 hydrog ? ? A C 20 N4 ? ? ? 1_555 A G 27 O6 ? ? A C 20 A G 27 1_555 ? ? ? ? ? ? WATSON-CRICK  ? ? ? 
hydrog34 hydrog ? ? A C 20 O2 ? ? ? 1_555 A G 27 N2 ? ? A C 20 A G 27 1_555 ? ? ? ? ? ? WATSON-CRICK  ? ? ? 
hydrog35 hydrog ? ? A C 21 N3 ? ? ? 1_555 A G 26 N1 ? ? A C 21 A G 26 1_555 ? ? ? ? ? ? WATSON-CRICK  ? ? ? 
hydrog36 hydrog ? ? A C 21 N4 ? ? ? 1_555 A G 26 O6 ? ? A C 21 A G 26 1_555 ? ? ? ? ? ? WATSON-CRICK  ? ? ? 
hydrog37 hydrog ? ? A C 21 O2 ? ? ? 1_555 A G 26 N2 ? ? A C 21 A G 26 1_555 ? ? ? ? ? ? WATSON-CRICK  ? ? ? 
hydrog38 hydrog ? ? A G 22 N2 ? ? ? 1_555 A A 25 N7 ? ? A G 22 A A 25 1_555 ? ? ? ? ? ? 'G-A MISPAIR' ? ? ? 
# 
_struct_conn_type.id          hydrog 
_struct_conn_type.criteria    ? 
_struct_conn_type.reference   ? 
# 
loop_
_pdbx_validate_close_contact.id 
_pdbx_validate_close_contact.PDB_model_num 
_pdbx_validate_close_contact.auth_atom_id_1 
_pdbx_validate_close_contact.auth_asym_id_1 
_pdbx_validate_close_contact.auth_comp_id_1 
_pdbx_validate_close_contact.auth_seq_id_1 
_pdbx_validate_close_contact.PDB_ins_code_1 
_pdbx_validate_close_contact.label_alt_id_1 
_pdbx_validate_close_contact.auth_atom_id_2 
_pdbx_validate_close_contact.auth_asym_id_2 
_pdbx_validate_close_contact.auth_comp_id_2 
_pdbx_validate_close_contact.auth_seq_id_2 
_pdbx_validate_close_contact.PDB_ins_code_2 
_pdbx_validate_close_contact.label_alt_id_2 
_pdbx_validate_close_contact.dist 
1  1 "HO2'" A U 7  ? ? OP2    A A 8  ? ? 1.37 
2  1 "HO2'" A C 31 ? ? OP2    A A 32 ? ? 1.38 
3  1 "HO2'" A A 32 ? ? OP1    A G 33 ? ? 1.39 
4  1 "HO2'" A A 8  ? ? OP1    A C 9  ? ? 1.39 
5  1 "HO2'" A U 14 ? ? OP1    A C 15 ? ? 1.41 
6  1 "HO2'" A C 35 ? ? OP1    A A 36 ? ? 1.41 
7  1 "HO2'" A G 23 ? ? OP1    A A 24 ? ? 1.41 
8  1 "HO2'" A A 11 ? ? OP2    A G 12 ? ? 1.41 
9  1 "HO2'" A A 16 ? ? OP1    A G 17 ? ? 1.41 
10 1 "HO2'" A A 25 ? ? OP1    A G 26 ? ? 1.43 
11 1 "HO2'" A C 9  ? ? OP1    A C 10 ? ? 1.45 
12 1 O6     A G 17 ? ? "HO2'" A G 30 ? ? 1.51 
13 1 "HO2'" A A 37 ? ? OP1    A G 38 ? ? 1.53 
# 
loop_
_pdbx_validate_rmsd_bond.id 
_pdbx_validate_rmsd_bond.PDB_model_num 
_pdbx_validate_rmsd_bond.auth_atom_id_1 
_pdbx_validate_rmsd_bond.auth_asym_id_1 
_pdbx_validate_rmsd_bond.auth_comp_id_1 
_pdbx_validate_rmsd_bond.auth_seq_id_1 
_pdbx_validate_rmsd_bond.PDB_ins_code_1 
_pdbx_validate_rmsd_bond.label_alt_id_1 
_pdbx_validate_rmsd_bond.auth_atom_id_2 
_pdbx_validate_rmsd_bond.auth_asym_id_2 
_pdbx_validate_rmsd_bond.auth_comp_id_2 
_pdbx_validate_rmsd_bond.auth_seq_id_2 
_pdbx_validate_rmsd_bond.PDB_ins_code_2 
_pdbx_validate_rmsd_bond.label_alt_id_2 
_pdbx_validate_rmsd_bond.bond_value 
_pdbx_validate_rmsd_bond.bond_target_value 
_pdbx_validate_rmsd_bond.bond_deviation 
_pdbx_validate_rmsd_bond.bond_standard_deviation 
_pdbx_validate_rmsd_bond.linker_flag 
1 1 "C2'" A U 7  ? ? "C1'" A U 7  ? ? 1.468 1.526 -0.058 0.008 N 
2 1 N1    A G 22 ? ? C2    A G 22 ? ? 1.322 1.373 -0.051 0.008 N 
# 
loop_
_pdbx_validate_rmsd_angle.id 
_pdbx_validate_rmsd_angle.PDB_model_num 
_pdbx_validate_rmsd_angle.auth_atom_id_1 
_pdbx_validate_rmsd_angle.auth_asym_id_1 
_pdbx_validate_rmsd_angle.auth_comp_id_1 
_pdbx_validate_rmsd_angle.auth_seq_id_1 
_pdbx_validate_rmsd_angle.PDB_ins_code_1 
_pdbx_validate_rmsd_angle.label_alt_id_1 
_pdbx_validate_rmsd_angle.auth_atom_id_2 
_pdbx_validate_rmsd_angle.auth_asym_id_2 
_pdbx_validate_rmsd_angle.auth_comp_id_2 
_pdbx_validate_rmsd_angle.auth_seq_id_2 
_pdbx_validate_rmsd_angle.PDB_ins_code_2 
_pdbx_validate_rmsd_angle.label_alt_id_2 
_pdbx_validate_rmsd_angle.auth_atom_id_3 
_pdbx_validate_rmsd_angle.auth_asym_id_3 
_pdbx_validate_rmsd_angle.auth_comp_id_3 
_pdbx_validate_rmsd_angle.auth_seq_id_3 
_pdbx_validate_rmsd_angle.PDB_ins_code_3 
_pdbx_validate_rmsd_angle.label_alt_id_3 
_pdbx_validate_rmsd_angle.angle_value 
_pdbx_validate_rmsd_angle.angle_target_value 
_pdbx_validate_rmsd_angle.angle_deviation 
_pdbx_validate_rmsd_angle.angle_standard_deviation 
_pdbx_validate_rmsd_angle.linker_flag 
1  1 "O4'" A G 1  ? ? "C1'" A G 1  ? ? N9    A G 1  ? ? 116.05 108.50 7.55   0.70 N 
2  1 "O4'" A C 3  ? ? "C1'" A C 3  ? ? N1    A C 3  ? ? 114.25 108.50 5.75   0.70 N 
3  1 "O4'" A G 4  ? ? "C1'" A G 4  ? ? N9    A G 4  ? ? 115.19 108.50 6.69   0.70 N 
4  1 "C3'" A U 5  ? ? "C2'" A U 5  ? ? "C1'" A U 5  ? ? 96.99  101.30 -4.31  0.70 N 
5  1 "O4'" A U 5  ? ? "C1'" A U 5  ? ? N1    A U 5  ? ? 114.38 108.50 5.88   0.70 N 
6  1 C4    A U 5  ? ? C5    A U 5  ? ? C6    A U 5  ? ? 123.86 119.70 4.16   0.60 N 
7  1 C5    A U 5  ? ? C6    A U 5  ? ? N1    A U 5  ? ? 119.67 122.70 -3.03  0.50 N 
8  1 "C3'" A U 6  ? ? "C2'" A U 6  ? ? "C1'" A U 6  ? ? 106.69 101.50 5.19   0.80 N 
9  1 "C4'" A U 7  ? ? "C3'" A U 7  ? ? "C2'" A U 7  ? ? 112.49 102.60 9.89   1.00 N 
10 1 "C3'" A U 7  ? ? "C2'" A U 7  ? ? "C1'" A U 7  ? ? 95.78  101.30 -5.52  0.70 N 
11 1 C6    A U 7  ? ? N1    A U 7  ? ? C2    A U 7  ? ? 117.21 121.00 -3.79  0.60 N 
12 1 N3    A U 7  ? ? C2    A U 7  ? ? O2    A U 7  ? ? 116.65 122.20 -5.55  0.70 N 
13 1 C6    A U 7  ? ? N1    A U 7  ? ? "C1'" A U 7  ? ? 108.31 121.20 -12.89 1.40 N 
14 1 C2    A U 7  ? ? N1    A U 7  ? ? "C1'" A U 7  ? ? 127.23 117.70 9.53   1.20 N 
15 1 "C5'" A A 8  ? ? "C4'" A A 8  ? ? "C3'" A A 8  ? ? 106.24 115.20 -8.96  1.40 N 
16 1 N9    A A 8  ? ? "C1'" A A 8  ? ? "C2'" A A 8  ? ? 123.02 114.00 9.02   1.30 N 
17 1 "O5'" A C 9  ? ? "C5'" A C 9  ? ? "C4'" A C 9  ? ? 103.20 109.40 -6.20  0.80 N 
18 1 "O4'" A C 9  ? ? "C1'" A C 9  ? ? N1    A C 9  ? ? 116.96 108.50 8.46   0.70 N 
19 1 C5    A C 9  ? ? C6    A C 9  ? ? N1    A C 9  ? ? 117.83 121.00 -3.17  0.50 N 
20 1 N3    A C 9  ? ? C4    A C 9  ? ? N4    A C 9  ? ? 112.84 118.00 -5.16  0.70 N 
21 1 C4    A A 11 ? ? C5    A A 11 ? ? C6    A A 11 ? ? 113.84 117.00 -3.16  0.50 N 
22 1 C5    A A 11 ? ? C6    A A 11 ? ? N1    A A 11 ? ? 121.43 117.70 3.73   0.50 N 
23 1 N1    A A 11 ? ? C6    A A 11 ? ? N6    A A 11 ? ? 111.02 118.60 -7.58  0.60 N 
24 1 "O4'" A G 12 ? ? "C1'" A G 12 ? ? N9    A G 12 ? ? 115.64 108.50 7.14   0.70 N 
25 1 "O4'" A G 13 ? ? "C1'" A G 13 ? ? N9    A G 13 ? ? 113.10 108.50 4.60   0.70 N 
26 1 "O4'" A C 15 ? ? "C1'" A C 15 ? ? N1    A C 15 ? ? 112.98 108.50 4.48   0.70 N 
27 1 "O5'" A A 16 ? ? "C5'" A A 16 ? ? "C4'" A A 16 ? ? 102.41 109.40 -6.99  0.80 N 
28 1 N1    A A 16 ? ? C6    A A 16 ? ? N6    A A 16 ? ? 114.39 118.60 -4.21  0.60 N 
29 1 N9    A G 17 ? ? "C1'" A G 17 ? ? "C2'" A G 17 ? ? 99.68  112.00 -12.32 1.10 N 
30 1 N1    A G 18 ? ? C6    A G 18 ? ? O6    A G 18 ? ? 116.27 119.90 -3.63  0.60 N 
31 1 "C5'" A U 19 ? ? "C4'" A U 19 ? ? "C3'" A U 19 ? ? 105.42 115.20 -9.78  1.40 N 
32 1 N1    A G 22 ? ? C2    A G 22 ? ? N2    A G 22 ? ? 108.54 116.20 -7.66  0.90 N 
33 1 "O4'" A A 24 ? ? "C1'" A A 24 ? ? N9    A A 24 ? ? 102.65 108.20 -5.55  0.80 N 
34 1 "O4'" A A 25 ? ? "C1'" A A 25 ? ? N9    A A 25 ? ? 119.38 108.50 10.88  0.70 N 
35 1 "O4'" A G 27 ? ? "C1'" A G 27 ? ? N9    A G 27 ? ? 114.32 108.50 5.82   0.70 N 
36 1 "O4'" A A 28 ? ? "C1'" A A 28 ? ? N9    A A 28 ? ? 114.63 108.50 6.13   0.70 N 
37 1 C5    A A 28 ? ? C6    A A 28 ? ? N1    A A 28 ? ? 121.00 117.70 3.30   0.50 N 
38 1 N1    A A 28 ? ? C6    A A 28 ? ? N6    A A 28 ? ? 114.98 118.60 -3.62  0.60 N 
39 1 "O4'" A A 29 ? ? "C1'" A A 29 ? ? N9    A A 29 ? ? 113.60 108.50 5.10   0.70 N 
40 1 N1    A A 29 ? ? C6    A A 29 ? ? N6    A A 29 ? ? 113.48 118.60 -5.12  0.60 N 
41 1 "O4'" A G 30 ? ? "C1'" A G 30 ? ? N9    A G 30 ? ? 114.31 108.50 5.81   0.70 N 
42 1 C5    A A 32 ? ? C6    A A 32 ? ? N1    A A 32 ? ? 121.15 117.70 3.45   0.50 N 
43 1 N1    A G 33 ? ? C6    A G 33 ? ? O6    A G 33 ? ? 115.84 119.90 -4.06  0.60 N 
44 1 "O4'" A C 34 ? ? "C1'" A C 34 ? ? N1    A C 34 ? ? 112.97 108.50 4.47   0.70 N 
45 1 C4    A A 36 ? ? C5    A A 36 ? ? C6    A A 36 ? ? 113.79 117.00 -3.21  0.50 N 
46 1 C5    A A 36 ? ? C6    A A 36 ? ? N1    A A 36 ? ? 120.79 117.70 3.09   0.50 N 
47 1 N1    A A 36 ? ? C6    A A 36 ? ? N6    A A 36 ? ? 114.58 118.60 -4.02  0.60 N 
48 1 "C5'" A A 37 ? ? "C4'" A A 37 ? ? "O4'" A A 37 ? ? 115.24 109.80 5.44   0.90 N 
49 1 C5    A A 37 ? ? C6    A A 37 ? ? N1    A A 37 ? ? 121.13 117.70 3.43   0.50 N 
50 1 N1    A A 37 ? ? C6    A A 37 ? ? N6    A A 37 ? ? 114.27 118.60 -4.33  0.60 N 
51 1 "C4'" A G 38 ? ? "C3'" A G 38 ? ? "C2'" A G 38 ? ? 96.36  102.60 -6.24  1.00 N 
52 1 "O4'" A G 38 ? ? "C1'" A G 38 ? ? N9    A G 38 ? ? 118.15 108.50 9.65   0.70 N 
53 1 C6    A G 39 ? ? C5    A G 39 ? ? N7    A G 39 ? ? 134.12 130.40 3.72   0.60 N 
54 1 N3    A G 39 ? ? C2    A G 39 ? ? N2    A G 39 ? ? 114.70 119.90 -5.20  0.70 N 
55 1 N1    A G 39 ? ? C6    A G 39 ? ? O6    A G 39 ? ? 115.93 119.90 -3.97  0.60 N 
56 1 "O4'" A C 40 ? ? "C1'" A C 40 ? ? N1    A C 40 ? ? 114.08 108.50 5.58   0.70 N 
57 1 N3    A C 40 ? ? C2    A C 40 ? ? O2    A C 40 ? ? 117.69 121.90 -4.21  0.70 N 
58 1 "O4'" A C 42 ? ? "C1'" A C 42 ? ? N1    A C 42 ? ? 116.05 108.50 7.55   0.70 N 
59 1 N3    A C 42 ? ? C2    A C 42 ? ? O2    A C 42 ? ? 117.34 121.90 -4.56  0.70 N 
# 
loop_
_pdbx_validate_planes.id 
_pdbx_validate_planes.PDB_model_num 
_pdbx_validate_planes.auth_comp_id 
_pdbx_validate_planes.auth_asym_id 
_pdbx_validate_planes.auth_seq_id 
_pdbx_validate_planes.PDB_ins_code 
_pdbx_validate_planes.label_alt_id 
_pdbx_validate_planes.rmsd 
_pdbx_validate_planes.type 
1  1 G A 2  ? ? 0.117 'SIDE CHAIN' 
2  1 C A 3  ? ? 0.092 'SIDE CHAIN' 
3  1 U A 5  ? ? 0.074 'SIDE CHAIN' 
4  1 U A 6  ? ? 0.115 'SIDE CHAIN' 
5  1 U A 7  ? ? 0.071 'SIDE CHAIN' 
6  1 A A 8  ? ? 0.094 'SIDE CHAIN' 
7  1 C A 9  ? ? 0.144 'SIDE CHAIN' 
8  1 C A 10 ? ? 0.242 'SIDE CHAIN' 
9  1 A A 11 ? ? 0.069 'SIDE CHAIN' 
10 1 G A 12 ? ? 0.061 'SIDE CHAIN' 
11 1 G A 13 ? ? 0.068 'SIDE CHAIN' 
12 1 U A 14 ? ? 0.061 'SIDE CHAIN' 
13 1 A A 16 ? ? 0.069 'SIDE CHAIN' 
14 1 U A 19 ? ? 0.097 'SIDE CHAIN' 
15 1 C A 20 ? ? 0.104 'SIDE CHAIN' 
16 1 G A 22 ? ? 0.173 'SIDE CHAIN' 
17 1 G A 23 ? ? 0.101 'SIDE CHAIN' 
18 1 A A 24 ? ? 0.101 'SIDE CHAIN' 
19 1 A A 25 ? ? 0.079 'SIDE CHAIN' 
20 1 G A 26 ? ? 0.066 'SIDE CHAIN' 
21 1 G A 30 ? ? 0.137 'SIDE CHAIN' 
22 1 G A 33 ? ? 0.078 'SIDE CHAIN' 
23 1 C A 34 ? ? 0.060 'SIDE CHAIN' 
24 1 A A 36 ? ? 0.130 'SIDE CHAIN' 
25 1 A A 37 ? ? 0.201 'SIDE CHAIN' 
26 1 G A 38 ? ? 0.062 'SIDE CHAIN' 
27 1 G A 39 ? ? 0.087 'SIDE CHAIN' 
28 1 C A 40 ? ? 0.092 'SIDE CHAIN' 
# 
_pdbx_nmr_ensemble.entry_id                             1CQ5 
_pdbx_nmr_ensemble.conformers_calculated_total_number   ? 
_pdbx_nmr_ensemble.conformers_submitted_total_number    1 
_pdbx_nmr_ensemble.conformer_selection_criteria         ? 
# 
_pdbx_nmr_representative.entry_id             1CQ5 
_pdbx_nmr_representative.conformer_id         1 
_pdbx_nmr_representative.selection_criteria   'minimized average structure' 
# 
loop_
_pdbx_nmr_sample_details.solution_id 
_pdbx_nmr_sample_details.contents 
_pdbx_nmr_sample_details.solvent_system 
1 '0.25 - 1.2 MM RNA, 10 MM POTASSIUM PHOSHPATE, 10 MM MAGNESIUM CHLORIDE, PH 6.5' ? 
2 '0.25 MM RNA 10 MM POTASSIUM PHOSHPATE, 10 MM MAGNESIUM CHLORIDE, PH 6.5'        ? 
# 
loop_
_pdbx_nmr_exptl_sample_conditions.conditions_id 
_pdbx_nmr_exptl_sample_conditions.temperature 
_pdbx_nmr_exptl_sample_conditions.pressure 
_pdbx_nmr_exptl_sample_conditions.pH 
_pdbx_nmr_exptl_sample_conditions.ionic_strength 
_pdbx_nmr_exptl_sample_conditions.pressure_units 
_pdbx_nmr_exptl_sample_conditions.temperature_units 
1 288 AMBIENT 6.5 ? ? K 
2 303 AMBIENT 6.5 ? ? K 
3 308 AMBIENT 6.5 ? ? K 
# 
loop_
_pdbx_nmr_exptl.experiment_id 
_pdbx_nmr_exptl.conditions_id 
_pdbx_nmr_exptl.type 
_pdbx_nmr_exptl.solution_id 
1 1 '2D NOESY'             1 
2 1 3D_13C-SEPARATED_NOESY 1 
3 1 DQF-COSY               1 
4 1 TOCSY                  1 
5 1 '3D HCCH-TOCSY'        1 
6 1 '3D HCCH-COSY'         1 
# 
_pdbx_nmr_details.entry_id   1CQ5 
_pdbx_nmr_details.text       'G- AND A-SINGLE NUCLEOTIDE ISOTOPE LABELED SAMPLES WERE USED BESIDES A UNIFORMLY LABELED RNA' 
# 
_pdbx_nmr_refine.entry_id           1CQ5 
_pdbx_nmr_refine.method             'TORSION ANGLE DYNAMICS, RESTRAINED MOLECULAR DYNAMICS, COMPLETE RELAXATION MATRIX ANALYSIS' 
_pdbx_nmr_refine.details            '16.4 DISTANCE RESTRAINTS/RESIDUE' 
_pdbx_nmr_refine.software_ordinal   1 
# 
loop_
_pdbx_nmr_software.classification 
_pdbx_nmr_software.name 
_pdbx_nmr_software.version 
_pdbx_nmr_software.authors 
_pdbx_nmr_software.ordinal 
'data analysis'               Sparky    92  'D.KNELLER, T.GODDARD'         1 
'iterative matrix relaxation' MARDIGRAS 92  'HE LIU, B.BORGIAS, M.TONELLI' 2 
refinement                    DYANA     1.4 'P. GUENTERT'                  3 
'structure solution'          Amber     4.1 'D.A. PEARLMAN ET AL.'         4 
'data analysis'               Curves    3.0 'R. LAVERY'                    5 
# 
loop_
_chem_comp_atom.comp_id 
_chem_comp_atom.atom_id 
_chem_comp_atom.type_symbol 
_chem_comp_atom.pdbx_aromatic_flag 
_chem_comp_atom.pdbx_stereo_config 
_chem_comp_atom.pdbx_ordinal 
A OP3    O N N 1   
A P      P N N 2   
A OP1    O N N 3   
A OP2    O N N 4   
A "O5'"  O N N 5   
A "C5'"  C N N 6   
A "C4'"  C N R 7   
A "O4'"  O N N 8   
A "C3'"  C N S 9   
A "O3'"  O N N 10  
A "C2'"  C N R 11  
A "O2'"  O N N 12  
A "C1'"  C N R 13  
A N9     N Y N 14  
A C8     C Y N 15  
A N7     N Y N 16  
A C5     C Y N 17  
A C6     C Y N 18  
A N6     N N N 19  
A N1     N Y N 20  
A C2     C Y N 21  
A N3     N Y N 22  
A C4     C Y N 23  
A HOP3   H N N 24  
A HOP2   H N N 25  
A "H5'"  H N N 26  
A "H5''" H N N 27  
A "H4'"  H N N 28  
A "H3'"  H N N 29  
A "HO3'" H N N 30  
A "H2'"  H N N 31  
A "HO2'" H N N 32  
A "H1'"  H N N 33  
A H8     H N N 34  
A H61    H N N 35  
A H62    H N N 36  
A H2     H N N 37  
C OP3    O N N 38  
C P      P N N 39  
C OP1    O N N 40  
C OP2    O N N 41  
C "O5'"  O N N 42  
C "C5'"  C N N 43  
C "C4'"  C N R 44  
C "O4'"  O N N 45  
C "C3'"  C N S 46  
C "O3'"  O N N 47  
C "C2'"  C N R 48  
C "O2'"  O N N 49  
C "C1'"  C N R 50  
C N1     N N N 51  
C C2     C N N 52  
C O2     O N N 53  
C N3     N N N 54  
C C4     C N N 55  
C N4     N N N 56  
C C5     C N N 57  
C C6     C N N 58  
C HOP3   H N N 59  
C HOP2   H N N 60  
C "H5'"  H N N 61  
C "H5''" H N N 62  
C "H4'"  H N N 63  
C "H3'"  H N N 64  
C "HO3'" H N N 65  
C "H2'"  H N N 66  
C "HO2'" H N N 67  
C "H1'"  H N N 68  
C H41    H N N 69  
C H42    H N N 70  
C H5     H N N 71  
C H6     H N N 72  
G OP3    O N N 73  
G P      P N N 74  
G OP1    O N N 75  
G OP2    O N N 76  
G "O5'"  O N N 77  
G "C5'"  C N N 78  
G "C4'"  C N R 79  
G "O4'"  O N N 80  
G "C3'"  C N S 81  
G "O3'"  O N N 82  
G "C2'"  C N R 83  
G "O2'"  O N N 84  
G "C1'"  C N R 85  
G N9     N Y N 86  
G C8     C Y N 87  
G N7     N Y N 88  
G C5     C Y N 89  
G C6     C N N 90  
G O6     O N N 91  
G N1     N N N 92  
G C2     C N N 93  
G N2     N N N 94  
G N3     N N N 95  
G C4     C Y N 96  
G HOP3   H N N 97  
G HOP2   H N N 98  
G "H5'"  H N N 99  
G "H5''" H N N 100 
G "H4'"  H N N 101 
G "H3'"  H N N 102 
G "HO3'" H N N 103 
G "H2'"  H N N 104 
G "HO2'" H N N 105 
G "H1'"  H N N 106 
G H8     H N N 107 
G H1     H N N 108 
G H21    H N N 109 
G H22    H N N 110 
U OP3    O N N 111 
U P      P N N 112 
U OP1    O N N 113 
U OP2    O N N 114 
U "O5'"  O N N 115 
U "C5'"  C N N 116 
U "C4'"  C N R 117 
U "O4'"  O N N 118 
U "C3'"  C N S 119 
U "O3'"  O N N 120 
U "C2'"  C N R 121 
U "O2'"  O N N 122 
U "C1'"  C N R 123 
U N1     N N N 124 
U C2     C N N 125 
U O2     O N N 126 
U N3     N N N 127 
U C4     C N N 128 
U O4     O N N 129 
U C5     C N N 130 
U C6     C N N 131 
U HOP3   H N N 132 
U HOP2   H N N 133 
U "H5'"  H N N 134 
U "H5''" H N N 135 
U "H4'"  H N N 136 
U "H3'"  H N N 137 
U "HO3'" H N N 138 
U "H2'"  H N N 139 
U "HO2'" H N N 140 
U "H1'"  H N N 141 
U H3     H N N 142 
U H5     H N N 143 
U H6     H N N 144 
# 
loop_
_chem_comp_bond.comp_id 
_chem_comp_bond.atom_id_1 
_chem_comp_bond.atom_id_2 
_chem_comp_bond.value_order 
_chem_comp_bond.pdbx_aromatic_flag 
_chem_comp_bond.pdbx_stereo_config 
_chem_comp_bond.pdbx_ordinal 
A OP3   P      sing N N 1   
A OP3   HOP3   sing N N 2   
A P     OP1    doub N N 3   
A P     OP2    sing N N 4   
A P     "O5'"  sing N N 5   
A OP2   HOP2   sing N N 6   
A "O5'" "C5'"  sing N N 7   
A "C5'" "C4'"  sing N N 8   
A "C5'" "H5'"  sing N N 9   
A "C5'" "H5''" sing N N 10  
A "C4'" "O4'"  sing N N 11  
A "C4'" "C3'"  sing N N 12  
A "C4'" "H4'"  sing N N 13  
A "O4'" "C1'"  sing N N 14  
A "C3'" "O3'"  sing N N 15  
A "C3'" "C2'"  sing N N 16  
A "C3'" "H3'"  sing N N 17  
A "O3'" "HO3'" sing N N 18  
A "C2'" "O2'"  sing N N 19  
A "C2'" "C1'"  sing N N 20  
A "C2'" "H2'"  sing N N 21  
A "O2'" "HO2'" sing N N 22  
A "C1'" N9     sing N N 23  
A "C1'" "H1'"  sing N N 24  
A N9    C8     sing Y N 25  
A N9    C4     sing Y N 26  
A C8    N7     doub Y N 27  
A C8    H8     sing N N 28  
A N7    C5     sing Y N 29  
A C5    C6     sing Y N 30  
A C5    C4     doub Y N 31  
A C6    N6     sing N N 32  
A C6    N1     doub Y N 33  
A N6    H61    sing N N 34  
A N6    H62    sing N N 35  
A N1    C2     sing Y N 36  
A C2    N3     doub Y N 37  
A C2    H2     sing N N 38  
A N3    C4     sing Y N 39  
C OP3   P      sing N N 40  
C OP3   HOP3   sing N N 41  
C P     OP1    doub N N 42  
C P     OP2    sing N N 43  
C P     "O5'"  sing N N 44  
C OP2   HOP2   sing N N 45  
C "O5'" "C5'"  sing N N 46  
C "C5'" "C4'"  sing N N 47  
C "C5'" "H5'"  sing N N 48  
C "C5'" "H5''" sing N N 49  
C "C4'" "O4'"  sing N N 50  
C "C4'" "C3'"  sing N N 51  
C "C4'" "H4'"  sing N N 52  
C "O4'" "C1'"  sing N N 53  
C "C3'" "O3'"  sing N N 54  
C "C3'" "C2'"  sing N N 55  
C "C3'" "H3'"  sing N N 56  
C "O3'" "HO3'" sing N N 57  
C "C2'" "O2'"  sing N N 58  
C "C2'" "C1'"  sing N N 59  
C "C2'" "H2'"  sing N N 60  
C "O2'" "HO2'" sing N N 61  
C "C1'" N1     sing N N 62  
C "C1'" "H1'"  sing N N 63  
C N1    C2     sing N N 64  
C N1    C6     sing N N 65  
C C2    O2     doub N N 66  
C C2    N3     sing N N 67  
C N3    C4     doub N N 68  
C C4    N4     sing N N 69  
C C4    C5     sing N N 70  
C N4    H41    sing N N 71  
C N4    H42    sing N N 72  
C C5    C6     doub N N 73  
C C5    H5     sing N N 74  
C C6    H6     sing N N 75  
G OP3   P      sing N N 76  
G OP3   HOP3   sing N N 77  
G P     OP1    doub N N 78  
G P     OP2    sing N N 79  
G P     "O5'"  sing N N 80  
G OP2   HOP2   sing N N 81  
G "O5'" "C5'"  sing N N 82  
G "C5'" "C4'"  sing N N 83  
G "C5'" "H5'"  sing N N 84  
G "C5'" "H5''" sing N N 85  
G "C4'" "O4'"  sing N N 86  
G "C4'" "C3'"  sing N N 87  
G "C4'" "H4'"  sing N N 88  
G "O4'" "C1'"  sing N N 89  
G "C3'" "O3'"  sing N N 90  
G "C3'" "C2'"  sing N N 91  
G "C3'" "H3'"  sing N N 92  
G "O3'" "HO3'" sing N N 93  
G "C2'" "O2'"  sing N N 94  
G "C2'" "C1'"  sing N N 95  
G "C2'" "H2'"  sing N N 96  
G "O2'" "HO2'" sing N N 97  
G "C1'" N9     sing N N 98  
G "C1'" "H1'"  sing N N 99  
G N9    C8     sing Y N 100 
G N9    C4     sing Y N 101 
G C8    N7     doub Y N 102 
G C8    H8     sing N N 103 
G N7    C5     sing Y N 104 
G C5    C6     sing N N 105 
G C5    C4     doub Y N 106 
G C6    O6     doub N N 107 
G C6    N1     sing N N 108 
G N1    C2     sing N N 109 
G N1    H1     sing N N 110 
G C2    N2     sing N N 111 
G C2    N3     doub N N 112 
G N2    H21    sing N N 113 
G N2    H22    sing N N 114 
G N3    C4     sing N N 115 
U OP3   P      sing N N 116 
U OP3   HOP3   sing N N 117 
U P     OP1    doub N N 118 
U P     OP2    sing N N 119 
U P     "O5'"  sing N N 120 
U OP2   HOP2   sing N N 121 
U "O5'" "C5'"  sing N N 122 
U "C5'" "C4'"  sing N N 123 
U "C5'" "H5'"  sing N N 124 
U "C5'" "H5''" sing N N 125 
U "C4'" "O4'"  sing N N 126 
U "C4'" "C3'"  sing N N 127 
U "C4'" "H4'"  sing N N 128 
U "O4'" "C1'"  sing N N 129 
U "C3'" "O3'"  sing N N 130 
U "C3'" "C2'"  sing N N 131 
U "C3'" "H3'"  sing N N 132 
U "O3'" "HO3'" sing N N 133 
U "C2'" "O2'"  sing N N 134 
U "C2'" "C1'"  sing N N 135 
U "C2'" "H2'"  sing N N 136 
U "O2'" "HO2'" sing N N 137 
U "C1'" N1     sing N N 138 
U "C1'" "H1'"  sing N N 139 
U N1    C2     sing N N 140 
U N1    C6     sing N N 141 
U C2    O2     doub N N 142 
U C2    N3     sing N N 143 
U N3    C4     sing N N 144 
U N3    H3     sing N N 145 
U C4    O4     doub N N 146 
U C4    C5     sing N N 147 
U C5    C6     doub N N 148 
U C5    H5     sing N N 149 
U C6    H6     sing N N 150 
# 
loop_
_ndb_struct_conf_na.entry_id 
_ndb_struct_conf_na.feature 
1CQ5 'double helix'         
1CQ5 'a-form double helix'  
1CQ5 tetraloop              
1CQ5 'mismatched base pair' 
1CQ5 'internal loop'        
# 
loop_
_ndb_struct_na_base_pair.model_number 
_ndb_struct_na_base_pair.i_label_asym_id 
_ndb_struct_na_base_pair.i_label_comp_id 
_ndb_struct_na_base_pair.i_label_seq_id 
_ndb_struct_na_base_pair.i_symmetry 
_ndb_struct_na_base_pair.j_label_asym_id 
_ndb_struct_na_base_pair.j_label_comp_id 
_ndb_struct_na_base_pair.j_label_seq_id 
_ndb_struct_na_base_pair.j_symmetry 
_ndb_struct_na_base_pair.shear 
_ndb_struct_na_base_pair.stretch 
_ndb_struct_na_base_pair.stagger 
_ndb_struct_na_base_pair.buckle 
_ndb_struct_na_base_pair.propeller 
_ndb_struct_na_base_pair.opening 
_ndb_struct_na_base_pair.pair_number 
_ndb_struct_na_base_pair.pair_name 
_ndb_struct_na_base_pair.i_auth_asym_id 
_ndb_struct_na_base_pair.i_auth_seq_id 
_ndb_struct_na_base_pair.i_PDB_ins_code 
_ndb_struct_na_base_pair.j_auth_asym_id 
_ndb_struct_na_base_pair.j_auth_seq_id 
_ndb_struct_na_base_pair.j_PDB_ins_code 
_ndb_struct_na_base_pair.hbond_type_28 
_ndb_struct_na_base_pair.hbond_type_12 
1 A G 1  1_555 A C 43 1_555 -0.434 -0.145 0.119  14.880  5.047   1.165   1  A_G1:C43_A  A 1  ? A 43 ? 19 1  
1 A G 2  1_555 A C 42 1_555 -0.609 -0.182 0.346  27.897  -5.010  -0.339  2  A_G2:C42_A  A 2  ? A 42 ? 19 1  
1 A C 3  1_555 A G 41 1_555 0.076  -0.166 -0.292 1.555   -2.936  -0.367  3  A_C3:G41_A  A 3  ? A 41 ? 19 1  
1 A G 4  1_555 A C 40 1_555 0.222  -0.108 -0.348 -22.089 -16.897 -1.111  4  A_G4:C40_A  A 4  ? A 40 ? 19 1  
1 A U 5  1_555 A G 39 1_555 2.324  -0.135 0.586  -32.509 3.761   4.372   5  A_U5:G39_A  A 5  ? A 39 ? 28 ?  
1 A U 6  1_555 A G 38 1_555 3.174  -0.860 -0.662 -12.010 -6.650  -33.424 6  A_U6:G38_A  A 6  ? A 38 ? ?  ?  
1 A A 11 1_555 A A 36 1_555 -5.563 -3.565 -1.271 -13.399 58.010  -14.369 7  A_A11:A36_A A 11 ? A 36 ? ?  10 
1 A G 12 1_555 A C 35 1_555 -0.326 -0.216 -0.422 0.106   3.436   -1.302  8  A_G12:C35_A A 12 ? A 35 ? 19 1  
1 A G 13 1_555 A C 34 1_555 -0.275 -0.184 -0.163 7.345   -1.585  -1.366  9  A_G13:C34_A A 13 ? A 34 ? 19 1  
1 A U 14 1_555 A G 33 1_555 2.355  -0.563 -0.752 -3.538  -6.079  5.879   10 A_U14:G33_A A 14 ? A 33 ? 28 ?  
1 A C 15 1_555 A C 31 1_555 -2.550 -2.044 1.179  15.260  43.282  36.000  11 A_C15:C31_A A 15 ? A 31 ? ?  1  
1 A G 18 1_555 A A 29 1_555 -0.115 1.502  -0.477 22.557  -23.435 -5.083  12 A_G18:A29_A A 18 ? A 29 ? 8  ?  
1 A U 19 1_555 A A 28 1_555 -0.351 0.088  -0.422 23.093  -18.443 -5.906  13 A_U19:A28_A A 19 ? A 28 ? 20 1  
1 A C 20 1_555 A G 27 1_555 0.343  -0.189 0.008  7.632   -17.108 0.461   14 A_C20:G27_A A 20 ? A 27 ? 19 1  
1 A C 21 1_555 A G 26 1_555 0.550  -0.291 0.305  3.139   -1.550  -1.585  15 A_C21:G26_A A 21 ? A 26 ? 19 1  
1 A G 22 1_555 A A 25 1_555 7.346  -5.330 0.221  8.449   -16.655 -53.260 16 A_G22:A25_A A 22 ? A 25 ? ?  ?  
# 
loop_
_ndb_struct_na_base_pair_step.model_number 
_ndb_struct_na_base_pair_step.i_label_asym_id_1 
_ndb_struct_na_base_pair_step.i_label_comp_id_1 
_ndb_struct_na_base_pair_step.i_label_seq_id_1 
_ndb_struct_na_base_pair_step.i_symmetry_1 
_ndb_struct_na_base_pair_step.j_label_asym_id_1 
_ndb_struct_na_base_pair_step.j_label_comp_id_1 
_ndb_struct_na_base_pair_step.j_label_seq_id_1 
_ndb_struct_na_base_pair_step.j_symmetry_1 
_ndb_struct_na_base_pair_step.i_label_asym_id_2 
_ndb_struct_na_base_pair_step.i_label_comp_id_2 
_ndb_struct_na_base_pair_step.i_label_seq_id_2 
_ndb_struct_na_base_pair_step.i_symmetry_2 
_ndb_struct_na_base_pair_step.j_label_asym_id_2 
_ndb_struct_na_base_pair_step.j_label_comp_id_2 
_ndb_struct_na_base_pair_step.j_label_seq_id_2 
_ndb_struct_na_base_pair_step.j_symmetry_2 
_ndb_struct_na_base_pair_step.shift 
_ndb_struct_na_base_pair_step.slide 
_ndb_struct_na_base_pair_step.rise 
_ndb_struct_na_base_pair_step.tilt 
_ndb_struct_na_base_pair_step.roll 
_ndb_struct_na_base_pair_step.twist 
_ndb_struct_na_base_pair_step.x_displacement 
_ndb_struct_na_base_pair_step.y_displacement 
_ndb_struct_na_base_pair_step.helical_rise 
_ndb_struct_na_base_pair_step.inclination 
_ndb_struct_na_base_pair_step.tip 
_ndb_struct_na_base_pair_step.helical_twist 
_ndb_struct_na_base_pair_step.step_number 
_ndb_struct_na_base_pair_step.step_name 
_ndb_struct_na_base_pair_step.i_auth_asym_id_1 
_ndb_struct_na_base_pair_step.i_auth_seq_id_1 
_ndb_struct_na_base_pair_step.i_PDB_ins_code_1 
_ndb_struct_na_base_pair_step.j_auth_asym_id_1 
_ndb_struct_na_base_pair_step.j_auth_seq_id_1 
_ndb_struct_na_base_pair_step.j_PDB_ins_code_1 
_ndb_struct_na_base_pair_step.i_auth_asym_id_2 
_ndb_struct_na_base_pair_step.i_auth_seq_id_2 
_ndb_struct_na_base_pair_step.i_PDB_ins_code_2 
_ndb_struct_na_base_pair_step.j_auth_asym_id_2 
_ndb_struct_na_base_pair_step.j_auth_seq_id_2 
_ndb_struct_na_base_pair_step.j_PDB_ins_code_2 
1 A G 1  1_555 A C 43 1_555 A G 2  1_555 A C 42 1_555 -0.243 -1.279 2.857 -4.354  0.431   37.797 -2.010 -0.111 2.852  0.663   
6.694   38.040 1  AA_G1G2:C42C43_AA   A 1  ? A 43 ? A 2  ? A 42 ? 
1 A G 2  1_555 A C 42 1_555 A C 3  1_555 A G 41 1_555 -0.689 -1.800 3.788 -0.487  13.013  33.628 -4.882 1.041  2.924  21.517  
0.805   35.994 2  AA_G2C3:G41C42_AA   A 2  ? A 42 ? A 3  ? A 41 ? 
1 A C 3  1_555 A G 41 1_555 A G 4  1_555 A C 40 1_555 0.196  -1.248 3.850 2.964   9.305   34.883 -3.493 0.157  3.420  15.158  
-4.828  36.183 3  AA_C3G4:C40G41_AA   A 3  ? A 41 ? A 4  ? A 40 ? 
1 A G 4  1_555 A C 40 1_555 A U 5  1_555 A G 39 1_555 0.846  -1.409 3.287 0.740   10.164  40.905 -2.968 -1.104 2.887  14.278  
-1.039  42.102 4  AA_G4U5:G39C40_AA   A 4  ? A 40 ? A 5  ? A 39 ? 
1 A U 5  1_555 A G 39 1_555 A U 6  1_555 A G 38 1_555 -2.153 -0.445 2.846 9.499   -9.012  37.761 0.190  4.044  2.302  -13.440 
-14.167 39.888 5  AA_U5U6:G38G39_AA   A 5  ? A 39 ? A 6  ? A 38 ? 
1 A A 11 1_555 A A 36 1_555 A G 12 1_555 A C 35 1_555 -0.249 -0.338 3.379 -7.855  3.359   44.281 -0.754 -0.407 3.341  4.408   
10.308  45.057 6  AA_A11G12:C35A36_AA A 11 ? A 36 ? A 12 ? A 35 ? 
1 A G 12 1_555 A C 35 1_555 A G 13 1_555 A C 34 1_555 0.102  -0.699 3.135 -2.196  6.548   35.283 -2.011 -0.460 2.950  10.677  
3.580   35.932 7  AA_G12G13:C34C35_AA A 12 ? A 35 ? A 13 ? A 34 ? 
1 A G 13 1_555 A C 34 1_555 A U 14 1_555 A G 33 1_555 0.808  -1.542 3.430 7.207   13.540  39.861 -3.489 -0.385 2.880  19.027  
-10.128 42.598 8  AA_G13U14:G33C34_AA A 13 ? A 34 ? A 14 ? A 33 ? 
1 A U 14 1_555 A G 33 1_555 A C 15 1_555 A C 31 1_555 4.635  -0.885 2.034 -18.733 -14.187 26.909 -0.891 -8.321 -0.500 -25.232 
33.317  35.582 9  AA_U14C15:C31G33_AA A 14 ? A 33 ? A 15 ? A 31 ? 
1 A G 18 1_555 A A 29 1_555 A U 19 1_555 A A 28 1_555 -0.112 -1.708 3.180 -4.973  5.235   26.309 -4.834 -0.914 2.769  11.235  
10.673  27.265 10 AA_G18U19:A28A29_AA A 18 ? A 29 ? A 19 ? A 28 ? 
1 A U 19 1_555 A A 28 1_555 A C 20 1_555 A G 27 1_555 -0.139 -1.339 3.481 -6.851  5.220   39.598 -2.545 -0.599 3.265  7.597   
9.969   40.488 11 AA_U19C20:G27A28_AA A 19 ? A 28 ? A 20 ? A 27 ? 
1 A C 20 1_555 A G 27 1_555 A C 21 1_555 A G 26 1_555 -0.659 -1.316 3.265 -3.609  7.831   34.602 -3.249 0.570  2.959  12.919  
5.954   35.628 12 AA_C20C21:G26G27_AA A 20 ? A 27 ? A 21 ? A 26 ? 
1 A C 21 1_555 A G 26 1_555 A G 22 1_555 A A 25 1_555 -2.117 -1.192 3.166 0.032   1.198   67.695 -1.114 1.901  3.146  1.076   
-0.029  67.704 13 AA_C21G22:A25G26_AA A 21 ? A 26 ? A 22 ? A 25 ? 
# 
_pdbx_nmr_spectrometer.spectrometer_id   1 
_pdbx_nmr_spectrometer.model             UNITYPLUS 
_pdbx_nmr_spectrometer.manufacturer      Varian 
_pdbx_nmr_spectrometer.field_strength    600 
_pdbx_nmr_spectrometer.type              ? 
# 
_atom_sites.entry_id                    1CQ5 
_atom_sites.fract_transf_matrix[1][1]   1.000000 
_atom_sites.fract_transf_matrix[1][2]   0.000000 
_atom_sites.fract_transf_matrix[1][3]   0.000000 
_atom_sites.fract_transf_matrix[2][1]   0.000000 
_atom_sites.fract_transf_matrix[2][2]   1.000000 
_atom_sites.fract_transf_matrix[2][3]   0.000000 
_atom_sites.fract_transf_matrix[3][1]   0.000000 
_atom_sites.fract_transf_matrix[3][2]   0.000000 
_atom_sites.fract_transf_matrix[3][3]   1.000000 
_atom_sites.fract_transf_vector[1]      0.00000 
_atom_sites.fract_transf_vector[2]      0.00000 
_atom_sites.fract_transf_vector[3]      0.00000 
# 
loop_
_atom_type.symbol 
C 
H 
N 
O 
P 
# 
loop_
_atom_site.group_PDB 
_atom_site.id 
_atom_site.type_symbol 
_atom_site.label_atom_id 
_atom_site.label_alt_id 
_atom_site.label_comp_id 
_atom_site.label_asym_id 
_atom_site.label_entity_id 
_atom_site.label_seq_id 
_atom_site.pdbx_PDB_ins_code 
_atom_site.Cartn_x 
_atom_site.Cartn_y 
_atom_site.Cartn_z 
_atom_site.occupancy 
_atom_site.B_iso_or_equiv 
_atom_site.pdbx_formal_charge 
_atom_site.auth_seq_id 
_atom_site.auth_comp_id 
_atom_site.auth_asym_id 
_atom_site.auth_atom_id 
_atom_site.pdbx_PDB_model_num 
ATOM 1    O "O5'"  . G A 1 1  ? 1.240   -5.039  -22.626 1.00 0.00 ? 1  G A "O5'"  1 
ATOM 2    C "C5'"  . G A 1 1  ? 1.591   -6.294  -23.186 1.00 0.00 ? 1  G A "C5'"  1 
ATOM 3    C "C4'"  . G A 1 1  ? 0.318   -6.975  -23.688 1.00 0.00 ? 1  G A "C4'"  1 
ATOM 4    O "O4'"  . G A 1 1  ? 0.544   -8.244  -24.292 1.00 0.00 ? 1  G A "O4'"  1 
ATOM 5    C "C3'"  . G A 1 1  ? -0.671  -7.212  -22.553 1.00 0.00 ? 1  G A "C3'"  1 
ATOM 6    O "O3'"  . G A 1 1  ? -1.304  -6.004  -22.159 1.00 0.00 ? 1  G A "O3'"  1 
ATOM 7    C "C2'"  . G A 1 1  ? -1.559  -8.272  -23.162 1.00 0.00 ? 1  G A "C2'"  1 
ATOM 8    O "O2'"  . G A 1 1  ? -2.614  -7.794  -23.984 1.00 0.00 ? 1  G A "O2'"  1 
ATOM 9    C "C1'"  . G A 1 1  ? -0.583  -9.065  -23.995 1.00 0.00 ? 1  G A "C1'"  1 
ATOM 10   N N9     . G A 1 1  ? -0.282  -10.451 -23.563 1.00 0.00 ? 1  G A N9     1 
ATOM 11   C C8     . G A 1 1  ? 0.897   -11.030 -23.158 1.00 0.00 ? 1  G A C8     1 
ATOM 12   N N7     . G A 1 1  ? 0.832   -12.327 -23.005 1.00 0.00 ? 1  G A N7     1 
ATOM 13   C C5     . G A 1 1  ? -0.483  -12.649 -23.362 1.00 0.00 ? 1  G A C5     1 
ATOM 14   C C6     . G A 1 1  ? -1.177  -13.910 -23.464 1.00 0.00 ? 1  G A C6     1 
ATOM 15   O O6     . G A 1 1  ? -0.784  -15.053 -23.231 1.00 0.00 ? 1  G A O6     1 
ATOM 16   N N1     . G A 1 1  ? -2.478  -13.778 -23.917 1.00 0.00 ? 1  G A N1     1 
ATOM 17   C C2     . G A 1 1  ? -3.047  -12.590 -24.266 1.00 0.00 ? 1  G A C2     1 
ATOM 18   N N2     . G A 1 1  ? -4.293  -12.607 -24.671 1.00 0.00 ? 1  G A N2     1 
ATOM 19   N N3     . G A 1 1  ? -2.434  -11.411 -24.200 1.00 0.00 ? 1  G A N3     1 
ATOM 20   C C4     . G A 1 1  ? -1.155  -11.502 -23.727 1.00 0.00 ? 1  G A C4     1 
ATOM 21   H "H5'"  . G A 1 1  ? 2.065   -6.918  -22.429 1.00 0.00 ? 1  G A "H5'"  1 
ATOM 22   H "H5''" . G A 1 1  ? 2.281   -6.145  -24.017 1.00 0.00 ? 1  G A "H5''" 1 
ATOM 23   H "H4'"  . G A 1 1  ? -0.167  -6.328  -24.422 1.00 0.00 ? 1  G A "H4'"  1 
ATOM 24   H "H3'"  . G A 1 1  ? -0.166  -7.682  -21.718 1.00 0.00 ? 1  G A "H3'"  1 
ATOM 25   H "H2'"  . G A 1 1  ? -1.909  -8.929  -22.403 1.00 0.00 ? 1  G A "H2'"  1 
ATOM 26   H "HO2'" . G A 1 1  ? -3.453  -7.942  -23.513 1.00 0.00 ? 1  G A "HO2'" 1 
ATOM 27   H "H1'"  . G A 1 1  ? -1.210  -9.198  -24.851 1.00 0.00 ? 1  G A "H1'"  1 
ATOM 28   H H8     . G A 1 1  ? 1.813   -10.479 -23.005 1.00 0.00 ? 1  G A H8     1 
ATOM 29   H H1     . G A 1 1  ? -3.033  -14.628 -23.936 1.00 0.00 ? 1  G A H1     1 
ATOM 30   H H21    . G A 1 1  ? -4.837  -13.477 -24.666 1.00 0.00 ? 1  G A H21    1 
ATOM 31   H H22    . G A 1 1  ? -4.696  -11.718 -24.892 1.00 0.00 ? 1  G A H22    1 
ATOM 32   H "HO5'" . G A 1 1  ? 0.339   -5.120  -22.262 1.00 0.00 ? 1  G A "HO5'" 1 
ATOM 33   P P      . G A 1 2  ? -2.036  -5.862  -20.735 1.00 0.00 ? 2  G A P      1 
ATOM 34   O OP1    . G A 1 2  ? -2.352  -4.433  -20.541 1.00 0.00 ? 2  G A OP1    1 
ATOM 35   O OP2    . G A 1 2  ? -1.222  -6.591  -19.743 1.00 0.00 ? 2  G A OP2    1 
ATOM 36   O "O5'"  . G A 1 2  ? -3.404  -6.671  -20.983 1.00 0.00 ? 2  G A "O5'"  1 
ATOM 37   C "C5'"  . G A 1 2  ? -4.361  -6.192  -21.911 1.00 0.00 ? 2  G A "C5'"  1 
ATOM 38   C "C4'"  . G A 1 2  ? -5.485  -7.209  -22.148 1.00 0.00 ? 2  G A "C4'"  1 
ATOM 39   O "O4'"  . G A 1 2  ? -4.959  -8.424  -22.692 1.00 0.00 ? 2  G A "O4'"  1 
ATOM 40   C "C3'"  . G A 1 2  ? -6.224  -7.619  -20.872 1.00 0.00 ? 2  G A "C3'"  1 
ATOM 41   O "O3'"  . G A 1 2  ? -7.289  -6.754  -20.508 1.00 0.00 ? 2  G A "O3'"  1 
ATOM 42   C "C2'"  . G A 1 2  ? -6.809  -8.942  -21.312 1.00 0.00 ? 2  G A "C2'"  1 
ATOM 43   O "O2'"  . G A 1 2  ? -7.911  -8.682  -22.165 1.00 0.00 ? 2  G A "O2'"  1 
ATOM 44   C "C1'"  . G A 1 2  ? -5.685  -9.526  -22.132 1.00 0.00 ? 2  G A "C1'"  1 
ATOM 45   N N9     . G A 1 2  ? -4.734  -10.422 -21.462 1.00 0.00 ? 2  G A N9     1 
ATOM 46   C C8     . G A 1 2  ? -3.482  -10.144 -20.999 1.00 0.00 ? 2  G A C8     1 
ATOM 47   N N7     . G A 1 2  ? -2.747  -11.193 -20.747 1.00 0.00 ? 2  G A N7     1 
ATOM 48   C C5     . G A 1 2  ? -3.608  -12.262 -21.015 1.00 0.00 ? 2  G A C5     1 
ATOM 49   C C6     . G A 1 2  ? -3.437  -13.680 -20.868 1.00 0.00 ? 2  G A C6     1 
ATOM 50   O O6     . G A 1 2  ? -2.431  -14.315 -20.557 1.00 0.00 ? 2  G A O6     1 
ATOM 51   N N1     . G A 1 2  ? -4.608  -14.386 -21.073 1.00 0.00 ? 2  G A N1     1 
ATOM 52   C C2     . G A 1 2  ? -5.791  -13.815 -21.443 1.00 0.00 ? 2  G A C2     1 
ATOM 53   N N2     . G A 1 2  ? -6.856  -14.577 -21.466 1.00 0.00 ? 2  G A N2     1 
ATOM 54   N N3     . G A 1 2  ? -5.964  -12.515 -21.675 1.00 0.00 ? 2  G A N3     1 
ATOM 55   C C4     . G A 1 2  ? -4.838  -11.788 -21.419 1.00 0.00 ? 2  G A C4     1 
ATOM 56   H "H5'"  . G A 1 2  ? -3.883  -5.949  -22.859 1.00 0.00 ? 2  G A "H5'"  1 
ATOM 57   H "H5''" . G A 1 2  ? -4.797  -5.276  -21.508 1.00 0.00 ? 2  G A "H5''" 1 
ATOM 58   H "H4'"  . G A 1 2  ? -6.200  -6.795  -22.854 1.00 0.00 ? 2  G A "H4'"  1 
ATOM 59   H "H3'"  . G A 1 2  ? -5.513  -7.800  -20.070 1.00 0.00 ? 2  G A "H3'"  1 
ATOM 60   H "H2'"  . G A 1 2  ? -7.136  -9.576  -20.514 1.00 0.00 ? 2  G A "H2'"  1 
ATOM 61   H "HO2'" . G A 1 2  ? -8.308  -7.878  -21.796 1.00 0.00 ? 2  G A "HO2'" 1 
ATOM 62   H "H1'"  . G A 1 2  ? -6.172  -10.196 -22.795 1.00 0.00 ? 2  G A "H1'"  1 
ATOM 63   H H8     . G A 1 2  ? -3.159  -9.124  -20.901 1.00 0.00 ? 2  G A H8     1 
ATOM 64   H H1     . G A 1 2  ? -4.566  -15.374 -20.847 1.00 0.00 ? 2  G A H1     1 
ATOM 65   H H21    . G A 1 2  ? -6.798  -15.535 -21.100 1.00 0.00 ? 2  G A H21    1 
ATOM 66   H H22    . G A 1 2  ? -7.724  -14.120 -21.670 1.00 0.00 ? 2  G A H22    1 
ATOM 67   P P      . C A 1 3  ? -7.755  -6.648  -18.970 1.00 0.00 ? 3  C A P      1 
ATOM 68   O OP1    . C A 1 3  ? -8.864  -5.671  -18.926 1.00 0.00 ? 3  C A OP1    1 
ATOM 69   O OP2    . C A 1 3  ? -6.547  -6.431  -18.154 1.00 0.00 ? 3  C A OP2    1 
ATOM 70   O "O5'"  . C A 1 3  ? -8.355  -8.105  -18.621 1.00 0.00 ? 3  C A "O5'"  1 
ATOM 71   C "C5'"  . C A 1 3  ? -9.597  -8.542  -19.145 1.00 0.00 ? 3  C A "C5'"  1 
ATOM 72   C "C4'"  . C A 1 3  ? -9.889  -10.012 -18.811 1.00 0.00 ? 3  C A "C4'"  1 
ATOM 73   O "O4'"  . C A 1 3  ? -8.976  -10.894 -19.453 1.00 0.00 ? 3  C A "O4'"  1 
ATOM 74   C "C3'"  . C A 1 3  ? -9.831  -10.357 -17.323 1.00 0.00 ? 3  C A "C3'"  1 
ATOM 75   O "O3'"  . C A 1 3  ? -11.020 -10.045 -16.612 1.00 0.00 ? 3  C A "O3'"  1 
ATOM 76   C "C2'"  . C A 1 3  ? -9.678  -11.870 -17.417 1.00 0.00 ? 3  C A "C2'"  1 
ATOM 77   O "O2'"  . C A 1 3  ? -10.945 -12.453 -17.653 1.00 0.00 ? 3  C A "O2'"  1 
ATOM 78   C "C1'"  . C A 1 3  ? -8.800  -12.054 -18.639 1.00 0.00 ? 3  C A "C1'"  1 
ATOM 79   N N1     . C A 1 3  ? -7.417  -12.272 -18.188 1.00 0.00 ? 3  C A N1     1 
ATOM 80   C C2     . C A 1 3  ? -7.025  -13.551 -17.756 1.00 0.00 ? 3  C A C2     1 
ATOM 81   O O2     . C A 1 3  ? -7.846  -14.433 -17.514 1.00 0.00 ? 3  C A O2     1 
ATOM 82   N N3     . C A 1 3  ? -5.712  -13.852 -17.614 1.00 0.00 ? 3  C A N3     1 
ATOM 83   C C4     . C A 1 3  ? -4.813  -12.933 -17.920 1.00 0.00 ? 3  C A C4     1 
ATOM 84   N N4     . C A 1 3  ? -3.557  -13.293 -17.850 1.00 0.00 ? 3  C A N4     1 
ATOM 85   C C5     . C A 1 3  ? -5.198  -11.648 -18.407 1.00 0.00 ? 3  C A C5     1 
ATOM 86   C C6     . C A 1 3  ? -6.484  -11.329 -18.451 1.00 0.00 ? 3  C A C6     1 
ATOM 87   H "H5'"  . C A 1 3  ? -9.613  -8.421  -20.227 1.00 0.00 ? 3  C A "H5'"  1 
ATOM 88   H "H5''" . C A 1 3  ? -10.390 -7.925  -18.719 1.00 0.00 ? 3  C A "H5''" 1 
ATOM 89   H "H4'"  . C A 1 3  ? -10.892 -10.249 -19.167 1.00 0.00 ? 3  C A "H4'"  1 
ATOM 90   H "H3'"  . C A 1 3  ? -8.944  -9.908  -16.873 1.00 0.00 ? 3  C A "H3'"  1 
ATOM 91   H "H2'"  . C A 1 3  ? -9.185  -12.268 -16.534 1.00 0.00 ? 3  C A "H2'"  1 
ATOM 92   H "HO2'" . C A 1 3  ? -11.562 -11.853 -17.212 1.00 0.00 ? 3  C A "HO2'" 1 
ATOM 93   H "H1'"  . C A 1 3  ? -9.052  -12.941 -19.198 1.00 0.00 ? 3  C A "H1'"  1 
ATOM 94   H H41    . C A 1 3  ? -3.340  -14.239 -17.518 1.00 0.00 ? 3  C A H41    1 
ATOM 95   H H42    . C A 1 3  ? -2.844  -12.670 -18.180 1.00 0.00 ? 3  C A H42    1 
ATOM 96   H H5     . C A 1 3  ? -4.646  -10.878 -18.872 1.00 0.00 ? 3  C A H5     1 
ATOM 97   H H6     . C A 1 3  ? -6.710  -10.339 -18.804 1.00 0.00 ? 3  C A H6     1 
ATOM 98   P P      . G A 1 4  ? -10.973 -9.790  -15.021 1.00 0.00 ? 4  G A P      1 
ATOM 99   O OP1    . G A 1 4  ? -12.332 -9.388  -14.603 1.00 0.00 ? 4  G A OP1    1 
ATOM 100  O OP2    . G A 1 4  ? -9.820  -8.917  -14.734 1.00 0.00 ? 4  G A OP2    1 
ATOM 101  O "O5'"  . G A 1 4  ? -10.664 -11.238 -14.398 1.00 0.00 ? 4  G A "O5'"  1 
ATOM 102  C "C5'"  . G A 1 4  ? -11.637 -12.268 -14.381 1.00 0.00 ? 4  G A "C5'"  1 
ATOM 103  C "C4'"  . G A 1 4  ? -11.015 -13.583 -13.904 1.00 0.00 ? 4  G A "C4'"  1 
ATOM 104  O "O4'"  . G A 1 4  ? -9.967  -13.997 -14.777 1.00 0.00 ? 4  G A "O4'"  1 
ATOM 105  C "C3'"  . G A 1 4  ? -10.363 -13.483 -12.525 1.00 0.00 ? 4  G A "C3'"  1 
ATOM 106  O "O3'"  . G A 1 4  ? -11.209 -13.687 -11.402 1.00 0.00 ? 4  G A "O3'"  1 
ATOM 107  C "C2'"  . G A 1 4  ? -9.413  -14.641 -12.567 1.00 0.00 ? 4  G A "C2'"  1 
ATOM 108  O "O2'"  . G A 1 4  ? -10.114 -15.859 -12.378 1.00 0.00 ? 4  G A "O2'"  1 
ATOM 109  C "C1'"  . G A 1 4  ? -8.940  -14.565 -13.975 1.00 0.00 ? 4  G A "C1'"  1 
ATOM 110  N N9     . G A 1 4  ? -7.644  -13.922 -14.086 1.00 0.00 ? 4  G A N9     1 
ATOM 111  C C8     . G A 1 4  ? -7.335  -12.670 -14.484 1.00 0.00 ? 4  G A C8     1 
ATOM 112  N N7     . G A 1 4  ? -6.052  -12.444 -14.584 1.00 0.00 ? 4  G A N7     1 
ATOM 113  C C5     . G A 1 4  ? -5.477  -13.636 -14.110 1.00 0.00 ? 4  G A C5     1 
ATOM 114  C C6     . G A 1 4  ? -4.125  -14.019 -13.814 1.00 0.00 ? 4  G A C6     1 
ATOM 115  O O6     . G A 1 4  ? -3.078  -13.416 -14.017 1.00 0.00 ? 4  G A O6     1 
ATOM 116  N N1     . G A 1 4  ? -4.040  -15.237 -13.152 1.00 0.00 ? 4  G A N1     1 
ATOM 117  C C2     . G A 1 4  ? -5.078  -16.083 -12.967 1.00 0.00 ? 4  G A C2     1 
ATOM 118  N N2     . G A 1 4  ? -4.821  -17.255 -12.433 1.00 0.00 ? 4  G A N2     1 
ATOM 119  N N3     . G A 1 4  ? -6.336  -15.785 -13.258 1.00 0.00 ? 4  G A N3     1 
ATOM 120  C C4     . G A 1 4  ? -6.466  -14.536 -13.795 1.00 0.00 ? 4  G A C4     1 
ATOM 121  H "H5'"  . G A 1 4  ? -12.058 -12.412 -15.372 1.00 0.00 ? 4  G A "H5'"  1 
ATOM 122  H "H5''" . G A 1 4  ? -12.440 -11.984 -13.698 1.00 0.00 ? 4  G A "H5''" 1 
ATOM 123  H "H4'"  . G A 1 4  ? -11.780 -14.358 -13.875 1.00 0.00 ? 4  G A "H4'"  1 
ATOM 124  H "H3'"  . G A 1 4  ? -9.734  -12.607 -12.484 1.00 0.00 ? 4  G A "H3'"  1 
ATOM 125  H "H2'"  . G A 1 4  ? -8.578  -14.495 -11.894 1.00 0.00 ? 4  G A "H2'"  1 
ATOM 126  H "HO2'" . G A 1 4  ? -10.862 -15.607 -11.816 1.00 0.00 ? 4  G A "HO2'" 1 
ATOM 127  H "H1'"  . G A 1 4  ? -8.690  -15.555 -14.192 1.00 0.00 ? 4  G A "H1'"  1 
ATOM 128  H H8     . G A 1 4  ? -8.158  -12.014 -14.670 1.00 0.00 ? 4  G A H8     1 
ATOM 129  H H1     . G A 1 4  ? -3.151  -15.633 -12.910 1.00 0.00 ? 4  G A H1     1 
ATOM 130  H H21    . G A 1 4  ? -3.874  -17.572 -12.190 1.00 0.00 ? 4  G A H21    1 
ATOM 131  H H22    . G A 1 4  ? -5.621  -17.851 -12.348 1.00 0.00 ? 4  G A H22    1 
ATOM 132  P P      . U A 1 5  ? -10.824 -13.069 -9.963  1.00 0.00 ? 5  U A P      1 
ATOM 133  O OP1    . U A 1 5  ? -11.861 -13.518 -9.010  1.00 0.00 ? 5  U A OP1    1 
ATOM 134  O OP2    . U A 1 5  ? -10.550 -11.632 -10.140 1.00 0.00 ? 5  U A OP2    1 
ATOM 135  O "O5'"  . U A 1 5  ? -9.437  -13.798 -9.567  1.00 0.00 ? 5  U A "O5'"  1 
ATOM 136  C "C5'"  . U A 1 5  ? -9.387  -15.184 -9.278  1.00 0.00 ? 5  U A "C5'"  1 
ATOM 137  C "C4'"  . U A 1 5  ? -7.961  -15.709 -9.071  1.00 0.00 ? 5  U A "C4'"  1 
ATOM 138  O "O4'"  . U A 1 5  ? -7.130  -15.583 -10.208 1.00 0.00 ? 5  U A "O4'"  1 
ATOM 139  C "C3'"  . U A 1 5  ? -7.171  -15.024 -7.983  1.00 0.00 ? 5  U A "C3'"  1 
ATOM 140  O "O3'"  . U A 1 5  ? -7.833  -15.310 -6.764  1.00 0.00 ? 5  U A "O3'"  1 
ATOM 141  C "C2'"  . U A 1 5  ? -5.732  -15.438 -8.254  1.00 0.00 ? 5  U A "C2'"  1 
ATOM 142  O "O2'"  . U A 1 5  ? -5.398  -16.763 -7.868  1.00 0.00 ? 5  U A "O2'"  1 
ATOM 143  C "C1'"  . U A 1 5  ? -5.790  -15.327 -9.776  1.00 0.00 ? 5  U A "C1'"  1 
ATOM 144  N N1     . U A 1 5  ? -5.262  -14.008 -10.177 1.00 0.00 ? 5  U A N1     1 
ATOM 145  C C2     . U A 1 5  ? -3.865  -13.817 -10.208 1.00 0.00 ? 5  U A C2     1 
ATOM 146  O O2     . U A 1 5  ? -3.064  -14.620 -9.728  1.00 0.00 ? 5  U A O2     1 
ATOM 147  N N3     . U A 1 5  ? -3.387  -12.693 -10.859 1.00 0.00 ? 5  U A N3     1 
ATOM 148  C C4     . U A 1 5  ? -4.181  -11.767 -11.506 1.00 0.00 ? 5  U A C4     1 
ATOM 149  O O4     . U A 1 5  ? -3.690  -10.805 -12.077 1.00 0.00 ? 5  U A O4     1 
ATOM 150  C C5     . U A 1 5  ? -5.595  -12.096 -11.469 1.00 0.00 ? 5  U A C5     1 
ATOM 151  C C6     . U A 1 5  ? -6.099  -13.145 -10.808 1.00 0.00 ? 5  U A C6     1 
ATOM 152  H "H5'"  . U A 1 5  ? -9.871  -15.767 -10.049 1.00 0.00 ? 5  U A "H5'"  1 
ATOM 153  H "H5''" . U A 1 5  ? -9.947  -15.352 -8.356  1.00 0.00 ? 5  U A "H5''" 1 
ATOM 154  H "H4'"  . U A 1 5  ? -8.021  -16.762 -8.804  1.00 0.00 ? 5  U A "H4'"  1 
ATOM 155  H "H3'"  . U A 1 5  ? -7.179  -13.966 -8.239  1.00 0.00 ? 5  U A "H3'"  1 
ATOM 156  H "H2'"  . U A 1 5  ? -5.029  -14.725 -7.847  1.00 0.00 ? 5  U A "H2'"  1 
ATOM 157  H "HO2'" . U A 1 5  ? -4.917  -16.717 -7.025  1.00 0.00 ? 5  U A "HO2'" 1 
ATOM 158  H "H1'"  . U A 1 5  ? -5.139  -15.971 -10.302 1.00 0.00 ? 5  U A "H1'"  1 
ATOM 159  H H3     . U A 1 5  ? -2.393  -12.678 -11.067 1.00 0.00 ? 5  U A H3     1 
ATOM 160  H H5     . U A 1 5  ? -6.319  -11.619 -12.071 1.00 0.00 ? 5  U A H5     1 
ATOM 161  H H6     . U A 1 5  ? -7.160  -13.347 -10.878 1.00 0.00 ? 5  U A H6     1 
ATOM 162  P P      . U A 1 6  ? -7.623  -14.466 -5.429  1.00 0.00 ? 6  U A P      1 
ATOM 163  O OP1    . U A 1 6  ? -8.740  -14.751 -4.505  1.00 0.00 ? 6  U A OP1    1 
ATOM 164  O OP2    . U A 1 6  ? -7.269  -13.078 -5.788  1.00 0.00 ? 6  U A OP2    1 
ATOM 165  O "O5'"  . U A 1 6  ? -6.302  -15.152 -4.867  1.00 0.00 ? 6  U A "O5'"  1 
ATOM 166  C "C5'"  . U A 1 6  ? -6.145  -16.543 -4.687  1.00 0.00 ? 6  U A "C5'"  1 
ATOM 167  C "C4'"  . U A 1 6  ? -4.668  -16.789 -4.354  1.00 0.00 ? 6  U A "C4'"  1 
ATOM 168  O "O4'"  . U A 1 6  ? -3.845  -16.564 -5.505  1.00 0.00 ? 6  U A "O4'"  1 
ATOM 169  C "C3'"  . U A 1 6  ? -4.193  -15.881 -3.213  1.00 0.00 ? 6  U A "C3'"  1 
ATOM 170  O "O3'"  . U A 1 6  ? -3.816  -16.649 -2.076  1.00 0.00 ? 6  U A "O3'"  1 
ATOM 171  C "C2'"  . U A 1 6  ? -2.942  -15.214 -3.746  1.00 0.00 ? 6  U A "C2'"  1 
ATOM 172  O "O2'"  . U A 1 6  ? -1.827  -15.741 -3.062  1.00 0.00 ? 6  U A "O2'"  1 
ATOM 173  C "C1'"  . U A 1 6  ? -2.815  -15.624 -5.195  1.00 0.00 ? 6  U A "C1'"  1 
ATOM 174  N N1     . U A 1 6  ? -2.800  -14.473 -6.117  1.00 0.00 ? 6  U A N1     1 
ATOM 175  C C2     . U A 1 6  ? -1.644  -14.222 -6.854  1.00 0.00 ? 6  U A C2     1 
ATOM 176  O O2     . U A 1 6  ? -0.784  -15.081 -7.022  1.00 0.00 ? 6  U A O2     1 
ATOM 177  N N3     . U A 1 6  ? -1.512  -12.961 -7.409  1.00 0.00 ? 6  U A N3     1 
ATOM 178  C C4     . U A 1 6  ? -2.484  -11.977 -7.381  1.00 0.00 ? 6  U A C4     1 
ATOM 179  O O4     . U A 1 6  ? -2.306  -10.897 -7.921  1.00 0.00 ? 6  U A O4     1 
ATOM 180  C C5     . U A 1 6  ? -3.691  -12.372 -6.684  1.00 0.00 ? 6  U A C5     1 
ATOM 181  C C6     . U A 1 6  ? -3.817  -13.569 -6.102  1.00 0.00 ? 6  U A C6     1 
ATOM 182  H "H5'"  . U A 1 6  ? -6.431  -17.098 -5.579  1.00 0.00 ? 6  U A "H5'"  1 
ATOM 183  H "H5''" . U A 1 6  ? -6.766  -16.863 -3.849  1.00 0.00 ? 6  U A "H5''" 1 
ATOM 184  H "H4'"  . U A 1 6  ? -4.548  -17.826 -4.040  1.00 0.00 ? 6  U A "H4'"  1 
ATOM 185  H "H3'"  . U A 1 6  ? -4.894  -15.063 -2.998  1.00 0.00 ? 6  U A "H3'"  1 
ATOM 186  H "H2'"  . U A 1 6  ? -3.051  -14.141 -3.617  1.00 0.00 ? 6  U A "H2'"  1 
ATOM 187  H "HO2'" . U A 1 6  ? -2.279  -16.249 -2.355  1.00 0.00 ? 6  U A "HO2'" 1 
ATOM 188  H "H1'"  . U A 1 6  ? -1.819  -16.047 -5.229  1.00 0.00 ? 6  U A "H1'"  1 
ATOM 189  H H3     . U A 1 6  ? -0.609  -12.744 -7.825  1.00 0.00 ? 6  U A H3     1 
ATOM 190  H H5     . U A 1 6  ? -4.559  -11.767 -6.565  1.00 0.00 ? 6  U A H5     1 
ATOM 191  H H6     . U A 1 6  ? -4.768  -13.790 -5.669  1.00 0.00 ? 6  U A H6     1 
ATOM 192  P P      . U A 1 7  ? -4.842  -16.988 -0.904  1.00 0.00 ? 7  U A P      1 
ATOM 193  O OP1    . U A 1 7  ? -5.055  -18.450 -0.890  1.00 0.00 ? 7  U A OP1    1 
ATOM 194  O OP2    . U A 1 7  ? -5.988  -16.060 -0.970  1.00 0.00 ? 7  U A OP2    1 
ATOM 195  O "O5'"  . U A 1 7  ? -3.907  -16.568 0.330   1.00 0.00 ? 7  U A "O5'"  1 
ATOM 196  C "C5'"  . U A 1 7  ? -3.517  -15.220 0.537   1.00 0.00 ? 7  U A "C5'"  1 
ATOM 197  C "C4'"  . U A 1 7  ? -2.000  -15.033 0.297   1.00 0.00 ? 7  U A "C4'"  1 
ATOM 198  O "O4'"  . U A 1 7  ? -1.731  -14.138 -0.736  1.00 0.00 ? 7  U A "O4'"  1 
ATOM 199  C "C3'"  . U A 1 7  ? -1.250  -14.358 1.420   1.00 0.00 ? 7  U A "C3'"  1 
ATOM 200  O "O3'"  . U A 1 7  ? -0.386  -15.247 2.118   1.00 0.00 ? 7  U A "O3'"  1 
ATOM 201  C "C2'"  . U A 1 7  ? -0.824  -12.950 1.066   1.00 0.00 ? 7  U A "C2'"  1 
ATOM 202  O "O2'"  . U A 1 7  ? 0.339   -12.493 1.740   1.00 0.00 ? 7  U A "O2'"  1 
ATOM 203  C "C1'"  . U A 1 7  ? -0.701  -13.190 -0.377  1.00 0.00 ? 7  U A "C1'"  1 
ATOM 204  N N1     . U A 1 7  ? -1.034  -11.995 -1.190  1.00 0.00 ? 7  U A N1     1 
ATOM 205  C C2     . U A 1 7  ? -0.642  -10.659 -0.946  1.00 0.00 ? 7  U A C2     1 
ATOM 206  O O2     . U A 1 7  ? -0.365  -10.184 0.149   1.00 0.00 ? 7  U A O2     1 
ATOM 207  N N3     . U A 1 7  ? -0.800  -9.764  -1.988  1.00 0.00 ? 7  U A N3     1 
ATOM 208  C C4     . U A 1 7  ? -1.128  -10.089 -3.281  1.00 0.00 ? 7  U A C4     1 
ATOM 209  O O4     . U A 1 7  ? -1.252  -9.213  -4.119  1.00 0.00 ? 7  U A O4     1 
ATOM 210  C C5     . U A 1 7  ? -1.239  -11.512 -3.484  1.00 0.00 ? 7  U A C5     1 
ATOM 211  C C6     . U A 1 7  ? -1.153  -12.378 -2.478  1.00 0.00 ? 7  U A C6     1 
ATOM 212  H "H5'"  . U A 1 7  ? -3.783  -14.969 1.563   1.00 0.00 ? 7  U A "H5'"  1 
ATOM 213  H "H5''" . U A 1 7  ? -4.072  -14.550 -0.122  1.00 0.00 ? 7  U A "H5''" 1 
ATOM 214  H "H4'"  . U A 1 7  ? -1.540  -15.998 0.080   1.00 0.00 ? 7  U A "H4'"  1 
ATOM 215  H "H3'"  . U A 1 7  ? -2.085  -14.018 1.953   1.00 0.00 ? 7  U A "H3'"  1 
ATOM 216  H "H2'"  . U A 1 7  ? -1.606  -12.226 1.115   1.00 0.00 ? 7  U A "H2'"  1 
ATOM 217  H "HO2'" . U A 1 7  ? 1.031   -13.248 1.789   1.00 0.00 ? 7  U A "HO2'" 1 
ATOM 218  H "H1'"  . U A 1 7  ? 0.237   -13.632 -0.664  1.00 0.00 ? 7  U A "H1'"  1 
ATOM 219  H H3     . U A 1 7  ? -0.593  -8.800  -1.804  1.00 0.00 ? 7  U A H3     1 
ATOM 220  H H5     . U A 1 7  ? -1.335  -12.001 -4.405  1.00 0.00 ? 7  U A H5     1 
ATOM 221  H H6     . U A 1 7  ? -1.093  -13.442 -2.650  1.00 0.00 ? 7  U A H6     1 
ATOM 222  P P      . A A 1 8  ? 1.107   -15.577 1.610   1.00 0.00 ? 8  A A P      1 
ATOM 223  O OP1    . A A 1 8  ? 1.560   -16.833 2.237   1.00 0.00 ? 8  A A OP1    1 
ATOM 224  O OP2    . A A 1 8  ? 1.881   -14.329 1.792   1.00 0.00 ? 8  A A OP2    1 
ATOM 225  O "O5'"  . A A 1 8  ? 0.992   -15.811 0.024   1.00 0.00 ? 8  A A "O5'"  1 
ATOM 226  C "C5'"  . A A 1 8  ? 2.169   -15.785 -0.760  1.00 0.00 ? 8  A A "C5'"  1 
ATOM 227  C "C4'"  . A A 1 8  ? 1.945   -15.528 -2.248  1.00 0.00 ? 8  A A "C4'"  1 
ATOM 228  O "O4'"  . A A 1 8  ? 1.254   -14.318 -2.546  1.00 0.00 ? 8  A A "O4'"  1 
ATOM 229  C "C3'"  . A A 1 8  ? 3.335   -15.440 -2.882  1.00 0.00 ? 8  A A "C3'"  1 
ATOM 230  O "O3'"  . A A 1 8  ? 3.797   -16.766 -3.125  1.00 0.00 ? 8  A A "O3'"  1 
ATOM 231  C "C2'"  . A A 1 8  ? 3.087   -14.434 -4.004  1.00 0.00 ? 8  A A "C2'"  1 
ATOM 232  O "O2'"  . A A 1 8  ? 2.469   -15.029 -5.138  1.00 0.00 ? 8  A A "O2'"  1 
ATOM 233  C "C1'"  . A A 1 8  ? 2.065   -13.502 -3.372  1.00 0.00 ? 8  A A "C1'"  1 
ATOM 234  N N9     . A A 1 8  ? 2.437   -12.292 -2.634  1.00 0.00 ? 8  A A N9     1 
ATOM 235  C C8     . A A 1 8  ? 2.485   -12.096 -1.286  1.00 0.00 ? 8  A A C8     1 
ATOM 236  N N7     . A A 1 8  ? 2.456   -10.858 -0.893  1.00 0.00 ? 8  A A N7     1 
ATOM 237  C C5     . A A 1 8  ? 2.293   -10.176 -2.089  1.00 0.00 ? 8  A A C5     1 
ATOM 238  C C6     . A A 1 8  ? 2.144   -8.820  -2.416  1.00 0.00 ? 8  A A C6     1 
ATOM 239  N N6     . A A 1 8  ? 2.107   -7.901  -1.473  1.00 0.00 ? 8  A A N6     1 
ATOM 240  N N1     . A A 1 8  ? 2.050   -8.434  -3.698  1.00 0.00 ? 8  A A N1     1 
ATOM 241  C C2     . A A 1 8  ? 2.026   -9.396  -4.630  1.00 0.00 ? 8  A A C2     1 
ATOM 242  N N3     . A A 1 8  ? 2.126   -10.706 -4.455  1.00 0.00 ? 8  A A N3     1 
ATOM 243  C C4     . A A 1 8  ? 2.271   -11.034 -3.149  1.00 0.00 ? 8  A A C4     1 
ATOM 244  H "H5'"  . A A 1 8  ? 2.699   -16.731 -0.629  1.00 0.00 ? 8  A A "H5'"  1 
ATOM 245  H "H5''" . A A 1 8  ? 2.819   -14.987 -0.425  1.00 0.00 ? 8  A A "H5''" 1 
ATOM 246  H "H4'"  . A A 1 8  ? 1.397   -16.353 -2.689  1.00 0.00 ? 8  A A "H4'"  1 
ATOM 247  H "H3'"  . A A 1 8  ? 4.038   -14.971 -2.194  1.00 0.00 ? 8  A A "H3'"  1 
ATOM 248  H "H2'"  . A A 1 8  ? 3.969   -13.873 -4.268  1.00 0.00 ? 8  A A "H2'"  1 
ATOM 249  H "HO2'" . A A 1 8  ? 2.938   -15.919 -5.313  1.00 0.00 ? 8  A A "HO2'" 1 
ATOM 250  H "H1'"  . A A 1 8  ? 1.567   -13.023 -4.187  1.00 0.00 ? 8  A A "H1'"  1 
ATOM 251  H H8     . A A 1 8  ? 2.451   -12.910 -0.616  1.00 0.00 ? 8  A A H8     1 
ATOM 252  H H61    . A A 1 8  ? 2.112   -6.913  -1.685  1.00 0.00 ? 8  A A H61    1 
ATOM 253  H H62    . A A 1 8  ? 2.215   -8.243  -0.528  1.00 0.00 ? 8  A A H62    1 
ATOM 254  H H2     . A A 1 8  ? 1.980   -9.121  -5.674  1.00 0.00 ? 8  A A H2     1 
ATOM 255  P P      . C A 1 9  ? 4.603   -17.246 -4.420  1.00 0.00 ? 9  C A P      1 
ATOM 256  O OP1    . C A 1 9  ? 3.679   -17.067 -5.568  1.00 0.00 ? 9  C A OP1    1 
ATOM 257  O OP2    . C A 1 9  ? 5.196   -18.567 -4.141  1.00 0.00 ? 9  C A OP2    1 
ATOM 258  O "O5'"  . C A 1 9  ? 5.764   -16.189 -4.647  1.00 0.00 ? 9  C A "O5'"  1 
ATOM 259  C "C5'"  . C A 1 9  ? 6.675   -15.757 -3.656  1.00 0.00 ? 9  C A "C5'"  1 
ATOM 260  C "C4'"  . C A 1 9  ? 7.555   -14.758 -4.403  1.00 0.00 ? 9  C A "C4'"  1 
ATOM 261  O "O4'"  . C A 1 9  ? 6.749   -13.803 -5.101  1.00 0.00 ? 9  C A "O4'"  1 
ATOM 262  C "C3'"  . C A 1 9  ? 8.577   -13.938 -3.610  1.00 0.00 ? 9  C A "C3'"  1 
ATOM 263  O "O3'"  . C A 1 9  ? 9.739   -14.600 -3.133  1.00 0.00 ? 9  C A "O3'"  1 
ATOM 264  C "C2'"  . C A 1 9  ? 8.832   -12.841 -4.644  1.00 0.00 ? 9  C A "C2'"  1 
ATOM 265  O "O2'"  . C A 1 9  ? 9.800   -13.209 -5.615  1.00 0.00 ? 9  C A "O2'"  1 
ATOM 266  C "C1'"  . C A 1 9  ? 7.486   -12.610 -5.265  1.00 0.00 ? 9  C A "C1'"  1 
ATOM 267  N N1     . C A 1 9  ? 6.873   -11.369 -4.753  1.00 0.00 ? 9  C A N1     1 
ATOM 268  C C2     . C A 1 9  ? 7.223   -10.178 -5.405  1.00 0.00 ? 9  C A C2     1 
ATOM 269  O O2     . C A 1 9  ? 8.200   -10.140 -6.134  1.00 0.00 ? 9  C A O2     1 
ATOM 270  N N3     . C A 1 9  ? 6.497   -9.056  -5.245  1.00 0.00 ? 9  C A N3     1 
ATOM 271  C C4     . C A 1 9  ? 5.548   -9.078  -4.343  1.00 0.00 ? 9  C A C4     1 
ATOM 272  N N4     . C A 1 9  ? 4.835   -7.989  -4.334  1.00 0.00 ? 9  C A N4     1 
ATOM 273  C C5     . C A 1 9  ? 5.280   -10.216 -3.524  1.00 0.00 ? 9  C A C5     1 
ATOM 274  C C6     . C A 1 9  ? 5.971   -11.352 -3.733  1.00 0.00 ? 9  C A C6     1 
ATOM 275  H "H5'"  . C A 1 9  ? 7.272   -16.591 -3.285  1.00 0.00 ? 9  C A "H5'"  1 
ATOM 276  H "H5''" . C A 1 9  ? 6.156   -15.261 -2.837  1.00 0.00 ? 9  C A "H5''" 1 
ATOM 277  H "H4'"  . C A 1 9  ? 8.115   -15.319 -5.154  1.00 0.00 ? 9  C A "H4'"  1 
ATOM 278  H "H3'"  . C A 1 9  ? 8.099   -13.502 -2.740  1.00 0.00 ? 9  C A "H3'"  1 
ATOM 279  H "H2'"  . C A 1 9  ? 9.102   -11.922 -4.169  1.00 0.00 ? 9  C A "H2'"  1 
ATOM 280  H "HO2'" . C A 1 9  ? 10.658  -13.336 -5.089  1.00 0.00 ? 9  C A "HO2'" 1 
ATOM 281  H "H1'"  . C A 1 9  ? 7.647   -12.413 -6.312  1.00 0.00 ? 9  C A "H1'"  1 
ATOM 282  H H41    . C A 1 9  ? 5.028   -7.482  -5.189  1.00 0.00 ? 9  C A H41    1 
ATOM 283  H H42    . C A 1 9  ? 3.946   -7.936  -3.850  1.00 0.00 ? 9  C A H42    1 
ATOM 284  H H5     . C A 1 9  ? 4.566   -10.248 -2.757  1.00 0.00 ? 9  C A H5     1 
ATOM 285  H H6     . C A 1 9  ? 5.790   -12.210 -3.092  1.00 0.00 ? 9  C A H6     1 
ATOM 286  P P      . C A 1 10 ? 11.066  -13.756 -2.778  1.00 0.00 ? 10 C A P      1 
ATOM 287  O OP1    . C A 1 10 ? 11.699  -13.436 -4.082  1.00 0.00 ? 10 C A OP1    1 
ATOM 288  O OP2    . C A 1 10 ? 11.832  -14.457 -1.729  1.00 0.00 ? 10 C A OP2    1 
ATOM 289  O "O5'"  . C A 1 10 ? 10.487  -12.363 -2.180  1.00 0.00 ? 10 C A "O5'"  1 
ATOM 290  C "C5'"  . C A 1 10 ? 10.312  -12.147 -0.793  1.00 0.00 ? 10 C A "C5'"  1 
ATOM 291  C "C4'"  . C A 1 10 ? 9.970   -10.682 -0.452  1.00 0.00 ? 10 C A "C4'"  1 
ATOM 292  O "O4'"  . C A 1 10 ? 10.761  -9.771  -1.200  1.00 0.00 ? 10 C A "O4'"  1 
ATOM 293  C "C3'"  . C A 1 10 ? 8.506   -10.243 -0.647  1.00 0.00 ? 10 C A "C3'"  1 
ATOM 294  O "O3'"  . C A 1 10 ? 8.086   -9.305  0.343   1.00 0.00 ? 10 C A "O3'"  1 
ATOM 295  C "C2'"  . C A 1 10 ? 8.525   -9.541  -1.990  1.00 0.00 ? 10 C A "C2'"  1 
ATOM 296  O "O2'"  . C A 1 10 ? 7.491   -8.598  -2.176  1.00 0.00 ? 10 C A "O2'"  1 
ATOM 297  C "C1'"  . C A 1 10 ? 9.881   -8.886  -1.876  1.00 0.00 ? 10 C A "C1'"  1 
ATOM 298  N N1     . C A 1 10 ? 10.430  -8.479  -3.186  1.00 0.00 ? 10 C A N1     1 
ATOM 299  C C2     . C A 1 10 ? 10.466  -7.131  -3.543  1.00 0.00 ? 10 C A C2     1 
ATOM 300  O O2     . C A 1 10 ? 10.580  -6.277  -2.674  1.00 0.00 ? 10 C A O2     1 
ATOM 301  N N3     . C A 1 10 ? 10.399  -6.780  -4.860  1.00 0.00 ? 10 C A N3     1 
ATOM 302  C C4     . C A 1 10 ? 10.402  -7.744  -5.767  1.00 0.00 ? 10 C A C4     1 
ATOM 303  N N4     . C A 1 10 ? 10.082  -7.392  -6.986  1.00 0.00 ? 10 C A N4     1 
ATOM 304  C C5     . C A 1 10 ? 10.647  -9.103  -5.428  1.00 0.00 ? 10 C A C5     1 
ATOM 305  C C6     . C A 1 10 ? 10.646  -9.434  -4.129  1.00 0.00 ? 10 C A C6     1 
ATOM 306  H "H5'"  . C A 1 10 ? 11.247  -12.392 -0.288  1.00 0.00 ? 10 C A "H5'"  1 
ATOM 307  H "H5''" . C A 1 10 ? 9.534   -12.806 -0.403  1.00 0.00 ? 10 C A "H5''" 1 
ATOM 308  H "H4'"  . C A 1 10 ? 10.230  -10.569 0.595   1.00 0.00 ? 10 C A "H4'"  1 
ATOM 309  H "H3'"  . C A 1 10 ? 7.834   -11.068 -0.747  1.00 0.00 ? 10 C A "H3'"  1 
ATOM 310  H "H2'"  . C A 1 10 ? 8.471   -10.256 -2.795  1.00 0.00 ? 10 C A "H2'"  1 
ATOM 311  H "HO2'" . C A 1 10 ? 7.348   -8.055  -1.373  1.00 0.00 ? 10 C A "HO2'" 1 
ATOM 312  H "H1'"  . C A 1 10 ? 9.628   -8.050  -1.254  1.00 0.00 ? 10 C A "H1'"  1 
ATOM 313  H H41    . C A 1 10 ? 9.805   -6.434  -7.033  1.00 0.00 ? 10 C A H41    1 
ATOM 314  H H42    . C A 1 10 ? 9.708   -8.098  -7.611  1.00 0.00 ? 10 C A H42    1 
ATOM 315  H H5     . C A 1 10 ? 10.652  -9.929  -6.103  1.00 0.00 ? 10 C A H5     1 
ATOM 316  H H6     . C A 1 10 ? 10.714  -10.469 -3.853  1.00 0.00 ? 10 C A H6     1 
ATOM 317  P P      . A A 1 11 ? 7.881   -9.672  1.898   1.00 0.00 ? 11 A A P      1 
ATOM 318  O OP1    . A A 1 11 ? 8.573   -10.940 2.210   1.00 0.00 ? 11 A A OP1    1 
ATOM 319  O OP2    . A A 1 11 ? 6.458   -9.484  2.231   1.00 0.00 ? 11 A A OP2    1 
ATOM 320  O "O5'"  . A A 1 11 ? 8.702   -8.454  2.567   1.00 0.00 ? 11 A A "O5'"  1 
ATOM 321  C "C5'"  . A A 1 11 ? 10.116  -8.402  2.546   1.00 0.00 ? 11 A A "C5'"  1 
ATOM 322  C "C4'"  . A A 1 11 ? 10.673  -6.974  2.658   1.00 0.00 ? 11 A A "C4'"  1 
ATOM 323  O "O4'"  . A A 1 11 ? 10.449  -6.256  1.460   1.00 0.00 ? 11 A A "O4'"  1 
ATOM 324  C "C3'"  . A A 1 11 ? 10.119  -6.103  3.782   1.00 0.00 ? 11 A A "C3'"  1 
ATOM 325  O "O3'"  . A A 1 11 ? 11.204  -5.265  4.202   1.00 0.00 ? 11 A A "O3'"  1 
ATOM 326  C "C2'"  . A A 1 11 ? 8.928   -5.455  3.102   1.00 0.00 ? 11 A A "C2'"  1 
ATOM 327  O "O2'"  . A A 1 11 ? 8.358   -4.368  3.794   1.00 0.00 ? 11 A A "O2'"  1 
ATOM 328  C "C1'"  . A A 1 11 ? 9.444   -5.275  1.670   1.00 0.00 ? 11 A A "C1'"  1 
ATOM 329  N N9     . A A 1 11 ? 8.467   -5.475  0.588   1.00 0.00 ? 11 A A N9     1 
ATOM 330  C C8     . A A 1 11 ? 7.427   -6.354  0.530   1.00 0.00 ? 11 A A C8     1 
ATOM 331  N N7     . A A 1 11 ? 6.846   -6.425  -0.639  1.00 0.00 ? 11 A A N7     1 
ATOM 332  C C5     . A A 1 11 ? 7.549   -5.485  -1.406  1.00 0.00 ? 11 A A C5     1 
ATOM 333  C C6     . A A 1 11 ? 7.538   -5.063  -2.762  1.00 0.00 ? 11 A A C6     1 
ATOM 334  N N6     . A A 1 11 ? 6.758   -5.493  -3.729  1.00 0.00 ? 11 A A N6     1 
ATOM 335  N N1     . A A 1 11 ? 8.369   -4.118  -3.202  1.00 0.00 ? 11 A A N1     1 
ATOM 336  C C2     . A A 1 11 ? 9.243   -3.633  -2.335  1.00 0.00 ? 11 A A C2     1 
ATOM 337  N N3     . A A 1 11 ? 9.400   -3.936  -1.055  1.00 0.00 ? 11 A A N3     1 
ATOM 338  C C4     . A A 1 11 ? 8.511   -4.877  -0.645  1.00 0.00 ? 11 A A C4     1 
ATOM 339  H "H5'"  . A A 1 11 ? 10.486  -8.807  1.608   1.00 0.00 ? 11 A A "H5'"  1 
ATOM 340  H "H5''" . A A 1 11 ? 10.500  -9.013  3.363   1.00 0.00 ? 11 A A "H5''" 1 
ATOM 341  H "H4'"  . A A 1 11 ? 11.745  -7.066  2.791   1.00 0.00 ? 11 A A "H4'"  1 
ATOM 342  H "H3'"  . A A 1 11 ? 9.705   -6.721  4.558   1.00 0.00 ? 11 A A "H3'"  1 
ATOM 343  H "H2'"  . A A 1 11 ? 8.161   -6.198  3.129   1.00 0.00 ? 11 A A "H2'"  1 
ATOM 344  H "HO2'" . A A 1 11 ? 8.875   -4.225  4.661   1.00 0.00 ? 11 A A "HO2'" 1 
ATOM 345  H "H1'"  . A A 1 11 ? 9.874   -4.295  1.576   1.00 0.00 ? 11 A A "H1'"  1 
ATOM 346  H H8     . A A 1 11 ? 7.183   -6.966  1.382   1.00 0.00 ? 11 A A H8     1 
ATOM 347  H H61    . A A 1 11 ? 6.961   -5.074  -4.612  1.00 0.00 ? 11 A A H61    1 
ATOM 348  H H62    . A A 1 11 ? 5.895   -5.999  -3.524  1.00 0.00 ? 11 A A H62    1 
ATOM 349  H H2     . A A 1 11 ? 9.922   -2.898  -2.718  1.00 0.00 ? 11 A A H2     1 
ATOM 350  P P      . G A 1 12 ? 11.046  -3.967  5.142   1.00 0.00 ? 12 G A P      1 
ATOM 351  O OP1    . G A 1 12 ? 12.270  -3.795  5.950   1.00 0.00 ? 12 G A OP1    1 
ATOM 352  O OP2    . G A 1 12 ? 9.713   -4.062  5.787   1.00 0.00 ? 12 G A OP2    1 
ATOM 353  O "O5'"  . G A 1 12 ? 10.958  -2.779  4.062   1.00 0.00 ? 12 G A "O5'"  1 
ATOM 354  C "C5'"  . G A 1 12 ? 12.084  -2.416  3.282   1.00 0.00 ? 12 G A "C5'"  1 
ATOM 355  C "C4'"  . G A 1 12 ? 11.685  -1.595  2.049   1.00 0.00 ? 12 G A "C4'"  1 
ATOM 356  O "O4'"  . G A 1 12 ? 10.708  -2.303  1.310   1.00 0.00 ? 12 G A "O4'"  1 
ATOM 357  C "C3'"  . G A 1 12 ? 11.096  -0.215  2.314   1.00 0.00 ? 12 G A "C3'"  1 
ATOM 358  O "O3'"  . G A 1 12 ? 12.101  0.778   2.488   1.00 0.00 ? 12 G A "O3'"  1 
ATOM 359  C "C2'"  . G A 1 12 ? 10.307  0.003   1.021   1.00 0.00 ? 12 G A "C2'"  1 
ATOM 360  O "O2'"  . G A 1 12 ? 11.075  0.567   -0.029  1.00 0.00 ? 12 G A "O2'"  1 
ATOM 361  C "C1'"  . G A 1 12 ? 9.883   -1.391  0.610   1.00 0.00 ? 12 G A "C1'"  1 
ATOM 362  N N9     . G A 1 12 ? 8.426   -1.614  0.743   1.00 0.00 ? 12 G A N9     1 
ATOM 363  C C8     . G A 1 12 ? 7.733   -2.182  1.771   1.00 0.00 ? 12 G A C8     1 
ATOM 364  N N7     . G A 1 12 ? 6.471   -2.402  1.524   1.00 0.00 ? 12 G A N7     1 
ATOM 365  C C5     . G A 1 12 ? 6.302   -1.900  0.233   1.00 0.00 ? 12 G A C5     1 
ATOM 366  C C6     . G A 1 12 ? 5.143   -1.843  -0.612  1.00 0.00 ? 12 G A C6     1 
ATOM 367  O O6     . G A 1 12 ? 4.004   -2.248  -0.405  1.00 0.00 ? 12 G A O6     1 
ATOM 368  N N1     . G A 1 12 ? 5.387   -1.234  -1.828  1.00 0.00 ? 12 G A N1     1 
ATOM 369  C C2     . G A 1 12 ? 6.598   -0.740  -2.199  1.00 0.00 ? 12 G A C2     1 
ATOM 370  N N2     . G A 1 12 ? 6.659   -0.109  -3.346  1.00 0.00 ? 12 G A N2     1 
ATOM 371  N N3     . G A 1 12 ? 7.704   -0.793  -1.455  1.00 0.00 ? 12 G A N3     1 
ATOM 372  C C4     . G A 1 12 ? 7.490   -1.387  -0.239  1.00 0.00 ? 12 G A C4     1 
ATOM 373  H "H5'"  . G A 1 12 ? 12.584  -3.323  2.936   1.00 0.00 ? 12 G A "H5'"  1 
ATOM 374  H "H5''" . G A 1 12 ? 12.775  -1.844  3.898   1.00 0.00 ? 12 G A "H5''" 1 
ATOM 375  H "H4'"  . G A 1 12 ? 12.562  -1.457  1.414   1.00 0.00 ? 12 G A "H4'"  1 
ATOM 376  H "H3'"  . G A 1 12 ? 10.419  -0.265  3.168   1.00 0.00 ? 12 G A "H3'"  1 
ATOM 377  H "H2'"  . G A 1 12 ? 9.438   0.611   1.229   1.00 0.00 ? 12 G A "H2'"  1 
ATOM 378  H "HO2'" . G A 1 12 ? 11.158  1.509   0.186   1.00 0.00 ? 12 G A "HO2'" 1 
ATOM 379  H "H1'"  . G A 1 12 ? 10.101  -1.525  -0.440  1.00 0.00 ? 12 G A "H1'"  1 
ATOM 380  H H8     . G A 1 12 ? 8.214   -2.455  2.687   1.00 0.00 ? 12 G A H8     1 
ATOM 381  H H1     . G A 1 12 ? 4.583   -1.108  -2.434  1.00 0.00 ? 12 G A H1     1 
ATOM 382  H H21    . G A 1 12 ? 5.822   0.016   -3.928  1.00 0.00 ? 12 G A H21    1 
ATOM 383  H H22    . G A 1 12 ? 7.540   0.317   -3.555  1.00 0.00 ? 12 G A H22    1 
ATOM 384  P P      . G A 1 13 ? 11.710  2.267   2.938   1.00 0.00 ? 13 G A P      1 
ATOM 385  O OP1    . G A 1 13 ? 12.961  3.025   3.152   1.00 0.00 ? 13 G A OP1    1 
ATOM 386  O OP2    . G A 1 13 ? 10.726  2.136   4.026   1.00 0.00 ? 13 G A OP2    1 
ATOM 387  O "O5'"  . G A 1 13 ? 10.945  2.891   1.653   1.00 0.00 ? 13 G A "O5'"  1 
ATOM 388  C "C5'"  . G A 1 13 ? 11.609  3.696   0.694   1.00 0.00 ? 13 G A "C5'"  1 
ATOM 389  C "C4'"  . G A 1 13 ? 10.609  4.206   -0.356  1.00 0.00 ? 13 G A "C4'"  1 
ATOM 390  O "O4'"  . G A 1 13 ? 9.893   3.127   -0.967  1.00 0.00 ? 13 G A "O4'"  1 
ATOM 391  C "C3'"  . G A 1 13 ? 9.566   5.177   0.210   1.00 0.00 ? 13 G A "C3'"  1 
ATOM 392  O "O3'"  . G A 1 13 ? 9.943   6.550   0.186   1.00 0.00 ? 13 G A "O3'"  1 
ATOM 393  C "C2'"  . G A 1 13 ? 8.467   4.984   -0.822  1.00 0.00 ? 13 G A "C2'"  1 
ATOM 394  O "O2'"  . G A 1 13 ? 8.762   5.771   -1.963  1.00 0.00 ? 13 G A "O2'"  1 
ATOM 395  C "C1'"  . G A 1 13 ? 8.549   3.536   -1.221  1.00 0.00 ? 13 G A "C1'"  1 
ATOM 396  N N9     . G A 1 13 ? 7.555   2.748   -0.476  1.00 0.00 ? 13 G A N9     1 
ATOM 397  C C8     . G A 1 13 ? 7.640   2.254   0.789   1.00 0.00 ? 13 G A C8     1 
ATOM 398  N N7     . G A 1 13 ? 6.599   1.576   1.175   1.00 0.00 ? 13 G A N7     1 
ATOM 399  C C5     . G A 1 13 ? 5.696   1.739   0.119   1.00 0.00 ? 13 G A C5     1 
ATOM 400  C C6     . G A 1 13 ? 4.310   1.381   -0.011  1.00 0.00 ? 13 G A C6     1 
ATOM 401  O O6     . G A 1 13 ? 3.587   0.740   0.745   1.00 0.00 ? 13 G A O6     1 
ATOM 402  N N1     . G A 1 13 ? 3.715   1.919   -1.133  1.00 0.00 ? 13 G A N1     1 
ATOM 403  C C2     . G A 1 13 ? 4.381   2.610   -2.092  1.00 0.00 ? 13 G A C2     1 
ATOM 404  N N2     . G A 1 13 ? 3.662   3.087   -3.082  1.00 0.00 ? 13 G A N2     1 
ATOM 405  N N3     . G A 1 13 ? 5.672   2.932   -2.032  1.00 0.00 ? 13 G A N3     1 
ATOM 406  C C4     . G A 1 13 ? 6.272   2.485   -0.886  1.00 0.00 ? 13 G A C4     1 
ATOM 407  H "H5'"  . G A 1 13 ? 12.391  3.117   0.203   1.00 0.00 ? 13 G A "H5'"  1 
ATOM 408  H "H5''" . G A 1 13 ? 12.066  4.553   1.191   1.00 0.00 ? 13 G A "H5''" 1 
ATOM 409  H "H4'"  . G A 1 13 ? 11.160  4.733   -1.136  1.00 0.00 ? 13 G A "H4'"  1 
ATOM 410  H "H3'"  . G A 1 13 ? 9.236   4.853   1.199   1.00 0.00 ? 13 G A "H3'"  1 
ATOM 411  H "H2'"  . G A 1 13 ? 7.499   5.206   -0.395  1.00 0.00 ? 13 G A "H2'"  1 
ATOM 412  H "HO2'" . G A 1 13 ? 9.275   6.511   -1.601  1.00 0.00 ? 13 G A "HO2'" 1 
ATOM 413  H "H1'"  . G A 1 13 ? 8.264   3.483   -2.264  1.00 0.00 ? 13 G A "H1'"  1 
ATOM 414  H H8     . G A 1 13 ? 8.519   2.431   1.385   1.00 0.00 ? 13 G A H8     1 
ATOM 415  H H1     . G A 1 13 ? 2.706   1.868   -1.180  1.00 0.00 ? 13 G A H1     1 
ATOM 416  H H21    . G A 1 13 ? 2.651   2.912   -3.141  1.00 0.00 ? 13 G A H21    1 
ATOM 417  H H22    . G A 1 13 ? 4.171   3.599   -3.774  1.00 0.00 ? 13 G A H22    1 
ATOM 418  P P      . U A 1 14 ? 9.137   7.652   1.055   1.00 0.00 ? 14 U A P      1 
ATOM 419  O OP1    . U A 1 14 ? 9.651   8.981   0.672   1.00 0.00 ? 14 U A OP1    1 
ATOM 420  O OP2    . U A 1 14 ? 9.179   7.222   2.463   1.00 0.00 ? 14 U A OP2    1 
ATOM 421  O "O5'"  . U A 1 14 ? 7.602   7.539   0.556   1.00 0.00 ? 14 U A "O5'"  1 
ATOM 422  C "C5'"  . U A 1 14 ? 7.145   8.194   -0.617  1.00 0.00 ? 14 U A "C5'"  1 
ATOM 423  C "C4'"  . U A 1 14 ? 5.732   7.752   -1.029  1.00 0.00 ? 14 U A "C4'"  1 
ATOM 424  O "O4'"  . U A 1 14 ? 5.553   6.343   -1.120  1.00 0.00 ? 14 U A "O4'"  1 
ATOM 425  C "C3'"  . U A 1 14 ? 4.639   8.206   -0.077  1.00 0.00 ? 14 U A "C3'"  1 
ATOM 426  O "O3'"  . U A 1 14 ? 4.465   9.615   0.050   1.00 0.00 ? 14 U A "O3'"  1 
ATOM 427  C "C2'"  . U A 1 14 ? 3.464   7.317   -0.502  1.00 0.00 ? 14 U A "C2'"  1 
ATOM 428  O "O2'"  . U A 1 14 ? 2.912   7.603   -1.782  1.00 0.00 ? 14 U A "O2'"  1 
ATOM 429  C "C1'"  . U A 1 14 ? 4.216   6.016   -0.724  1.00 0.00 ? 14 U A "C1'"  1 
ATOM 430  N N1     . U A 1 14 ? 4.175   5.186   0.499   1.00 0.00 ? 14 U A N1     1 
ATOM 431  C C2     . U A 1 14 ? 3.000   4.490   0.786   1.00 0.00 ? 14 U A C2     1 
ATOM 432  O O2     . U A 1 14 ? 1.966   4.662   0.151   1.00 0.00 ? 14 U A O2     1 
ATOM 433  N N3     . U A 1 14 ? 3.020   3.620   1.861   1.00 0.00 ? 14 U A N3     1 
ATOM 434  C C4     . U A 1 14 ? 4.151   3.337   2.617   1.00 0.00 ? 14 U A C4     1 
ATOM 435  O O4     . U A 1 14 ? 4.116   2.552   3.553   1.00 0.00 ? 14 U A O4     1 
ATOM 436  C C5     . U A 1 14 ? 5.301   4.154   2.284   1.00 0.00 ? 14 U A C5     1 
ATOM 437  C C6     . U A 1 14 ? 5.278   5.061   1.290   1.00 0.00 ? 14 U A C6     1 
ATOM 438  H "H5'"  . U A 1 14 ? 7.825   7.995   -1.443  1.00 0.00 ? 14 U A "H5'"  1 
ATOM 439  H "H5''" . U A 1 14 ? 7.145   9.272   -0.445  1.00 0.00 ? 14 U A "H5''" 1 
ATOM 440  H "H4'"  . U A 1 14 ? 5.514   8.192   -2.004  1.00 0.00 ? 14 U A "H4'"  1 
ATOM 441  H "H3'"  . U A 1 14 ? 4.934   7.809   0.902   1.00 0.00 ? 14 U A "H3'"  1 
ATOM 442  H "H2'"  . U A 1 14 ? 2.682   7.244   0.242   1.00 0.00 ? 14 U A "H2'"  1 
ATOM 443  H "HO2'" . U A 1 14 ? 3.086   8.585   -1.997  1.00 0.00 ? 14 U A "HO2'" 1 
ATOM 444  H "H1'"  . U A 1 14 ? 3.702   5.418   -1.439  1.00 0.00 ? 14 U A "H1'"  1 
ATOM 445  H H3     . U A 1 14 ? 2.111   3.286   2.184   1.00 0.00 ? 14 U A H3     1 
ATOM 446  H H5     . U A 1 14 ? 6.206   4.072   2.846   1.00 0.00 ? 14 U A H5     1 
ATOM 447  H H6     . U A 1 14 ? 6.127   5.693   1.110   1.00 0.00 ? 14 U A H6     1 
ATOM 448  P P      . C A 1 15 ? 3.410   10.472  -0.807  1.00 0.00 ? 15 C A P      1 
ATOM 449  O OP1    . C A 1 15 ? 3.428   9.937   -2.190  1.00 0.00 ? 15 C A OP1    1 
ATOM 450  O OP2    . C A 1 15 ? 3.603   11.909  -0.538  1.00 0.00 ? 15 C A OP2    1 
ATOM 451  O "O5'"  . C A 1 15 ? 2.036   9.990   -0.143  1.00 0.00 ? 15 C A "O5'"  1 
ATOM 452  C "C5'"  . C A 1 15 ? 1.845   10.055  1.252   1.00 0.00 ? 15 C A "C5'"  1 
ATOM 453  C "C4'"  . C A 1 15 ? 0.608   9.258   1.654   1.00 0.00 ? 15 C A "C4'"  1 
ATOM 454  O "O4'"  . C A 1 15 ? 0.739   7.849   1.440   1.00 0.00 ? 15 C A "O4'"  1 
ATOM 455  C "C3'"  . C A 1 15 ? 0.344   9.434   3.144   1.00 0.00 ? 15 C A "C3'"  1 
ATOM 456  O "O3'"  . C A 1 15 ? -0.167  10.722  3.454   1.00 0.00 ? 15 C A "O3'"  1 
ATOM 457  C "C2'"  . C A 1 15 ? -0.559  8.226   3.347   1.00 0.00 ? 15 C A "C2'"  1 
ATOM 458  O "O2'"  . C A 1 15 ? -1.848  8.361   2.837   1.00 0.00 ? 15 C A "O2'"  1 
ATOM 459  C "C1'"  . C A 1 15 ? 0.089   7.155   2.501   1.00 0.00 ? 15 C A "C1'"  1 
ATOM 460  N N1     . C A 1 15 ? 1.026   6.359   3.331   1.00 0.00 ? 15 C A N1     1 
ATOM 461  C C2     . C A 1 15 ? 0.480   5.521   4.312   1.00 0.00 ? 15 C A C2     1 
ATOM 462  O O2     . C A 1 15 ? -0.741  5.420   4.407   1.00 0.00 ? 15 C A O2     1 
ATOM 463  N N3     . C A 1 15 ? 1.297   4.849   5.160   1.00 0.00 ? 15 C A N3     1 
ATOM 464  C C4     . C A 1 15 ? 2.602   4.974   5.021   1.00 0.00 ? 15 C A C4     1 
ATOM 465  N N4     . C A 1 15 ? 3.319   4.123   5.702   1.00 0.00 ? 15 C A N4     1 
ATOM 466  C C5     . C A 1 15 ? 3.204   5.786   4.008   1.00 0.00 ? 15 C A C5     1 
ATOM 467  C C6     . C A 1 15 ? 2.382   6.459   3.180   1.00 0.00 ? 15 C A C6     1 
ATOM 468  H "H5'"  . C A 1 15 ? 1.722   11.098  1.546   1.00 0.00 ? 15 C A "H5'"  1 
ATOM 469  H "H5''" . C A 1 15 ? 2.706   9.635   1.773   1.00 0.00 ? 15 C A "H5''" 1 
ATOM 470  H "H4'"  . C A 1 15 ? -0.256  9.626   1.102   1.00 0.00 ? 15 C A "H4'"  1 
ATOM 471  H "H3'"  . C A 1 15 ? 1.264   9.265   3.706   1.00 0.00 ? 15 C A "H3'"  1 
ATOM 472  H "H2'"  . C A 1 15 ? -0.650  7.924   4.382   1.00 0.00 ? 15 C A "H2'"  1 
ATOM 473  H "HO2'" . C A 1 15 ? -2.380  8.216   3.622   1.00 0.00 ? 15 C A "HO2'" 1 
ATOM 474  H "H1'"  . C A 1 15 ? -0.713  6.498   2.172   1.00 0.00 ? 15 C A "H1'"  1 
ATOM 475  H H41    . C A 1 15 ? 2.736   3.502   6.260   1.00 0.00 ? 15 C A H41    1 
ATOM 476  H H42    . C A 1 15 ? 4.030   3.669   5.141   1.00 0.00 ? 15 C A H42    1 
ATOM 477  H H5     . C A 1 15 ? 4.261   5.857   3.820   1.00 0.00 ? 15 C A H5     1 
ATOM 478  H H6     . C A 1 15 ? 2.816   7.024   2.366   1.00 0.00 ? 15 C A H6     1 
ATOM 479  P P      . A A 1 16 ? -1.031  11.028  4.773   1.00 0.00 ? 16 A A P      1 
ATOM 480  O OP1    . A A 1 16 ? -0.829  12.432  5.175   1.00 0.00 ? 16 A A OP1    1 
ATOM 481  O OP2    . A A 1 16 ? -0.854  9.924   5.738   1.00 0.00 ? 16 A A OP2    1 
ATOM 482  O "O5'"  . A A 1 16 ? -2.471  10.872  4.137   1.00 0.00 ? 16 A A "O5'"  1 
ATOM 483  C "C5'"  . A A 1 16 ? -3.657  10.768  4.889   1.00 0.00 ? 16 A A "C5'"  1 
ATOM 484  C "C4'"  . A A 1 16 ? -4.697  10.546  3.825   1.00 0.00 ? 16 A A "C4'"  1 
ATOM 485  O "O4'"  . A A 1 16 ? -4.651  9.198   3.373   1.00 0.00 ? 16 A A "O4'"  1 
ATOM 486  C "C3'"  . A A 1 16 ? -6.069  10.801  4.412   1.00 0.00 ? 16 A A "C3'"  1 
ATOM 487  O "O3'"  . A A 1 16 ? -6.378  12.184  4.546   1.00 0.00 ? 16 A A "O3'"  1 
ATOM 488  C "C2'"  . A A 1 16 ? -6.881  9.948   3.453   1.00 0.00 ? 16 A A "C2'"  1 
ATOM 489  O "O2'"  . A A 1 16 ? -7.137  10.561  2.192   1.00 0.00 ? 16 A A "O2'"  1 
ATOM 490  C "C1'"  . A A 1 16 ? -5.980  8.746   3.218   1.00 0.00 ? 16 A A "C1'"  1 
ATOM 491  N N9     . A A 1 16 ? -6.200  7.684   4.207   1.00 0.00 ? 16 A A N9     1 
ATOM 492  C C8     . A A 1 16 ? -5.293  7.048   5.017   1.00 0.00 ? 16 A A C8     1 
ATOM 493  N N7     . A A 1 16 ? -5.795  5.998   5.619   1.00 0.00 ? 16 A A N7     1 
ATOM 494  C C5     . A A 1 16 ? -7.124  5.954   5.180   1.00 0.00 ? 16 A A C5     1 
ATOM 495  C C6     . A A 1 16 ? -8.229  5.081   5.359   1.00 0.00 ? 16 A A C6     1 
ATOM 496  N N6     . A A 1 16 ? -8.204  3.966   6.064   1.00 0.00 ? 16 A A N6     1 
ATOM 497  N N1     . A A 1 16 ? -9.406  5.341   4.777   1.00 0.00 ? 16 A A N1     1 
ATOM 498  C C2     . A A 1 16 ? -9.469  6.400   3.983   1.00 0.00 ? 16 A A C2     1 
ATOM 499  N N3     . A A 1 16 ? -8.513  7.243   3.650   1.00 0.00 ? 16 A A N3     1 
ATOM 500  C C4     . A A 1 16 ? -7.361  6.978   4.313   1.00 0.00 ? 16 A A C4     1 
ATOM 501  H "H5'"  . A A 1 16 ? -3.852  11.685  5.445   1.00 0.00 ? 16 A A "H5'"  1 
ATOM 502  H "H5''" . A A 1 16 ? -3.724  9.897   5.540   1.00 0.00 ? 16 A A "H5''" 1 
ATOM 503  H "H4'"  . A A 1 16 ? -4.512  11.202  2.988   1.00 0.00 ? 16 A A "H4'"  1 
ATOM 504  H "H3'"  . A A 1 16 ? -6.127  10.338  5.395   1.00 0.00 ? 16 A A "H3'"  1 
ATOM 505  H "H2'"  . A A 1 16 ? -7.777  9.652   3.971   1.00 0.00 ? 16 A A "H2'"  1 
ATOM 506  H "HO2'" . A A 1 16 ? -7.526  11.486  2.376   1.00 0.00 ? 16 A A "HO2'" 1 
ATOM 507  H "H1'"  . A A 1 16 ? -6.214  8.309   2.249   1.00 0.00 ? 16 A A "H1'"  1 
ATOM 508  H H8     . A A 1 16 ? -4.251  7.369   5.069   1.00 0.00 ? 16 A A H8     1 
ATOM 509  H H61    . A A 1 16 ? -8.998  3.357   6.001   1.00 0.00 ? 16 A A H61    1 
ATOM 510  H H62    . A A 1 16 ? -7.352  3.744   6.544   1.00 0.00 ? 16 A A H62    1 
ATOM 511  H H2     . A A 1 16 ? -10.403 6.649   3.526   1.00 0.00 ? 16 A A H2     1 
ATOM 512  P P      . G A 1 17 ? -7.841  12.789  4.266   1.00 0.00 ? 17 G A P      1 
ATOM 513  O OP1    . G A 1 17 ? -8.008  12.749  2.792   1.00 0.00 ? 17 G A OP1    1 
ATOM 514  O OP2    . G A 1 17 ? -7.986  14.056  5.008   1.00 0.00 ? 17 G A OP2    1 
ATOM 515  O "O5'"  . G A 1 17 ? -8.834  11.683  4.874   1.00 0.00 ? 17 G A "O5'"  1 
ATOM 516  C "C5'"  . G A 1 17 ? -8.974  11.447  6.256   1.00 0.00 ? 17 G A "C5'"  1 
ATOM 517  C "C4'"  . G A 1 17 ? -9.741  10.124  6.411   1.00 0.00 ? 17 G A "C4'"  1 
ATOM 518  O "O4'"  . G A 1 17 ? -8.922  8.978   6.179   1.00 0.00 ? 17 G A "O4'"  1 
ATOM 519  C "C3'"  . G A 1 17 ? -10.348 9.924   7.792   1.00 0.00 ? 17 G A "C3'"  1 
ATOM 520  O "O3'"  . G A 1 17 ? -11.756 9.791   7.812   1.00 0.00 ? 17 G A "O3'"  1 
ATOM 521  C "C2'"  . G A 1 17 ? -9.542  8.808   8.413   1.00 0.00 ? 17 G A "C2'"  1 
ATOM 522  O "O2'"  . G A 1 17 ? -10.314 7.984   9.266   1.00 0.00 ? 17 G A "O2'"  1 
ATOM 523  C "C1'"  . G A 1 17 ? -9.123  8.006   7.207   1.00 0.00 ? 17 G A "C1'"  1 
ATOM 524  N N9     . G A 1 17 ? -7.770  7.606   7.633   1.00 0.00 ? 17 G A N9     1 
ATOM 525  C C8     . G A 1 17 ? -6.683  8.431   7.588   1.00 0.00 ? 17 G A C8     1 
ATOM 526  N N7     . G A 1 17 ? -5.595  7.910   8.082   1.00 0.00 ? 17 G A N7     1 
ATOM 527  C C5     . G A 1 17 ? -6.013  6.647   8.525   1.00 0.00 ? 17 G A C5     1 
ATOM 528  C C6     . G A 1 17 ? -5.283  5.551   9.101   1.00 0.00 ? 17 G A C6     1 
ATOM 529  O O6     . G A 1 17 ? -4.079  5.464   9.320   1.00 0.00 ? 17 G A O6     1 
ATOM 530  N N1     . G A 1 17 ? -6.081  4.465   9.435   1.00 0.00 ? 17 G A N1     1 
ATOM 531  C C2     . G A 1 17 ? -7.428  4.453   9.273   1.00 0.00 ? 17 G A C2     1 
ATOM 532  N N2     . G A 1 17 ? -8.058  3.362   9.643   1.00 0.00 ? 17 G A N2     1 
ATOM 533  N N3     . G A 1 17 ? -8.140  5.428   8.709   1.00 0.00 ? 17 G A N3     1 
ATOM 534  C C4     . G A 1 17 ? -7.371  6.495   8.336   1.00 0.00 ? 17 G A C4     1 
ATOM 535  H "H5'"  . G A 1 17 ? -9.545  12.266  6.696   1.00 0.00 ? 17 G A "H5'"  1 
ATOM 536  H "H5''" . G A 1 17 ? -7.999  11.376  6.743   1.00 0.00 ? 17 G A "H5''" 1 
ATOM 537  H "H4'"  . G A 1 17 ? -10.561 10.126  5.691   1.00 0.00 ? 17 G A "H4'"  1 
ATOM 538  H "H3'"  . G A 1 17 ? -9.990  10.780  8.352   1.00 0.00 ? 17 G A "H3'"  1 
ATOM 539  H "H2'"  . G A 1 17 ? -8.708  9.225   8.978   1.00 0.00 ? 17 G A "H2'"  1 
ATOM 540  H "HO2'" . G A 1 17 ? -10.532 8.538   10.036  1.00 0.00 ? 17 G A "HO2'" 1 
ATOM 541  H "H1'"  . G A 1 17 ? -9.763  7.167   6.923   1.00 0.00 ? 17 G A "H1'"  1 
ATOM 542  H H8     . G A 1 17 ? -6.828  9.423   7.163   1.00 0.00 ? 17 G A H8     1 
ATOM 543  H H1     . G A 1 17 ? -5.629  3.642   9.815   1.00 0.00 ? 17 G A H1     1 
ATOM 544  H H21    . G A 1 17 ? -7.571  2.604   10.089  1.00 0.00 ? 17 G A H21    1 
ATOM 545  H H22    . G A 1 17 ? -9.050  3.385   9.497   1.00 0.00 ? 17 G A H22    1 
ATOM 546  P P      . G A 1 18 ? -12.666 10.951  8.453   1.00 0.00 ? 18 G A P      1 
ATOM 547  O OP1    . G A 1 18 ? -14.081 10.605  8.201   1.00 0.00 ? 18 G A OP1    1 
ATOM 548  O OP2    . G A 1 18 ? -12.120 12.249  8.004   1.00 0.00 ? 18 G A OP2    1 
ATOM 549  O "O5'"  . G A 1 18 ? -12.376 10.787  10.032  1.00 0.00 ? 18 G A "O5'"  1 
ATOM 550  C "C5'"  . G A 1 18 ? -11.377 11.538  10.712  1.00 0.00 ? 18 G A "C5'"  1 
ATOM 551  C "C4'"  . G A 1 18 ? -10.776 10.661  11.807  1.00 0.00 ? 18 G A "C4'"  1 
ATOM 552  O "O4'"  . G A 1 18 ? -9.916  9.754   11.148  1.00 0.00 ? 18 G A "O4'"  1 
ATOM 553  C "C3'"  . G A 1 18 ? -9.899  11.440  12.777  1.00 0.00 ? 18 G A "C3'"  1 
ATOM 554  O "O3'"  . G A 1 18 ? -10.640 11.932  13.878  1.00 0.00 ? 18 G A "O3'"  1 
ATOM 555  C "C2'"  . G A 1 18 ? -8.876  10.362  13.160  1.00 0.00 ? 18 G A "C2'"  1 
ATOM 556  O "O2'"  . G A 1 18 ? -9.363  9.491   14.164  1.00 0.00 ? 18 G A "O2'"  1 
ATOM 557  C "C1'"  . G A 1 18 ? -8.709  9.593   11.864  1.00 0.00 ? 18 G A "C1'"  1 
ATOM 558  N N9     . G A 1 18 ? -7.581  10.147  11.092  1.00 0.00 ? 18 G A N9     1 
ATOM 559  C C8     . G A 1 18 ? -7.525  11.246  10.274  1.00 0.00 ? 18 G A C8     1 
ATOM 560  N N7     . G A 1 18 ? -6.365  11.406  9.691   1.00 0.00 ? 18 G A N7     1 
ATOM 561  C C5     . G A 1 18 ? -5.581  10.349  10.184  1.00 0.00 ? 18 G A C5     1 
ATOM 562  C C6     . G A 1 18 ? -4.209  9.957   9.963   1.00 0.00 ? 18 G A C6     1 
ATOM 563  O O6     . G A 1 18 ? -3.332  10.456  9.258   1.00 0.00 ? 18 G A O6     1 
ATOM 564  N N1     . G A 1 18 ? -3.845  8.845   10.699  1.00 0.00 ? 18 G A N1     1 
ATOM 565  C C2     . G A 1 18 ? -4.681  8.150   11.515  1.00 0.00 ? 18 G A C2     1 
ATOM 566  N N2     . G A 1 18 ? -4.217  7.088   12.132  1.00 0.00 ? 18 G A N2     1 
ATOM 567  N N3     . G A 1 18 ? -5.946  8.478   11.747  1.00 0.00 ? 18 G A N3     1 
ATOM 568  C C4     . G A 1 18 ? -6.333  9.587   11.053  1.00 0.00 ? 18 G A C4     1 
ATOM 569  H "H5'"  . G A 1 18 ? -11.791 12.444  11.141  1.00 0.00 ? 18 G A "H5'"  1 
ATOM 570  H "H5''" . G A 1 18 ? -10.579 11.843  10.036  1.00 0.00 ? 18 G A "H5''" 1 
ATOM 571  H "H4'"  . G A 1 18 ? -11.553 10.132  12.359  1.00 0.00 ? 18 G A "H4'"  1 
ATOM 572  H "H3'"  . G A 1 18 ? -9.396  12.255  12.253  1.00 0.00 ? 18 G A "H3'"  1 
ATOM 573  H "H2'"  . G A 1 18 ? -7.937  10.819  13.476  1.00 0.00 ? 18 G A "H2'"  1 
ATOM 574  H "HO2'" . G A 1 18 ? -9.449  10.062  14.952  1.00 0.00 ? 18 G A "HO2'" 1 
ATOM 575  H "H1'"  . G A 1 18 ? -8.494  8.538   12.046  1.00 0.00 ? 18 G A "H1'"  1 
ATOM 576  H H8     . G A 1 18 ? -8.386  11.890  10.126  1.00 0.00 ? 18 G A H8     1 
ATOM 577  H H1     . G A 1 18 ? -2.849  8.709   10.794  1.00 0.00 ? 18 G A H1     1 
ATOM 578  H H21    . G A 1 18 ? -3.364  6.623   11.826  1.00 0.00 ? 18 G A H21    1 
ATOM 579  H H22    . G A 1 18 ? -4.902  6.595   12.674  1.00 0.00 ? 18 G A H22    1 
ATOM 580  P P      . U A 1 19 ? -9.907  12.758  15.034  1.00 0.00 ? 19 U A P      1 
ATOM 581  O OP1    . U A 1 19 ? -10.918 13.337  15.940  1.00 0.00 ? 19 U A OP1    1 
ATOM 582  O OP2    . U A 1 19 ? -8.897  13.618  14.380  1.00 0.00 ? 19 U A OP2    1 
ATOM 583  O "O5'"  . U A 1 19 ? -9.135  11.567  15.807  1.00 0.00 ? 19 U A "O5'"  1 
ATOM 584  C "C5'"  . U A 1 19 ? -7.935  11.842  16.498  1.00 0.00 ? 19 U A "C5'"  1 
ATOM 585  C "C4'"  . U A 1 19 ? -7.003  10.627  16.614  1.00 0.00 ? 19 U A "C4'"  1 
ATOM 586  O "O4'"  . U A 1 19 ? -6.483  10.160  15.374  1.00 0.00 ? 19 U A "O4'"  1 
ATOM 587  C "C3'"  . U A 1 19 ? -5.784  11.124  17.376  1.00 0.00 ? 19 U A "C3'"  1 
ATOM 588  O "O3'"  . U A 1 19 ? -6.021  10.986  18.766  1.00 0.00 ? 19 U A "O3'"  1 
ATOM 589  C "C2'"  . U A 1 19 ? -4.704  10.158  16.934  1.00 0.00 ? 19 U A "C2'"  1 
ATOM 590  O "O2'"  . U A 1 19 ? -4.888  8.973   17.681  1.00 0.00 ? 19 U A "O2'"  1 
ATOM 591  C "C1'"  . U A 1 19 ? -5.071  9.946   15.479  1.00 0.00 ? 19 U A "C1'"  1 
ATOM 592  N N1     . U A 1 19 ? -4.339  10.854  14.552  1.00 0.00 ? 19 U A N1     1 
ATOM 593  C C2     . U A 1 19 ? -2.994  10.581  14.264  1.00 0.00 ? 19 U A C2     1 
ATOM 594  O O2     . U A 1 19 ? -2.323  9.771   14.894  1.00 0.00 ? 19 U A O2     1 
ATOM 595  N N3     . U A 1 19 ? -2.424  11.282  13.217  1.00 0.00 ? 19 U A N3     1 
ATOM 596  C C4     . U A 1 19 ? -3.096  12.145  12.381  1.00 0.00 ? 19 U A C4     1 
ATOM 597  O O4     . U A 1 19 ? -2.512  12.647  11.432  1.00 0.00 ? 19 U A O4     1 
ATOM 598  C C5     . U A 1 19 ? -4.465  12.415  12.771  1.00 0.00 ? 19 U A C5     1 
ATOM 599  C C6     . U A 1 19 ? -5.028  11.814  13.847  1.00 0.00 ? 19 U A C6     1 
ATOM 600  H "H5'"  . U A 1 19 ? -8.185  12.205  17.498  1.00 0.00 ? 19 U A "H5'"  1 
ATOM 601  H "H5''" . U A 1 19 ? -7.389  12.633  15.985  1.00 0.00 ? 19 U A "H5''" 1 
ATOM 602  H "H4'"  . U A 1 19 ? -7.487  9.814   17.153  1.00 0.00 ? 19 U A "H4'"  1 
ATOM 603  H "H3'"  . U A 1 19 ? -5.535  12.134  17.031  1.00 0.00 ? 19 U A "H3'"  1 
ATOM 604  H "H2'"  . U A 1 19 ? -3.689  10.536  17.047  1.00 0.00 ? 19 U A "H2'"  1 
ATOM 605  H "HO2'" . U A 1 19 ? -5.347  9.294   18.477  1.00 0.00 ? 19 U A "HO2'" 1 
ATOM 606  H "H1'"  . U A 1 19 ? -4.779  8.944   15.221  1.00 0.00 ? 19 U A "H1'"  1 
ATOM 607  H H3     . U A 1 19 ? -1.416  11.255  13.085  1.00 0.00 ? 19 U A H3     1 
ATOM 608  H H5     . U A 1 19 ? -5.052  13.103  12.184  1.00 0.00 ? 19 U A H5     1 
ATOM 609  H H6     . U A 1 19 ? -6.042  12.051  14.148  1.00 0.00 ? 19 U A H6     1 
ATOM 610  P P      . C A 1 20 ? -5.530  12.108  19.784  1.00 0.00 ? 20 C A P      1 
ATOM 611  O OP1    . C A 1 20 ? -5.980  11.716  21.134  1.00 0.00 ? 20 C A OP1    1 
ATOM 612  O OP2    . C A 1 20 ? -5.893  13.413  19.200  1.00 0.00 ? 20 C A OP2    1 
ATOM 613  O "O5'"  . C A 1 20 ? -3.947  11.903  19.670  1.00 0.00 ? 20 C A "O5'"  1 
ATOM 614  C "C5'"  . C A 1 20 ? -3.301  10.778  20.233  1.00 0.00 ? 20 C A "C5'"  1 
ATOM 615  C "C4'"  . C A 1 20 ? -1.811  10.776  19.879  1.00 0.00 ? 20 C A "C4'"  1 
ATOM 616  O "O4'"  . C A 1 20 ? -1.564  10.549  18.502  1.00 0.00 ? 20 C A "O4'"  1 
ATOM 617  C "C3'"  . C A 1 20 ? -1.142  12.106  20.207  1.00 0.00 ? 20 C A "C3'"  1 
ATOM 618  O "O3'"  . C A 1 20 ? -0.854  12.155  21.598  1.00 0.00 ? 20 C A "O3'"  1 
ATOM 619  C "C2'"  . C A 1 20 ? 0.118   11.994  19.370  1.00 0.00 ? 20 C A "C2'"  1 
ATOM 620  O "O2'"  . C A 1 20 ? 1.001   11.106  20.023  1.00 0.00 ? 20 C A "O2'"  1 
ATOM 621  C "C1'"  . C A 1 20 ? -0.442  11.340  18.121  1.00 0.00 ? 20 C A "C1'"  1 
ATOM 622  N N1     . C A 1 20 ? -0.843  12.363  17.117  1.00 0.00 ? 20 C A N1     1 
ATOM 623  C C2     . C A 1 20 ? 0.138   12.921  16.296  1.00 0.00 ? 20 C A C2     1 
ATOM 624  O O2     . C A 1 20 ? 1.333   12.751  16.522  1.00 0.00 ? 20 C A O2     1 
ATOM 625  N N3     . C A 1 20 ? -0.224  13.654  15.216  1.00 0.00 ? 20 C A N3     1 
ATOM 626  C C4     . C A 1 20 ? -1.503  13.905  14.989  1.00 0.00 ? 20 C A C4     1 
ATOM 627  N N4     . C A 1 20 ? -1.780  14.541  13.876  1.00 0.00 ? 20 C A N4     1 
ATOM 628  C C5     . C A 1 20 ? -2.533  13.454  15.872  1.00 0.00 ? 20 C A C5     1 
ATOM 629  C C6     . C A 1 20 ? -2.158  12.697  16.922  1.00 0.00 ? 20 C A C6     1 
ATOM 630  H "H5'"  . C A 1 20 ? -3.756  9.857   19.872  1.00 0.00 ? 20 C A "H5'"  1 
ATOM 631  H "H5''" . C A 1 20 ? -3.408  10.821  21.319  1.00 0.00 ? 20 C A "H5''" 1 
ATOM 632  H "H4'"  . C A 1 20 ? -1.322  9.988   20.450  1.00 0.00 ? 20 C A "H4'"  1 
ATOM 633  H "H3'"  . C A 1 20 ? -1.734  12.930  19.793  1.00 0.00 ? 20 C A "H3'"  1 
ATOM 634  H "H2'"  . C A 1 20 ? 0.595   12.943  19.144  1.00 0.00 ? 20 C A "H2'"  1 
ATOM 635  H "HO2'" . C A 1 20 ? 0.758   11.188  20.958  1.00 0.00 ? 20 C A "HO2'" 1 
ATOM 636  H "H1'"  . C A 1 20 ? 0.348   10.742  17.709  1.00 0.00 ? 20 C A "H1'"  1 
ATOM 637  H H41    . C A 1 20 ? -0.992  14.735  13.252  1.00 0.00 ? 20 C A H41    1 
ATOM 638  H H42    . C A 1 20 ? -2.725  14.710  13.591  1.00 0.00 ? 20 C A H42    1 
ATOM 639  H H5     . C A 1 20 ? -3.585  13.632  15.767  1.00 0.00 ? 20 C A H5     1 
ATOM 640  H H6     . C A 1 20 ? -2.916  12.324  17.588  1.00 0.00 ? 20 C A H6     1 
ATOM 641  P P      . C A 1 21 ? -0.732  13.552  22.384  1.00 0.00 ? 21 C A P      1 
ATOM 642  O OP1    . C A 1 21 ? -0.552  13.207  23.809  1.00 0.00 ? 21 C A OP1    1 
ATOM 643  O OP2    . C A 1 21 ? -1.859  14.396  21.952  1.00 0.00 ? 21 C A OP2    1 
ATOM 644  O "O5'"  . C A 1 21 ? 0.623   14.247  21.878  1.00 0.00 ? 21 C A "O5'"  1 
ATOM 645  C "C5'"  . C A 1 21 ? 1.900   13.667  22.059  1.00 0.00 ? 21 C A "C5'"  1 
ATOM 646  C "C4'"  . C A 1 21 ? 2.990   14.568  21.462  1.00 0.00 ? 21 C A "C4'"  1 
ATOM 647  O "O4'"  . C A 1 21 ? 3.039   14.378  20.052  1.00 0.00 ? 21 C A "O4'"  1 
ATOM 648  C "C3'"  . C A 1 21 ? 2.783   16.063  21.715  1.00 0.00 ? 21 C A "C3'"  1 
ATOM 649  O "O3'"  . C A 1 21 ? 3.449   16.448  22.910  1.00 0.00 ? 21 C A "O3'"  1 
ATOM 650  C "C2'"  . C A 1 21 ? 3.545   16.641  20.530  1.00 0.00 ? 21 C A "C2'"  1 
ATOM 651  O "O2'"  . C A 1 21 ? 4.924   16.660  20.850  1.00 0.00 ? 21 C A "O2'"  1 
ATOM 652  C "C1'"  . C A 1 21 ? 3.295   15.629  19.425  1.00 0.00 ? 21 C A "C1'"  1 
ATOM 653  N N1     . C A 1 21 ? 2.173   16.011  18.542  1.00 0.00 ? 21 C A N1     1 
ATOM 654  C C2     . C A 1 21 ? 2.450   16.752  17.389  1.00 0.00 ? 21 C A C2     1 
ATOM 655  O O2     . C A 1 21 ? 3.586   17.151  17.129  1.00 0.00 ? 21 C A O2     1 
ATOM 656  N N3     . C A 1 21 ? 1.454   17.039  16.517  1.00 0.00 ? 21 C A N3     1 
ATOM 657  C C4     . C A 1 21 ? 0.230   16.605  16.768  1.00 0.00 ? 21 C A C4     1 
ATOM 658  N N4     . C A 1 21 ? -0.692  16.993  15.928  1.00 0.00 ? 21 C A N4     1 
ATOM 659  C C5     . C A 1 21 ? -0.082  15.795  17.899  1.00 0.00 ? 21 C A C5     1 
ATOM 660  C C6     . C A 1 21 ? 0.910   15.539  18.769  1.00 0.00 ? 21 C A C6     1 
ATOM 661  H "H5'"  . C A 1 21 ? 1.958   12.681  21.612  1.00 0.00 ? 21 C A "H5'"  1 
ATOM 662  H "H5''" . C A 1 21 ? 2.079   13.576  23.131  1.00 0.00 ? 21 C A "H5''" 1 
ATOM 663  H "H4'"  . C A 1 21 ? 3.957   14.300  21.877  1.00 0.00 ? 21 C A "H4'"  1 
ATOM 664  H "H3'"  . C A 1 21 ? 1.727   16.346  21.676  1.00 0.00 ? 21 C A "H3'"  1 
ATOM 665  H "H2'"  . C A 1 21 ? 3.189   17.631  20.263  1.00 0.00 ? 21 C A "H2'"  1 
ATOM 666  H "HO2'" . C A 1 21 ? 4.913   16.719  21.821  1.00 0.00 ? 21 C A "HO2'" 1 
ATOM 667  H "H1'"  . C A 1 21 ? 4.175   15.595  18.805  1.00 0.00 ? 21 C A "H1'"  1 
ATOM 668  H H41    . C A 1 21 ? -0.349  17.516  15.118  1.00 0.00 ? 21 C A H41    1 
ATOM 669  H H42    . C A 1 21 ? -1.667  16.853  16.118  1.00 0.00 ? 21 C A H42    1 
ATOM 670  H H5     . C A 1 21 ? -1.031  15.362  18.126  1.00 0.00 ? 21 C A H5     1 
ATOM 671  H H6     . C A 1 21 ? 0.695   14.928  19.632  1.00 0.00 ? 21 C A H6     1 
ATOM 672  P P      . G A 1 22 ? 2.976   17.725  23.760  1.00 0.00 ? 22 G A P      1 
ATOM 673  O OP1    . G A 1 22 ? 4.011   17.972  24.788  1.00 0.00 ? 22 G A OP1    1 
ATOM 674  O OP2    . G A 1 22 ? 1.568   17.530  24.138  1.00 0.00 ? 22 G A OP2    1 
ATOM 675  O "O5'"  . G A 1 22 ? 3.056   18.896  22.663  1.00 0.00 ? 22 G A "O5'"  1 
ATOM 676  C "C5'"  . G A 1 22 ? 4.250   19.624  22.444  1.00 0.00 ? 22 G A "C5'"  1 
ATOM 677  C "C4'"  . G A 1 22 ? 4.070   20.609  21.287  1.00 0.00 ? 22 G A "C4'"  1 
ATOM 678  O "O4'"  . G A 1 22 ? 3.831   19.935  20.059  1.00 0.00 ? 22 G A "O4'"  1 
ATOM 679  C "C3'"  . G A 1 22 ? 2.913   21.585  21.520  1.00 0.00 ? 22 G A "C3'"  1 
ATOM 680  O "O3'"  . G A 1 22 ? 3.368   22.730  22.231  1.00 0.00 ? 22 G A "O3'"  1 
ATOM 681  C "C2'"  . G A 1 22 ? 2.598   21.966  20.078  1.00 0.00 ? 22 G A "C2'"  1 
ATOM 682  O "O2'"  . G A 1 22 ? 3.510   22.989  19.705  1.00 0.00 ? 22 G A "O2'"  1 
ATOM 683  C "C1'"  . G A 1 22 ? 2.882   20.676  19.308  1.00 0.00 ? 22 G A "C1'"  1 
ATOM 684  N N9     . G A 1 22 ? 1.641   19.897  19.099  1.00 0.00 ? 22 G A N9     1 
ATOM 685  C C8     . G A 1 22 ? 0.917   19.088  19.942  1.00 0.00 ? 22 G A C8     1 
ATOM 686  N N7     . G A 1 22 ? -0.309  18.881  19.534  1.00 0.00 ? 22 G A N7     1 
ATOM 687  C C5     . G A 1 22 ? -0.378  19.532  18.297  1.00 0.00 ? 22 G A C5     1 
ATOM 688  C C6     . G A 1 22 ? -1.438  19.691  17.326  1.00 0.00 ? 22 G A C6     1 
ATOM 689  O O6     . G A 1 22 ? -2.597  19.297  17.358  1.00 0.00 ? 22 G A O6     1 
ATOM 690  N N1     . G A 1 22 ? -1.012  20.373  16.195  1.00 0.00 ? 22 G A N1     1 
ATOM 691  C C2     . G A 1 22 ? 0.260   20.630  15.946  1.00 0.00 ? 22 G A C2     1 
ATOM 692  N N2     . G A 1 22 ? 0.377   20.952  14.708  1.00 0.00 ? 22 G A N2     1 
ATOM 693  N N3     . G A 1 22 ? 1.276   20.557  16.792  1.00 0.00 ? 22 G A N3     1 
ATOM 694  C C4     . G A 1 22 ? 0.872   20.018  17.977  1.00 0.00 ? 22 G A C4     1 
ATOM 695  H "H5'"  . G A 1 22 ? 5.067   18.942  22.212  1.00 0.00 ? 22 G A "H5'"  1 
ATOM 696  H "H5''" . G A 1 22 ? 4.500   20.179  23.350  1.00 0.00 ? 22 G A "H5''" 1 
ATOM 697  H "H4'"  . G A 1 22 ? 4.985   21.190  21.179  1.00 0.00 ? 22 G A "H4'"  1 
ATOM 698  H "H3'"  . G A 1 22 ? 2.064   21.090  21.995  1.00 0.00 ? 22 G A "H3'"  1 
ATOM 699  H "H2'"  . G A 1 22 ? 1.563   22.293  19.960  1.00 0.00 ? 22 G A "H2'"  1 
ATOM 700  H "HO2'" . G A 1 22 ? 3.717   23.396  20.565  1.00 0.00 ? 22 G A "HO2'" 1 
ATOM 701  H "H1'"  . G A 1 22 ? 3.253   20.959  18.323  1.00 0.00 ? 22 G A "H1'"  1 
ATOM 702  H H8     . G A 1 22 ? 1.316   18.664  20.857  1.00 0.00 ? 22 G A H8     1 
ATOM 703  H H1     . G A 1 22 ? -1.490  20.676  15.340  1.00 0.00 ? 22 G A H1     1 
ATOM 704  H H21    . G A 1 22 ? -0.408  20.799  14.056  1.00 0.00 ? 22 G A H21    1 
ATOM 705  H H22    . G A 1 22 ? 1.279   21.291  14.395  1.00 0.00 ? 22 G A H22    1 
ATOM 706  P P      . G A 1 23 ? 2.386   23.596  23.165  1.00 0.00 ? 23 G A P      1 
ATOM 707  O OP1    . G A 1 23 ? 3.209   24.644  23.801  1.00 0.00 ? 23 G A OP1    1 
ATOM 708  O OP2    . G A 1 23 ? 1.588   22.672  23.991  1.00 0.00 ? 23 G A OP2    1 
ATOM 709  O "O5'"  . G A 1 23 ? 1.420   24.313  22.095  1.00 0.00 ? 23 G A "O5'"  1 
ATOM 710  C "C5'"  . G A 1 23 ? 0.050   23.978  21.973  1.00 0.00 ? 23 G A "C5'"  1 
ATOM 711  C "C4'"  . G A 1 23 ? -0.817  24.910  21.107  1.00 0.00 ? 23 G A "C4'"  1 
ATOM 712  O "O4'"  . G A 1 23 ? -0.210  26.201  21.016  1.00 0.00 ? 23 G A "O4'"  1 
ATOM 713  C "C3'"  . G A 1 23 ? -0.930  24.385  19.676  1.00 0.00 ? 23 G A "C3'"  1 
ATOM 714  O "O3'"  . G A 1 23 ? -1.835  23.307  19.381  1.00 0.00 ? 23 G A "O3'"  1 
ATOM 715  C "C2'"  . G A 1 23 ? -1.154  25.701  18.925  1.00 0.00 ? 23 G A "C2'"  1 
ATOM 716  O "O2'"  . G A 1 23 ? -2.437  26.303  19.057  1.00 0.00 ? 23 G A "O2'"  1 
ATOM 717  C "C1'"  . G A 1 23 ? -0.239  26.634  19.660  1.00 0.00 ? 23 G A "C1'"  1 
ATOM 718  N N9     . G A 1 23 ? 1.132   26.656  19.119  1.00 0.00 ? 23 G A N9     1 
ATOM 719  C C8     . G A 1 23 ? 2.200   25.941  19.561  1.00 0.00 ? 23 G A C8     1 
ATOM 720  N N7     . G A 1 23 ? 3.355   26.383  19.146  1.00 0.00 ? 23 G A N7     1 
ATOM 721  C C5     . G A 1 23 ? 3.010   27.407  18.258  1.00 0.00 ? 23 G A C5     1 
ATOM 722  C C6     . G A 1 23 ? 3.817   28.257  17.425  1.00 0.00 ? 23 G A C6     1 
ATOM 723  O O6     . G A 1 23 ? 5.039   28.344  17.336  1.00 0.00 ? 23 G A O6     1 
ATOM 724  N N1     . G A 1 23 ? 3.072   29.091  16.610  1.00 0.00 ? 23 G A N1     1 
ATOM 725  C C2     . G A 1 23 ? 1.706   29.131  16.616  1.00 0.00 ? 23 G A C2     1 
ATOM 726  N N2     . G A 1 23 ? 1.114   29.959  15.786  1.00 0.00 ? 23 G A N2     1 
ATOM 727  N N3     . G A 1 23 ? 0.926   28.399  17.412  1.00 0.00 ? 23 G A N3     1 
ATOM 728  C C4     . G A 1 23 ? 1.639   27.541  18.200  1.00 0.00 ? 23 G A C4     1 
ATOM 729  H "H5'"  . G A 1 23 ? -0.326  24.058  22.969  1.00 0.00 ? 23 G A "H5'"  1 
ATOM 730  H "H5''" . G A 1 23 ? -0.032  22.959  21.600  1.00 0.00 ? 23 G A "H5''" 1 
ATOM 731  H "H4'"  . G A 1 23 ? -1.817  24.997  21.533  1.00 0.00 ? 23 G A "H4'"  1 
ATOM 732  H "H3'"  . G A 1 23 ? 0.065   24.027  19.424  1.00 0.00 ? 23 G A "H3'"  1 
ATOM 733  H "H2'"  . G A 1 23 ? -0.823  25.639  17.900  1.00 0.00 ? 23 G A "H2'"  1 
ATOM 734  H "HO2'" . G A 1 23 ? -3.062  25.633  19.501  1.00 0.00 ? 23 G A "HO2'" 1 
ATOM 735  H "H1'"  . G A 1 23 ? -0.645  27.616  19.518  1.00 0.00 ? 23 G A "H1'"  1 
ATOM 736  H H8     . G A 1 23 ? 2.029   25.110  20.223  1.00 0.00 ? 23 G A H8     1 
ATOM 737  H H1     . G A 1 23 ? 3.608   29.669  15.996  1.00 0.00 ? 23 G A H1     1 
ATOM 738  H H21    . G A 1 23 ? 1.614   30.526  15.127  1.00 0.00 ? 23 G A H21    1 
ATOM 739  H H22    . G A 1 23 ? 0.111   29.924  15.829  1.00 0.00 ? 23 G A H22    1 
ATOM 740  P P      . A A 1 24 ? -3.453  23.424  19.281  1.00 0.00 ? 24 A A P      1 
ATOM 741  O OP1    . A A 1 24 ? -3.830  24.606  20.093  1.00 0.00 ? 24 A A OP1    1 
ATOM 742  O OP2    . A A 1 24 ? -4.061  22.111  19.562  1.00 0.00 ? 24 A A OP2    1 
ATOM 743  O "O5'"  . A A 1 24 ? -3.811  23.834  17.756  1.00 0.00 ? 24 A A "O5'"  1 
ATOM 744  C "C5'"  . A A 1 24 ? -3.424  23.092  16.605  1.00 0.00 ? 24 A A "C5'"  1 
ATOM 745  C "C4'"  . A A 1 24 ? -2.998  24.116  15.534  1.00 0.00 ? 24 A A "C4'"  1 
ATOM 746  O "O4'"  . A A 1 24 ? -2.094  25.018  16.147  1.00 0.00 ? 24 A A "O4'"  1 
ATOM 747  C "C3'"  . A A 1 24 ? -2.245  23.589  14.307  1.00 0.00 ? 24 A A "C3'"  1 
ATOM 748  O "O3'"  . A A 1 24 ? -3.091  23.082  13.294  1.00 0.00 ? 24 A A "O3'"  1 
ATOM 749  C "C2'"  . A A 1 24 ? -1.482  24.830  13.924  1.00 0.00 ? 24 A A "C2'"  1 
ATOM 750  O "O2'"  . A A 1 24 ? -2.262  25.747  13.180  1.00 0.00 ? 24 A A "O2'"  1 
ATOM 751  C "C1'"  . A A 1 24 ? -1.083  25.399  15.246  1.00 0.00 ? 24 A A "C1'"  1 
ATOM 752  N N9     . A A 1 24 ? 0.116   24.709  15.791  1.00 0.00 ? 24 A A N9     1 
ATOM 753  C C8     . A A 1 24 ? 0.210   23.805  16.819  1.00 0.00 ? 24 A A C8     1 
ATOM 754  N N7     . A A 1 24 ? 1.405   23.621  17.293  1.00 0.00 ? 24 A A N7     1 
ATOM 755  C C5     . A A 1 24 ? 2.179   24.404  16.454  1.00 0.00 ? 24 A A C5     1 
ATOM 756  C C6     . A A 1 24 ? 3.548   24.715  16.399  1.00 0.00 ? 24 A A C6     1 
ATOM 757  N N6     . A A 1 24 ? 4.429   24.284  17.282  1.00 0.00 ? 24 A A N6     1 
ATOM 758  N N1     . A A 1 24 ? 4.004   25.560  15.474  1.00 0.00 ? 24 A A N1     1 
ATOM 759  C C2     . A A 1 24 ? 3.114   26.075  14.634  1.00 0.00 ? 24 A A C2     1 
ATOM 760  N N3     . A A 1 24 ? 1.806   25.923  14.585  1.00 0.00 ? 24 A A N3     1 
ATOM 761  C C4     . A A 1 24 ? 1.402   25.058  15.538  1.00 0.00 ? 24 A A C4     1 
ATOM 762  H "H5'"  . A A 1 24 ? -4.261  22.495  16.241  1.00 0.00 ? 24 A A "H5'"  1 
ATOM 763  H "H5''" . A A 1 24 ? -2.602  22.421  16.842  1.00 0.00 ? 24 A A "H5''" 1 
ATOM 764  H "H4'"  . A A 1 24 ? -3.859  24.665  15.170  1.00 0.00 ? 24 A A "H4'"  1 
ATOM 765  H "H3'"  . A A 1 24 ? -1.421  22.921  14.523  1.00 0.00 ? 24 A A "H3'"  1 
ATOM 766  H "H2'"  . A A 1 24 ? -0.565  24.616  13.449  1.00 0.00 ? 24 A A "H2'"  1 
ATOM 767  H "HO2'" . A A 1 24 ? -2.563  25.258  12.402  1.00 0.00 ? 24 A A "HO2'" 1 
ATOM 768  H "H1'"  . A A 1 24 ? -0.825  26.436  15.106  1.00 0.00 ? 24 A A "H1'"  1 
ATOM 769  H H8     . A A 1 24 ? -0.655  23.428  17.327  1.00 0.00 ? 24 A A H8     1 
ATOM 770  H H61    . A A 1 24 ? 5.320   24.740  17.257  1.00 0.00 ? 24 A A H61    1 
ATOM 771  H H62    . A A 1 24 ? 4.018   23.874  18.126  1.00 0.00 ? 24 A A H62    1 
ATOM 772  H H2     . A A 1 24 ? 3.462   26.666  13.830  1.00 0.00 ? 24 A A H2     1 
ATOM 773  P P      . A A 1 25 ? -2.912  21.577  12.755  1.00 0.00 ? 25 A A P      1 
ATOM 774  O OP1    . A A 1 25 ? -4.222  21.088  12.281  1.00 0.00 ? 25 A A OP1    1 
ATOM 775  O OP2    . A A 1 25 ? -2.137  20.821  13.762  1.00 0.00 ? 25 A A OP2    1 
ATOM 776  O "O5'"  . A A 1 25 ? -1.956  21.814  11.499  1.00 0.00 ? 25 A A "O5'"  1 
ATOM 777  C "C5'"  . A A 1 25 ? -2.430  22.472  10.339  1.00 0.00 ? 25 A A "C5'"  1 
ATOM 778  C "C4'"  . A A 1 25 ? -1.455  23.560  9.889   1.00 0.00 ? 25 A A "C4'"  1 
ATOM 779  O "O4'"  . A A 1 25 ? -0.929  24.172  11.059  1.00 0.00 ? 25 A A "O4'"  1 
ATOM 780  C "C3'"  . A A 1 25 ? -0.239  23.030  9.141   1.00 0.00 ? 25 A A "C3'"  1 
ATOM 781  O "O3'"  . A A 1 25 ? -0.412  22.620  7.786   1.00 0.00 ? 25 A A "O3'"  1 
ATOM 782  C "C2'"  . A A 1 25 ? 0.771   24.155  9.423   1.00 0.00 ? 25 A A "C2'"  1 
ATOM 783  O "O2'"  . A A 1 25 ? 0.521   25.335  8.669   1.00 0.00 ? 25 A A "O2'"  1 
ATOM 784  C "C1'"  . A A 1 25 ? 0.458   24.399  10.878  1.00 0.00 ? 25 A A "C1'"  1 
ATOM 785  N N9     . A A 1 25 ? 1.409   23.746  11.760  1.00 0.00 ? 25 A A N9     1 
ATOM 786  C C8     . A A 1 25 ? 1.094   22.984  12.815  1.00 0.00 ? 25 A A C8     1 
ATOM 787  N N7     . A A 1 25 ? 2.105   22.597  13.533  1.00 0.00 ? 25 A A N7     1 
ATOM 788  C C5     . A A 1 25 ? 3.158   23.272  12.967  1.00 0.00 ? 25 A A C5     1 
ATOM 789  C C6     . A A 1 25 ? 4.503   23.375  13.323  1.00 0.00 ? 25 A A C6     1 
ATOM 790  N N6     . A A 1 25 ? 5.018   22.597  14.257  1.00 0.00 ? 25 A A N6     1 
ATOM 791  N N1     . A A 1 25 ? 5.276   24.297  12.738  1.00 0.00 ? 25 A A N1     1 
ATOM 792  C C2     . A A 1 25 ? 4.706   25.080  11.821  1.00 0.00 ? 25 A A C2     1 
ATOM 793  N N3     . A A 1 25 ? 3.463   25.043  11.345  1.00 0.00 ? 25 A A N3     1 
ATOM 794  C C4     . A A 1 25 ? 2.728   24.081  11.958  1.00 0.00 ? 25 A A C4     1 
ATOM 795  H "H5'"  . A A 1 25 ? -3.404  22.925  10.527  1.00 0.00 ? 25 A A "H5'"  1 
ATOM 796  H "H5''" . A A 1 25 ? -2.512  21.733  9.557   1.00 0.00 ? 25 A A "H5''" 1 
ATOM 797  H "H4'"  . A A 1 25 ? -1.958  24.297  9.262   1.00 0.00 ? 25 A A "H4'"  1 
ATOM 798  H "H3'"  . A A 1 25 ? 0.002   22.143  9.701   1.00 0.00 ? 25 A A "H3'"  1 
ATOM 799  H "H2'"  . A A 1 25 ? 1.800   23.817  9.327   1.00 0.00 ? 25 A A "H2'"  1 
ATOM 800  H "HO2'" . A A 1 25 ? 0.509   25.057  7.690   1.00 0.00 ? 25 A A "HO2'" 1 
ATOM 801  H "H1'"  . A A 1 25 ? 0.657   25.356  11.212  1.00 0.00 ? 25 A A "H1'"  1 
ATOM 802  H H8     . A A 1 25 ? 0.053   22.828  13.002  1.00 0.00 ? 25 A A H8     1 
ATOM 803  H H61    . A A 1 25 ? 5.983   22.740  14.486  1.00 0.00 ? 25 A A H61    1 
ATOM 804  H H62    . A A 1 25 ? 4.432   21.884  14.664  1.00 0.00 ? 25 A A H62    1 
ATOM 805  H H2     . A A 1 25 ? 5.282   25.909  11.452  1.00 0.00 ? 25 A A H2     1 
ATOM 806  P P      . G A 1 26 ? 0.630   22.984  6.597   1.00 0.00 ? 26 G A P      1 
ATOM 807  O OP1    . G A 1 26 ? 0.487   24.447  6.396   1.00 0.00 ? 26 G A OP1    1 
ATOM 808  O OP2    . G A 1 26 ? 0.406   22.050  5.478   1.00 0.00 ? 26 G A OP2    1 
ATOM 809  O "O5'"  . G A 1 26 ? 2.124   22.756  7.178   1.00 0.00 ? 26 G A "O5'"  1 
ATOM 810  C "C5'"  . G A 1 26 ? 2.689   21.487  7.443   1.00 0.00 ? 26 G A "C5'"  1 
ATOM 811  C "C4'"  . G A 1 26 ? 4.042   21.665  8.169   1.00 0.00 ? 26 G A "C4'"  1 
ATOM 812  O "O4'"  . G A 1 26 ? 3.914   22.308  9.442   1.00 0.00 ? 26 G A "O4'"  1 
ATOM 813  C "C3'"  . G A 1 26 ? 4.670   20.295  8.409   1.00 0.00 ? 26 G A "C3'"  1 
ATOM 814  O "O3'"  . G A 1 26 ? 5.740   19.925  7.556   1.00 0.00 ? 26 G A "O3'"  1 
ATOM 815  C "C2'"  . G A 1 26 ? 5.326   20.523  9.774   1.00 0.00 ? 26 G A "C2'"  1 
ATOM 816  O "O2'"  . G A 1 26 ? 6.554   21.208  9.598   1.00 0.00 ? 26 G A "O2'"  1 
ATOM 817  C "C1'"  . G A 1 26 ? 4.360   21.435  10.477  1.00 0.00 ? 26 G A "C1'"  1 
ATOM 818  N N9     . G A 1 26 ? 3.226   20.701  11.066  1.00 0.00 ? 26 G A N9     1 
ATOM 819  C C8     . G A 1 26 ? 1.945   20.796  10.645  1.00 0.00 ? 26 G A C8     1 
ATOM 820  N N7     . G A 1 26 ? 1.085   20.058  11.275  1.00 0.00 ? 26 G A N7     1 
ATOM 821  C C5     . G A 1 26 ? 1.863   19.474  12.276  1.00 0.00 ? 26 G A C5     1 
ATOM 822  C C6     . G A 1 26 ? 1.489   18.623  13.367  1.00 0.00 ? 26 G A C6     1 
ATOM 823  O O6     . G A 1 26 ? 0.398   18.127  13.632  1.00 0.00 ? 26 G A O6     1 
ATOM 824  N N1     . G A 1 26 ? 2.517   18.411  14.261  1.00 0.00 ? 26 G A N1     1 
ATOM 825  C C2     . G A 1 26 ? 3.768   18.931  14.125  1.00 0.00 ? 26 G A C2     1 
ATOM 826  N N2     . G A 1 26 ? 4.624   18.676  15.089  1.00 0.00 ? 26 G A N2     1 
ATOM 827  N N3     . G A 1 26 ? 4.172   19.686  13.100  1.00 0.00 ? 26 G A N3     1 
ATOM 828  C C4     . G A 1 26 ? 3.167   19.928  12.203  1.00 0.00 ? 26 G A C4     1 
ATOM 829  H "H5'"  . G A 1 26 ? 2.856   20.937  6.526   1.00 0.00 ? 26 G A "H5'"  1 
ATOM 830  H "H5''" . G A 1 26 ? 2.003   20.882  8.028   1.00 0.00 ? 26 G A "H5''" 1 
ATOM 831  H "H4'"  . G A 1 26 ? 4.719   22.237  7.545   1.00 0.00 ? 26 G A "H4'"  1 
ATOM 832  H "H3'"  . G A 1 26 ? 3.878   19.550  8.456   1.00 0.00 ? 26 G A "H3'"  1 
ATOM 833  H "H2'"  . G A 1 26 ? 5.479   19.608  10.325  1.00 0.00 ? 26 G A "H2'"  1 
ATOM 834  H "HO2'" . G A 1 26 ? 6.804   20.968  8.692   1.00 0.00 ? 26 G A "HO2'" 1 
ATOM 835  H "H1'"  . G A 1 26 ? 4.873   21.961  11.263  1.00 0.00 ? 26 G A "H1'"  1 
ATOM 836  H H8     . G A 1 26 ? 1.752   21.500  9.864   1.00 0.00 ? 26 G A H8     1 
ATOM 837  H H1     . G A 1 26 ? 2.254   17.904  15.100  1.00 0.00 ? 26 G A H1     1 
ATOM 838  H H21    . G A 1 26 ? 4.326   18.100  15.886  1.00 0.00 ? 26 G A H21    1 
ATOM 839  H H22    . G A 1 26 ? 5.545   19.055  14.997  1.00 0.00 ? 26 G A H22    1 
ATOM 840  P P      . G A 1 27 ? 5.948   18.371  7.201   1.00 0.00 ? 27 G A P      1 
ATOM 841  O OP1    . G A 1 27 ? 7.006   18.286  6.175   1.00 0.00 ? 27 G A OP1    1 
ATOM 842  O OP2    . G A 1 27 ? 4.613   17.795  6.947   1.00 0.00 ? 27 G A OP2    1 
ATOM 843  O "O5'"  . G A 1 27 ? 6.523   17.732  8.560   1.00 0.00 ? 27 G A "O5'"  1 
ATOM 844  C "C5'"  . G A 1 27 ? 7.763   18.104  9.129   1.00 0.00 ? 27 G A "C5'"  1 
ATOM 845  C "C4'"  . G A 1 27 ? 7.848   17.566  10.563  1.00 0.00 ? 27 G A "C4'"  1 
ATOM 846  O "O4'"  . G A 1 27 ? 6.800   18.070  11.396  1.00 0.00 ? 27 G A "O4'"  1 
ATOM 847  C "C3'"  . G A 1 27 ? 7.798   16.039  10.621  1.00 0.00 ? 27 G A "C3'"  1 
ATOM 848  O "O3'"  . G A 1 27 ? 9.109   15.477  10.669  1.00 0.00 ? 27 G A "O3'"  1 
ATOM 849  C "C2'"  . G A 1 27 ? 7.114   15.826  11.964  1.00 0.00 ? 27 G A "C2'"  1 
ATOM 850  O "O2'"  . G A 1 27 ? 8.111   15.912  12.959  1.00 0.00 ? 27 G A "O2'"  1 
ATOM 851  C "C1'"  . G A 1 27 ? 6.198   17.015  12.142  1.00 0.00 ? 27 G A "C1'"  1 
ATOM 852  N N9     . G A 1 27 ? 4.792   16.726  11.766  1.00 0.00 ? 27 G A N9     1 
ATOM 853  C C8     . G A 1 27 ? 4.012   17.193  10.733  1.00 0.00 ? 27 G A C8     1 
ATOM 854  N N7     . G A 1 27 ? 2.773   16.781  10.775  1.00 0.00 ? 27 G A N7     1 
ATOM 855  C C5     . G A 1 27 ? 2.704   16.023  11.948  1.00 0.00 ? 27 G A C5     1 
ATOM 856  C C6     . G A 1 27 ? 1.604   15.367  12.607  1.00 0.00 ? 27 G A C6     1 
ATOM 857  O O6     . G A 1 27 ? 0.429   15.243  12.267  1.00 0.00 ? 27 G A O6     1 
ATOM 858  N N1     . G A 1 27 ? 1.958   14.804  13.818  1.00 0.00 ? 27 G A N1     1 
ATOM 859  C C2     . G A 1 27 ? 3.207   14.860  14.354  1.00 0.00 ? 27 G A C2     1 
ATOM 860  N N2     . G A 1 27 ? 3.411   14.231  15.488  1.00 0.00 ? 27 G A N2     1 
ATOM 861  N N3     . G A 1 27 ? 4.248   15.452  13.773  1.00 0.00 ? 27 G A N3     1 
ATOM 862  C C4     . G A 1 27 ? 3.933   16.015  12.569  1.00 0.00 ? 27 G A C4     1 
ATOM 863  H "H5'"  . G A 1 27 ? 7.871   19.184  9.146   1.00 0.00 ? 27 G A "H5'"  1 
ATOM 864  H "H5''" . G A 1 27 ? 8.572   17.684  8.529   1.00 0.00 ? 27 G A "H5''" 1 
ATOM 865  H "H4'"  . G A 1 27 ? 8.796   17.884  10.995  1.00 0.00 ? 27 G A "H4'"  1 
ATOM 866  H "H3'"  . G A 1 27 ? 7.189   15.639  9.808   1.00 0.00 ? 27 G A "H3'"  1 
ATOM 867  H "H2'"  . G A 1 27 ? 6.579   14.883  12.001  1.00 0.00 ? 27 G A "H2'"  1 
ATOM 868  H "HO2'" . G A 1 27 ? 8.908   15.672  12.457  1.00 0.00 ? 27 G A "HO2'" 1 
ATOM 869  H "H1'"  . G A 1 27 ? 6.183   17.211  13.214  1.00 0.00 ? 27 G A "H1'"  1 
ATOM 870  H H8     . G A 1 27 ? 4.356   17.887  9.980   1.00 0.00 ? 27 G A H8     1 
ATOM 871  H H1     . G A 1 27 ? 1.215   14.350  14.335  1.00 0.00 ? 27 G A H1     1 
ATOM 872  H H21    . G A 1 27 ? 2.669   13.662  15.912  1.00 0.00 ? 27 G A H21    1 
ATOM 873  H H22    . G A 1 27 ? 4.330   14.318  15.872  1.00 0.00 ? 27 G A H22    1 
ATOM 874  P P      . A A 1 28 ? 9.388   14.001  10.092  1.00 0.00 ? 28 A A P      1 
ATOM 875  O OP1    . A A 1 28 ? 10.811  13.699  10.347  1.00 0.00 ? 28 A A OP1    1 
ATOM 876  O OP2    . A A 1 28 ? 8.844   13.925  8.724   1.00 0.00 ? 28 A A OP2    1 
ATOM 877  O "O5'"  . A A 1 28 ? 8.492   13.090  11.069  1.00 0.00 ? 28 A A "O5'"  1 
ATOM 878  C "C5'"  . A A 1 28 ? 8.886   12.855  12.410  1.00 0.00 ? 28 A A "C5'"  1 
ATOM 879  C "C4'"  . A A 1 28 ? 7.790   12.169  13.227  1.00 0.00 ? 28 A A "C4'"  1 
ATOM 880  O "O4'"  . A A 1 28 ? 6.621   12.956  13.416  1.00 0.00 ? 28 A A "O4'"  1 
ATOM 881  C "C3'"  . A A 1 28 ? 7.324   10.852  12.644  1.00 0.00 ? 28 A A "C3'"  1 
ATOM 882  O "O3'"  . A A 1 28 ? 8.291   9.842   12.871  1.00 0.00 ? 28 A A "O3'"  1 
ATOM 883  C "C2'"  . A A 1 28 ? 6.017   10.655  13.415  1.00 0.00 ? 28 A A "C2'"  1 
ATOM 884  O "O2'"  . A A 1 28 ? 6.257   10.084  14.688  1.00 0.00 ? 28 A A "O2'"  1 
ATOM 885  C "C1'"  . A A 1 28 ? 5.500   12.089  13.540  1.00 0.00 ? 28 A A "C1'"  1 
ATOM 886  N N9     . A A 1 28 ? 4.421   12.332  12.555  1.00 0.00 ? 28 A A N9     1 
ATOM 887  C C8     . A A 1 28 ? 4.455   12.998  11.353  1.00 0.00 ? 28 A A C8     1 
ATOM 888  N N7     . A A 1 28 ? 3.301   13.040  10.741  1.00 0.00 ? 28 A A N7     1 
ATOM 889  C C5     . A A 1 28 ? 2.432   12.383  11.620  1.00 0.00 ? 28 A A C5     1 
ATOM 890  C C6     . A A 1 28 ? 1.037   12.150  11.651  1.00 0.00 ? 28 A A C6     1 
ATOM 891  N N6     . A A 1 28 ? 0.204   12.536  10.701  1.00 0.00 ? 28 A A N6     1 
ATOM 892  N N1     . A A 1 28 ? 0.455   11.575  12.715  1.00 0.00 ? 28 A A N1     1 
ATOM 893  C C2     . A A 1 28 ? 1.240   11.221  13.725  1.00 0.00 ? 28 A A C2     1 
ATOM 894  N N3     . A A 1 28 ? 2.562   11.347  13.825  1.00 0.00 ? 28 A A N3     1 
ATOM 895  C C4     . A A 1 28 ? 3.106   11.954  12.731  1.00 0.00 ? 28 A A C4     1 
ATOM 896  H "H5'"  . A A 1 28 ? 9.175   13.775  12.904  1.00 0.00 ? 28 A A "H5'"  1 
ATOM 897  H "H5''" . A A 1 28 ? 9.760   12.204  12.396  1.00 0.00 ? 28 A A "H5''" 1 
ATOM 898  H "H4'"  . A A 1 28 ? 8.199   11.949  14.213  1.00 0.00 ? 28 A A "H4'"  1 
ATOM 899  H "H3'"  . A A 1 28 ? 7.105   10.985  11.582  1.00 0.00 ? 28 A A "H3'"  1 
ATOM 900  H "H2'"  . A A 1 28 ? 5.331   10.028  12.845  1.00 0.00 ? 28 A A "H2'"  1 
ATOM 901  H "HO2'" . A A 1 28 ? 6.581   9.181   14.507  1.00 0.00 ? 28 A A "HO2'" 1 
ATOM 902  H "H1'"  . A A 1 28 ? 5.066   12.240  14.526  1.00 0.00 ? 28 A A "H1'"  1 
ATOM 903  H H8     . A A 1 28 ? 5.343   13.477  10.956  1.00 0.00 ? 28 A A H8     1 
ATOM 904  H H61    . A A 1 28 ? -0.795  12.478  10.902  1.00 0.00 ? 28 A A H61    1 
ATOM 905  H H62    . A A 1 28 ? 0.572   13.064  9.929   1.00 0.00 ? 28 A A H62    1 
ATOM 906  H H2     . A A 1 28 ? 0.724   10.811  14.586  1.00 0.00 ? 28 A A H2     1 
ATOM 907  P P      . A A 1 29 ? 8.032   8.347   12.387  1.00 0.00 ? 29 A A P      1 
ATOM 908  O OP1    . A A 1 29 ? 9.327   7.654   12.242  1.00 0.00 ? 29 A A OP1    1 
ATOM 909  O OP2    . A A 1 29 ? 7.080   8.409   11.259  1.00 0.00 ? 29 A A OP2    1 
ATOM 910  O "O5'"  . A A 1 29 ? 7.253   7.691   13.633  1.00 0.00 ? 29 A A "O5'"  1 
ATOM 911  C "C5'"  . A A 1 29 ? 6.550   6.473   13.438  1.00 0.00 ? 29 A A "C5'"  1 
ATOM 912  C "C4'"  . A A 1 29 ? 5.175   6.531   14.101  1.00 0.00 ? 29 A A "C4'"  1 
ATOM 913  O "O4'"  . A A 1 29 ? 4.576   7.804   13.883  1.00 0.00 ? 29 A A "O4'"  1 
ATOM 914  C "C3'"  . A A 1 29 ? 4.206   5.508   13.508  1.00 0.00 ? 29 A A "C3'"  1 
ATOM 915  O "O3'"  . A A 1 29 ? 4.305   4.195   14.042  1.00 0.00 ? 29 A A "O3'"  1 
ATOM 916  C "C2'"  . A A 1 29 ? 2.885   6.172   13.862  1.00 0.00 ? 29 A A "C2'"  1 
ATOM 917  O "O2'"  . A A 1 29 ? 2.456   5.836   15.170  1.00 0.00 ? 29 A A "O2'"  1 
ATOM 918  C "C1'"  . A A 1 29 ? 3.180   7.653   13.730  1.00 0.00 ? 29 A A "C1'"  1 
ATOM 919  N N9     . A A 1 29 ? 2.663   8.183   12.447  1.00 0.00 ? 29 A A N9     1 
ATOM 920  C C8     . A A 1 29 ? 3.318   8.654   11.337  1.00 0.00 ? 29 A A C8     1 
ATOM 921  N N7     . A A 1 29 ? 2.519   9.110   10.403  1.00 0.00 ? 29 A A N7     1 
ATOM 922  C C5     . A A 1 29 ? 1.237   8.887   10.924  1.00 0.00 ? 29 A A C5     1 
ATOM 923  C C6     . A A 1 29 ? -0.097  9.111   10.488  1.00 0.00 ? 29 A A C6     1 
ATOM 924  N N6     . A A 1 29 ? -0.474  9.674   9.348   1.00 0.00 ? 29 A A N6     1 
ATOM 925  N N1     . A A 1 29 ? -1.120  8.750   11.267  1.00 0.00 ? 29 A A N1     1 
ATOM 926  C C2     . A A 1 29 ? -0.868  8.230   12.460  1.00 0.00 ? 29 A A C2     1 
ATOM 927  N N3     . A A 1 29 ? 0.312   7.975   12.999  1.00 0.00 ? 29 A A N3     1 
ATOM 928  C C4     . A A 1 29 ? 1.331   8.327   12.169  1.00 0.00 ? 29 A A C4     1 
ATOM 929  H "H5'"  . A A 1 29 ? 7.124   5.639   13.843  1.00 0.00 ? 29 A A "H5'"  1 
ATOM 930  H "H5''" . A A 1 29 ? 6.404   6.298   12.370  1.00 0.00 ? 29 A A "H5''" 1 
ATOM 931  H "H4'"  . A A 1 29 ? 5.266   6.359   15.173  1.00 0.00 ? 29 A A "H4'"  1 
ATOM 932  H "H3'"  . A A 1 29 ? 4.321   5.496   12.422  1.00 0.00 ? 29 A A "H3'"  1 
ATOM 933  H "H2'"  . A A 1 29 ? 2.135   5.901   13.138  1.00 0.00 ? 29 A A "H2'"  1 
ATOM 934  H "HO2'" . A A 1 29 ? 2.304   4.878   15.139  1.00 0.00 ? 29 A A "HO2'" 1 
ATOM 935  H "H1'"  . A A 1 29 ? 2.648   8.158   14.528  1.00 0.00 ? 29 A A "H1'"  1 
ATOM 936  H H8     . A A 1 29 ? 4.396   8.649   11.266  1.00 0.00 ? 29 A A H8     1 
ATOM 937  H H61    . A A 1 29 ? -1.467  9.871   9.227   1.00 0.00 ? 29 A A H61    1 
ATOM 938  H H62    . A A 1 29 ? 0.211   9.992   8.684   1.00 0.00 ? 29 A A H62    1 
ATOM 939  H H2     . A A 1 29 ? -1.725  7.944   13.049  1.00 0.00 ? 29 A A H2     1 
ATOM 940  P P      . G A 1 30 ? 3.417   2.991   13.442  1.00 0.00 ? 30 G A P      1 
ATOM 941  O OP1    . G A 1 30 ? 3.882   1.727   14.043  1.00 0.00 ? 30 G A OP1    1 
ATOM 942  O OP2    . G A 1 30 ? 3.419   3.140   11.969  1.00 0.00 ? 30 G A OP2    1 
ATOM 943  O "O5'"  . G A 1 30 ? 1.918   3.284   14.007  1.00 0.00 ? 30 G A "O5'"  1 
ATOM 944  C "C5'"  . G A 1 30 ? 0.769   2.681   13.405  1.00 0.00 ? 30 G A "C5'"  1 
ATOM 945  C "C4'"  . G A 1 30 ? -0.145  3.692   12.677  1.00 0.00 ? 30 G A "C4'"  1 
ATOM 946  O "O4'"  . G A 1 30 ? 0.620   4.702   12.072  1.00 0.00 ? 30 G A "O4'"  1 
ATOM 947  C "C3'"  . G A 1 30 ? -1.024  3.084   11.563  1.00 0.00 ? 30 G A "C3'"  1 
ATOM 948  O "O3'"  . G A 1 30 ? -2.159  2.509   12.217  1.00 0.00 ? 30 G A "O3'"  1 
ATOM 949  C "C2'"  . G A 1 30 ? -1.292  4.343   10.746  1.00 0.00 ? 30 G A "C2'"  1 
ATOM 950  O "O2'"  . G A 1 30 ? -2.393  5.152   11.133  1.00 0.00 ? 30 G A "O2'"  1 
ATOM 951  C "C1'"  . G A 1 30 ? -0.019  5.134   10.904  1.00 0.00 ? 30 G A "C1'"  1 
ATOM 952  N N9     . G A 1 30 ? 0.878   5.365   9.781   1.00 0.00 ? 30 G A N9     1 
ATOM 953  C C8     . G A 1 30 ? 2.229   5.478   9.884   1.00 0.00 ? 30 G A C8     1 
ATOM 954  N N7     . G A 1 30 ? 2.795   6.105   8.886   1.00 0.00 ? 30 G A N7     1 
ATOM 955  C C5     . G A 1 30 ? 1.705   6.524   8.104   1.00 0.00 ? 30 G A C5     1 
ATOM 956  C C6     . G A 1 30 ? 1.609   7.416   6.975   1.00 0.00 ? 30 G A C6     1 
ATOM 957  O O6     . G A 1 30 ? 2.498   7.967   6.329   1.00 0.00 ? 30 G A O6     1 
ATOM 958  N N1     . G A 1 30 ? 0.301   7.693   6.611   1.00 0.00 ? 30 G A N1     1 
ATOM 959  C C2     . G A 1 30 ? -0.788  7.159   7.214   1.00 0.00 ? 30 G A C2     1 
ATOM 960  N N2     . G A 1 30 ? -1.914  7.704   6.829   1.00 0.00 ? 30 G A N2     1 
ATOM 961  N N3     . G A 1 30 ? -0.747  6.341   8.261   1.00 0.00 ? 30 G A N3     1 
ATOM 962  C C4     . G A 1 30 ? 0.529   6.055   8.651   1.00 0.00 ? 30 G A C4     1 
ATOM 963  H "H5'"  . G A 1 30 ? 0.181   2.186   14.176  1.00 0.00 ? 30 G A "H5'"  1 
ATOM 964  H "H5''" . G A 1 30 ? 1.087   1.907   12.711  1.00 0.00 ? 30 G A "H5''" 1 
ATOM 965  H "H4'"  . G A 1 30 ? -0.762  4.216   13.386  1.00 0.00 ? 30 G A "H4'"  1 
ATOM 966  H "H3'"  . G A 1 30 ? -0.514  2.365   10.950  1.00 0.00 ? 30 G A "H3'"  1 
ATOM 967  H "H2'"  . G A 1 30 ? -1.248  4.030   9.686   1.00 0.00 ? 30 G A "H2'"  1 
ATOM 968  H "HO2'" . G A 1 30 ? -3.054  5.139   10.381  1.00 0.00 ? 30 G A "HO2'" 1 
ATOM 969  H "H1'"  . G A 1 30 ? -0.381  6.135   11.130  1.00 0.00 ? 30 G A "H1'"  1 
ATOM 970  H H8     . G A 1 30 ? 2.700   5.106   10.790  1.00 0.00 ? 30 G A H8     1 
ATOM 971  H H1     . G A 1 30 ? 0.048   8.438   5.951   1.00 0.00 ? 30 G A H1     1 
ATOM 972  H H21    . G A 1 30 ? -1.767  8.573   6.299   1.00 0.00 ? 30 G A H21    1 
ATOM 973  H H22    . G A 1 30 ? -2.739  7.488   7.368   1.00 0.00 ? 30 G A H22    1 
ATOM 974  P P      . C A 1 31 ? -3.388  1.746   11.483  1.00 0.00 ? 31 C A P      1 
ATOM 975  O OP1    . C A 1 31 ? -4.124  2.662   10.574  1.00 0.00 ? 31 C A OP1    1 
ATOM 976  O OP2    . C A 1 31 ? -4.150  1.035   12.531  1.00 0.00 ? 31 C A OP2    1 
ATOM 977  O "O5'"  . C A 1 31 ? -2.650  0.617   10.604  1.00 0.00 ? 31 C A "O5'"  1 
ATOM 978  C "C5'"  . C A 1 31 ? -3.397  -0.185  9.702   1.00 0.00 ? 31 C A "C5'"  1 
ATOM 979  C "C4'"  . C A 1 31 ? -2.703  -0.316  8.344   1.00 0.00 ? 31 C A "C4'"  1 
ATOM 980  O "O4'"  . C A 1 31 ? -2.050  0.899   8.023   1.00 0.00 ? 31 C A "O4'"  1 
ATOM 981  C "C3'"  . C A 1 31 ? -1.645  -1.403  8.203   1.00 0.00 ? 31 C A "C3'"  1 
ATOM 982  O "O3'"  . C A 1 31 ? -2.132  -2.752  8.240   1.00 0.00 ? 31 C A "O3'"  1 
ATOM 983  C "C2'"  . C A 1 31 ? -0.879  -0.887  6.965   1.00 0.00 ? 31 C A "C2'"  1 
ATOM 984  O "O2'"  . C A 1 31 ? -1.492  -1.135  5.715   1.00 0.00 ? 31 C A "O2'"  1 
ATOM 985  C "C1'"  . C A 1 31 ? -0.930  0.632   7.197   1.00 0.00 ? 31 C A "C1'"  1 
ATOM 986  N N1     . C A 1 31 ? 0.339   1.103   7.791   1.00 0.00 ? 31 C A N1     1 
ATOM 987  C C2     . C A 1 31 ? 1.373   1.542   6.955   1.00 0.00 ? 31 C A C2     1 
ATOM 988  O O2     . C A 1 31 ? 1.300   1.411   5.742   1.00 0.00 ? 31 C A O2     1 
ATOM 989  N N3     . C A 1 31 ? 2.485   2.105   7.500   1.00 0.00 ? 31 C A N3     1 
ATOM 990  C C4     . C A 1 31 ? 2.589   2.180   8.814   1.00 0.00 ? 31 C A C4     1 
ATOM 991  N N4     . C A 1 31 ? 3.644   2.775   9.303   1.00 0.00 ? 31 C A N4     1 
ATOM 992  C C5     . C A 1 31 ? 1.597   1.675   9.692   1.00 0.00 ? 31 C A C5     1 
ATOM 993  C C6     . C A 1 31 ? 0.487   1.140   9.141   1.00 0.00 ? 31 C A C6     1 
ATOM 994  H "H5'"  . C A 1 31 ? -4.365  0.284   9.523   1.00 0.00 ? 31 C A "H5'"  1 
ATOM 995  H "H5''" . C A 1 31 ? -3.563  -1.173  10.131  1.00 0.00 ? 31 C A "H5''" 1 
ATOM 996  H "H4'"  . C A 1 31 ? -3.460  -0.530  7.603   1.00 0.00 ? 31 C A "H4'"  1 
ATOM 997  H "H3'"  . C A 1 31 ? -0.977  -1.301  9.057   1.00 0.00 ? 31 C A "H3'"  1 
ATOM 998  H "H2'"  . C A 1 31 ? 0.144   -1.264  6.957   1.00 0.00 ? 31 C A "H2'"  1 
ATOM 999  H "HO2'" . C A 1 31 ? -1.762  -2.121  5.697   1.00 0.00 ? 31 C A "HO2'" 1 
ATOM 1000 H "H1'"  . C A 1 31 ? -1.078  1.204   6.294   1.00 0.00 ? 31 C A "H1'"  1 
ATOM 1001 H H41    . C A 1 31 ? 4.208   3.277   8.643   1.00 0.00 ? 31 C A H41    1 
ATOM 1002 H H42    . C A 1 31 ? 3.668   2.925   10.324  1.00 0.00 ? 31 C A H42    1 
ATOM 1003 H H5     . C A 1 31 ? 1.695   1.757   10.750  1.00 0.00 ? 31 C A H5     1 
ATOM 1004 H H6     . C A 1 31 ? -0.333  0.780   9.745   1.00 0.00 ? 31 C A H6     1 
ATOM 1005 P P      . A A 1 32 ? -3.002  -3.489  7.089   1.00 0.00 ? 32 A A P      1 
ATOM 1006 O OP1    . A A 1 32 ? -3.442  -4.799  7.608   1.00 0.00 ? 32 A A OP1    1 
ATOM 1007 O OP2    . A A 1 32 ? -2.208  -3.423  5.839   1.00 0.00 ? 32 A A OP2    1 
ATOM 1008 O "O5'"  . A A 1 32 ? -4.316  -2.575  6.891   1.00 0.00 ? 32 A A "O5'"  1 
ATOM 1009 C "C5'"  . A A 1 32 ? -4.707  -2.114  5.605   1.00 0.00 ? 32 A A "C5'"  1 
ATOM 1010 C "C4'"  . A A 1 32 ? -5.793  -1.045  5.714   1.00 0.00 ? 32 A A "C4'"  1 
ATOM 1011 O "O4'"  . A A 1 32 ? -5.280  0.171   6.243   1.00 0.00 ? 32 A A "O4'"  1 
ATOM 1012 C "C3'"  . A A 1 32 ? -6.433  -0.712  4.371   1.00 0.00 ? 32 A A "C3'"  1 
ATOM 1013 O "O3'"  . A A 1 32 ? -7.334  -1.732  3.942   1.00 0.00 ? 32 A A "O3'"  1 
ATOM 1014 C "C2'"  . A A 1 32 ? -7.003  0.668   4.705   1.00 0.00 ? 32 A A "C2'"  1 
ATOM 1015 O "O2'"  . A A 1 32 ? -8.239  0.636   5.421   1.00 0.00 ? 32 A A "O2'"  1 
ATOM 1016 C "C1'"  . A A 1 32 ? -5.980  1.256   5.662   1.00 0.00 ? 32 A A "C1'"  1 
ATOM 1017 N N9     . A A 1 32 ? -5.028  2.290   5.180   1.00 0.00 ? 32 A A N9     1 
ATOM 1018 C C8     . A A 1 32 ? -3.817  2.628   5.739   1.00 0.00 ? 32 A A C8     1 
ATOM 1019 N N7     . A A 1 32 ? -3.189  3.594   5.139   1.00 0.00 ? 32 A A N7     1 
ATOM 1020 C C5     . A A 1 32 ? -4.091  3.989   4.158   1.00 0.00 ? 32 A A C5     1 
ATOM 1021 C C6     . A A 1 32 ? -4.090  5.001   3.176   1.00 0.00 ? 32 A A C6     1 
ATOM 1022 N N6     . A A 1 32 ? -3.071  5.812   2.991   1.00 0.00 ? 32 A A N6     1 
ATOM 1023 N N1     . A A 1 32 ? -5.164  5.220   2.406   1.00 0.00 ? 32 A A N1     1 
ATOM 1024 C C2     . A A 1 32 ? -6.235  4.469   2.637   1.00 0.00 ? 32 A A C2     1 
ATOM 1025 N N3     . A A 1 32 ? -6.374  3.488   3.512   1.00 0.00 ? 32 A A N3     1 
ATOM 1026 C C4     . A A 1 32 ? -5.254  3.279   4.251   1.00 0.00 ? 32 A A C4     1 
ATOM 1027 H "H5'"  . A A 1 32 ? -5.091  -2.958  5.035   1.00 0.00 ? 32 A A "H5'"  1 
ATOM 1028 H "H5''" . A A 1 32 ? -3.860  -1.684  5.072   1.00 0.00 ? 32 A A "H5''" 1 
ATOM 1029 H "H4'"  . A A 1 32 ? -6.587  -1.398  6.349   1.00 0.00 ? 32 A A "H4'"  1 
ATOM 1030 H "H3'"  . A A 1 32 ? -5.654  -0.603  3.625   1.00 0.00 ? 32 A A "H3'"  1 
ATOM 1031 H "H2'"  . A A 1 32 ? -7.068  1.269   3.813   1.00 0.00 ? 32 A A "H2'"  1 
ATOM 1032 H "HO2'" . A A 1 32 ? -8.881  0.026   4.907   1.00 0.00 ? 32 A A "HO2'" 1 
ATOM 1033 H "H1'"  . A A 1 32 ? -6.594  1.730   6.398   1.00 0.00 ? 32 A A "H1'"  1 
ATOM 1034 H H8     . A A 1 32 ? -3.404  2.161   6.613   1.00 0.00 ? 32 A A H8     1 
ATOM 1035 H H61    . A A 1 32 ? -3.138  6.534   2.293   1.00 0.00 ? 32 A A H61    1 
ATOM 1036 H H62    . A A 1 32 ? -2.255  5.667   3.601   1.00 0.00 ? 32 A A H62    1 
ATOM 1037 H H2     . A A 1 32 ? -7.085  4.590   1.982   1.00 0.00 ? 32 A A H2     1 
ATOM 1038 P P      . G A 1 33 ? -8.709  -1.445  3.148   1.00 0.00 ? 33 G A P      1 
ATOM 1039 O OP1    . G A 1 33 ? -9.637  -0.854  4.143   1.00 0.00 ? 33 G A OP1    1 
ATOM 1040 O OP2    . G A 1 33 ? -9.086  -2.658  2.398   1.00 0.00 ? 33 G A OP2    1 
ATOM 1041 O "O5'"  . G A 1 33 ? -8.332  -0.281  2.113   1.00 0.00 ? 33 G A "O5'"  1 
ATOM 1042 C "C5'"  . G A 1 33 ? -7.437  -0.493  1.047   1.00 0.00 ? 33 G A "C5'"  1 
ATOM 1043 C "C4'"  . G A 1 33 ? -7.051  0.862   0.451   1.00 0.00 ? 33 G A "C4'"  1 
ATOM 1044 O "O4'"  . G A 1 33 ? -6.297  1.654   1.344   1.00 0.00 ? 33 G A "O4'"  1 
ATOM 1045 C "C3'"  . G A 1 33 ? -6.122  0.685   -0.731  1.00 0.00 ? 33 G A "C3'"  1 
ATOM 1046 O "O3'"  . G A 1 33 ? -6.810  0.335   -1.915  1.00 0.00 ? 33 G A "O3'"  1 
ATOM 1047 C "C2'"  . G A 1 33 ? -5.473  2.053   -0.836  1.00 0.00 ? 33 G A "C2'"  1 
ATOM 1048 O "O2'"  . G A 1 33 ? -6.402  2.936   -1.434  1.00 0.00 ? 33 G A "O2'"  1 
ATOM 1049 C "C1'"  . G A 1 33 ? -5.311  2.395   0.630   1.00 0.00 ? 33 G A "C1'"  1 
ATOM 1050 N N9     . G A 1 33 ? -3.997  2.140   1.251   1.00 0.00 ? 33 G A N9     1 
ATOM 1051 C C8     . G A 1 33 ? -3.699  1.316   2.309   1.00 0.00 ? 33 G A C8     1 
ATOM 1052 N N7     . G A 1 33 ? -2.455  1.377   2.699   1.00 0.00 ? 33 G A N7     1 
ATOM 1053 C C5     . G A 1 33 ? -1.914  2.413   1.932   1.00 0.00 ? 33 G A C5     1 
ATOM 1054 C C6     . G A 1 33 ? -0.611  3.026   1.919   1.00 0.00 ? 33 G A C6     1 
ATOM 1055 O O6     . G A 1 33 ? 0.417   2.751   2.529   1.00 0.00 ? 33 G A O6     1 
ATOM 1056 N N1     . G A 1 33 ? -0.522  4.079   1.035   1.00 0.00 ? 33 G A N1     1 
ATOM 1057 C C2     . G A 1 33 ? -1.554  4.556   0.300   1.00 0.00 ? 33 G A C2     1 
ATOM 1058 N N2     . G A 1 33 ? -1.350  5.707   -0.303  1.00 0.00 ? 33 G A N2     1 
ATOM 1059 N N3     . G A 1 33 ? -2.757  3.988   0.234   1.00 0.00 ? 33 G A N3     1 
ATOM 1060 C C4     . G A 1 33 ? -2.873  2.910   1.069   1.00 0.00 ? 33 G A C4     1 
ATOM 1061 H "H5'"  . G A 1 33 ? -7.914  -1.111  0.285   1.00 0.00 ? 33 G A "H5'"  1 
ATOM 1062 H "H5''" . G A 1 33 ? -6.539  -0.997  1.404   1.00 0.00 ? 33 G A "H5''" 1 
ATOM 1063 H "H4'"  . G A 1 33 ? -7.938  1.422   0.158   1.00 0.00 ? 33 G A "H4'"  1 
ATOM 1064 H "H3'"  . G A 1 33 ? -5.372  -0.033  -0.428  1.00 0.00 ? 33 G A "H3'"  1 
ATOM 1065 H "H2'"  . G A 1 33 ? -4.533  2.065   -1.378  1.00 0.00 ? 33 G A "H2'"  1 
ATOM 1066 H "HO2'" . G A 1 33 ? -6.900  2.377   -2.047  1.00 0.00 ? 33 G A "HO2'" 1 
ATOM 1067 H "H1'"  . G A 1 33 ? -5.457  3.463   0.673   1.00 0.00 ? 33 G A "H1'"  1 
ATOM 1068 H H8     . G A 1 33 ? -4.453  0.723   2.818   1.00 0.00 ? 33 G A H8     1 
ATOM 1069 H H1     . G A 1 33 ? 0.415   4.378   0.797   1.00 0.00 ? 33 G A H1     1 
ATOM 1070 H H21    . G A 1 33 ? -0.460  6.180   -0.264  1.00 0.00 ? 33 G A H21    1 
ATOM 1071 H H22    . G A 1 33 ? -2.141  6.070   -0.804  1.00 0.00 ? 33 G A H22    1 
ATOM 1072 P P      . C A 1 34 ? -6.122  -0.626  -2.999  1.00 0.00 ? 34 C A P      1 
ATOM 1073 O OP1    . C A 1 34 ? -7.093  -0.830  -4.092  1.00 0.00 ? 34 C A OP1    1 
ATOM 1074 O OP2    . C A 1 34 ? -5.551  -1.781  -2.273  1.00 0.00 ? 34 C A OP2    1 
ATOM 1075 O "O5'"  . C A 1 34 ? -4.918  0.298   -3.528  1.00 0.00 ? 34 C A "O5'"  1 
ATOM 1076 C "C5'"  . C A 1 34 ? -5.177  1.479   -4.264  1.00 0.00 ? 34 C A "C5'"  1 
ATOM 1077 C "C4'"  . C A 1 34 ? -3.888  2.246   -4.572  1.00 0.00 ? 34 C A "C4'"  1 
ATOM 1078 O "O4'"  . C A 1 34 ? -3.232  2.665   -3.380  1.00 0.00 ? 34 C A "O4'"  1 
ATOM 1079 C "C3'"  . C A 1 34 ? -2.878  1.411   -5.351  1.00 0.00 ? 34 C A "C3'"  1 
ATOM 1080 O "O3'"  . C A 1 34 ? -3.148  1.562   -6.740  1.00 0.00 ? 34 C A "O3'"  1 
ATOM 1081 C "C2'"  . C A 1 34 ? -1.586  2.138   -4.997  1.00 0.00 ? 34 C A "C2'"  1 
ATOM 1082 O "O2'"  . C A 1 34 ? -1.496  3.256   -5.858  1.00 0.00 ? 34 C A "O2'"  1 
ATOM 1083 C "C1'"  . C A 1 34 ? -1.819  2.607   -3.565  1.00 0.00 ? 34 C A "C1'"  1 
ATOM 1084 N N1     . C A 1 34 ? -1.122  1.824   -2.497  1.00 0.00 ? 34 C A N1     1 
ATOM 1085 C C2     . C A 1 34 ? 0.261   1.999   -2.327  1.00 0.00 ? 34 C A C2     1 
ATOM 1086 O O2     . C A 1 34 ? 0.941   2.629   -3.137  1.00 0.00 ? 34 C A O2     1 
ATOM 1087 N N3     . C A 1 34 ? 0.889   1.478   -1.242  1.00 0.00 ? 34 C A N3     1 
ATOM 1088 C C4     . C A 1 34 ? 0.192   0.795   -0.344  1.00 0.00 ? 34 C A C4     1 
ATOM 1089 N N4     . C A 1 34 ? 0.832   0.335   0.701   1.00 0.00 ? 34 C A N4     1 
ATOM 1090 C C5     . C A 1 34 ? -1.214  0.598   -0.464  1.00 0.00 ? 34 C A C5     1 
ATOM 1091 C C6     . C A 1 34 ? -1.826  1.124   -1.547  1.00 0.00 ? 34 C A C6     1 
ATOM 1092 H "H5'"  . C A 1 34 ? -5.853  2.133   -3.720  1.00 0.00 ? 34 C A "H5'"  1 
ATOM 1093 H "H5''" . C A 1 34 ? -5.653  1.206   -5.208  1.00 0.00 ? 34 C A "H5''" 1 
ATOM 1094 H "H4'"  . C A 1 34 ? -4.134  3.130   -5.159  1.00 0.00 ? 34 C A "H4'"  1 
ATOM 1095 H "H3'"  . C A 1 34 ? -2.863  0.377   -5.004  1.00 0.00 ? 34 C A "H3'"  1 
ATOM 1096 H "H2'"  . C A 1 34 ? -0.711  1.505   -5.097  1.00 0.00 ? 34 C A "H2'"  1 
ATOM 1097 H "HO2'" . C A 1 34 ? -2.054  2.982   -6.607  1.00 0.00 ? 34 C A "HO2'" 1 
ATOM 1098 H "H1'"  . C A 1 34 ? -1.423  3.610   -3.530  1.00 0.00 ? 34 C A "H1'"  1 
ATOM 1099 H H41    . C A 1 34 ? 1.841   0.504   0.745   1.00 0.00 ? 34 C A H41    1 
ATOM 1100 H H42    . C A 1 34 ? 0.329   0.007   1.506   1.00 0.00 ? 34 C A H42    1 
ATOM 1101 H H5     . C A 1 34 ? -1.818  0.108   0.286   1.00 0.00 ? 34 C A H5     1 
ATOM 1102 H H6     . C A 1 34 ? -2.896  1.023   -1.607  1.00 0.00 ? 34 C A H6     1 
ATOM 1103 P P      . C A 1 35 ? -2.974  0.330   -7.747  1.00 0.00 ? 35 C A P      1 
ATOM 1104 O OP1    . C A 1 35 ? -3.509  0.741   -9.060  1.00 0.00 ? 35 C A OP1    1 
ATOM 1105 O OP2    . C A 1 35 ? -3.465  -0.887  -7.082  1.00 0.00 ? 35 C A OP2    1 
ATOM 1106 O "O5'"  . C A 1 35 ? -1.382  0.243   -7.852  1.00 0.00 ? 35 C A "O5'"  1 
ATOM 1107 C "C5'"  . C A 1 35 ? -0.650  1.213   -8.571  1.00 0.00 ? 35 C A "C5'"  1 
ATOM 1108 C "C4'"  . C A 1 35 ? 0.850   0.993   -8.391  1.00 0.00 ? 35 C A "C4'"  1 
ATOM 1109 O "O4'"  . C A 1 35 ? 1.292   1.422   -7.111  1.00 0.00 ? 35 C A "O4'"  1 
ATOM 1110 C "C3'"  . C A 1 35 ? 1.306   -0.460  -8.542  1.00 0.00 ? 35 C A "C3'"  1 
ATOM 1111 O "O3'"  . C A 1 35 ? 1.208   -0.911  -9.887  1.00 0.00 ? 35 C A "O3'"  1 
ATOM 1112 C "C2'"  . C A 1 35 ? 2.686   -0.351  -7.877  1.00 0.00 ? 35 C A "C2'"  1 
ATOM 1113 O "O2'"  . C A 1 35 ? 3.653   0.254   -8.725  1.00 0.00 ? 35 C A "O2'"  1 
ATOM 1114 C "C1'"  . C A 1 35 ? 2.399   0.618   -6.728  1.00 0.00 ? 35 C A "C1'"  1 
ATOM 1115 N N1     . C A 1 35 ? 2.139   -0.065  -5.432  1.00 0.00 ? 35 C A N1     1 
ATOM 1116 C C2     . C A 1 35 ? 3.203   -0.205  -4.533  1.00 0.00 ? 35 C A C2     1 
ATOM 1117 O O2     . C A 1 35 ? 4.347   0.148   -4.825  1.00 0.00 ? 35 C A O2     1 
ATOM 1118 N N3     . C A 1 35 ? 2.996   -0.745  -3.309  1.00 0.00 ? 35 C A N3     1 
ATOM 1119 C C4     . C A 1 35 ? 1.771   -1.105  -2.964  1.00 0.00 ? 35 C A C4     1 
ATOM 1120 N N4     . C A 1 35 ? 1.638   -1.630  -1.774  1.00 0.00 ? 35 C A N4     1 
ATOM 1121 C C5     . C A 1 35 ? 0.649   -0.982  -3.837  1.00 0.00 ? 35 C A C5     1 
ATOM 1122 C C6     . C A 1 35 ? 0.880   -0.487  -5.077  1.00 0.00 ? 35 C A C6     1 
ATOM 1123 H "H5'"  . C A 1 35 ? -0.906  2.218   -8.236  1.00 0.00 ? 35 C A "H5'"  1 
ATOM 1124 H "H5''" . C A 1 35 ? -0.895  1.124   -9.630  1.00 0.00 ? 35 C A "H5''" 1 
ATOM 1125 H "H4'"  . C A 1 35 ? 1.376   1.584   -9.142  1.00 0.00 ? 35 C A "H4'"  1 
ATOM 1126 H "H3'"  . C A 1 35 ? 0.686   -1.104  -7.920  1.00 0.00 ? 35 C A "H3'"  1 
ATOM 1127 H "H2'"  . C A 1 35 ? 3.033   -1.321  -7.518  1.00 0.00 ? 35 C A "H2'"  1 
ATOM 1128 H "HO2'" . C A 1 35 ? 3.652   -0.276  -9.598  1.00 0.00 ? 35 C A "HO2'" 1 
ATOM 1129 H "H1'"  . C A 1 35 ? 3.272   1.251   -6.601  1.00 0.00 ? 35 C A "H1'"  1 
ATOM 1130 H H41    . C A 1 35 ? 2.495   -1.752  -1.226  1.00 0.00 ? 35 C A H41    1 
ATOM 1131 H H42    . C A 1 35 ? 0.750   -1.945  -1.441  1.00 0.00 ? 35 C A H42    1 
ATOM 1132 H H5     . C A 1 35 ? -0.340  -1.311  -3.563  1.00 0.00 ? 35 C A H5     1 
ATOM 1133 H H6     . C A 1 35 ? 0.067   -0.407  -5.790  1.00 0.00 ? 35 C A H6     1 
ATOM 1134 P P      . A A 1 36 ? 2.270   -1.896  -10.570 1.00 0.00 ? 36 A A P      1 
ATOM 1135 O OP1    . A A 1 36 ? 3.499   -1.080  -10.745 1.00 0.00 ? 36 A A OP1    1 
ATOM 1136 O OP2    . A A 1 36 ? 1.636   -2.545  -11.732 1.00 0.00 ? 36 A A OP2    1 
ATOM 1137 O "O5'"  . A A 1 36 ? 2.627   -3.001  -9.468  1.00 0.00 ? 36 A A "O5'"  1 
ATOM 1138 C "C5'"  . A A 1 36 ? 1.894   -4.191  -9.239  1.00 0.00 ? 36 A A "C5'"  1 
ATOM 1139 C "C4'"  . A A 1 36 ? 2.840   -5.112  -8.446  1.00 0.00 ? 36 A A "C4'"  1 
ATOM 1140 O "O4'"  . A A 1 36 ? 3.521   -4.366  -7.435  1.00 0.00 ? 36 A A "O4'"  1 
ATOM 1141 C "C3'"  . A A 1 36 ? 2.224   -6.345  -7.747  1.00 0.00 ? 36 A A "C3'"  1 
ATOM 1142 O "O3'"  . A A 1 36 ? 2.030   -7.506  -8.518  1.00 0.00 ? 36 A A "O3'"  1 
ATOM 1143 C "C2'"  . A A 1 36 ? 3.294   -6.575  -6.675  1.00 0.00 ? 36 A A "C2'"  1 
ATOM 1144 O "O2'"  . A A 1 36 ? 4.460   -7.174  -7.153  1.00 0.00 ? 36 A A "O2'"  1 
ATOM 1145 C "C1'"  . A A 1 36 ? 3.747   -5.169  -6.294  1.00 0.00 ? 36 A A "C1'"  1 
ATOM 1146 N N9     . A A 1 36 ? 2.861   -4.638  -5.260  1.00 0.00 ? 36 A A N9     1 
ATOM 1147 C C8     . A A 1 36 ? 1.662   -4.044  -5.488  1.00 0.00 ? 36 A A C8     1 
ATOM 1148 N N7     . A A 1 36 ? 0.881   -3.993  -4.442  1.00 0.00 ? 36 A A N7     1 
ATOM 1149 C C5     . A A 1 36 ? 1.718   -4.471  -3.423  1.00 0.00 ? 36 A A C5     1 
ATOM 1150 C C6     . A A 1 36 ? 1.585   -4.662  -2.031  1.00 0.00 ? 36 A A C6     1 
ATOM 1151 N N6     . A A 1 36 ? 0.460   -4.502  -1.355  1.00 0.00 ? 36 A A N6     1 
ATOM 1152 N N1     . A A 1 36 ? 2.625   -5.072  -1.293  1.00 0.00 ? 36 A A N1     1 
ATOM 1153 C C2     . A A 1 36 ? 3.795   -5.281  -1.901  1.00 0.00 ? 36 A A C2     1 
ATOM 1154 N N3     . A A 1 36 ? 4.031   -5.229  -3.205  1.00 0.00 ? 36 A A N3     1 
ATOM 1155 C C4     . A A 1 36 ? 2.952   -4.799  -3.909  1.00 0.00 ? 36 A A C4     1 
ATOM 1156 H "H5'"  . A A 1 36 ? 1.643   -4.661  -10.190 1.00 0.00 ? 36 A A "H5'"  1 
ATOM 1157 H "H5''" . A A 1 36 ? 0.978   -3.993  -8.683  1.00 0.00 ? 36 A A "H5''" 1 
ATOM 1158 H "H4'"  . A A 1 36 ? 3.597   -5.445  -9.138  1.00 0.00 ? 36 A A "H4'"  1 
ATOM 1159 H "H3'"  . A A 1 36 ? 1.270   -6.145  -7.264  1.00 0.00 ? 36 A A "H3'"  1 
ATOM 1160 H "H2'"  . A A 1 36 ? 2.903   -7.171  -5.859  1.00 0.00 ? 36 A A "H2'"  1 
ATOM 1161 H "HO2'" . A A 1 36 ? 4.272   -7.410  -8.087  1.00 0.00 ? 36 A A "HO2'" 1 
ATOM 1162 H "H1'"  . A A 1 36 ? 4.787   -5.146  -5.966  1.00 0.00 ? 36 A A "H1'"  1 
ATOM 1163 H H8     . A A 1 36 ? 1.473   -3.746  -6.510  1.00 0.00 ? 36 A A H8     1 
ATOM 1164 H H61    . A A 1 36 ? 0.518   -4.660  -0.366  1.00 0.00 ? 36 A A H61    1 
ATOM 1165 H H62    . A A 1 36 ? -0.378  -4.256  -1.855  1.00 0.00 ? 36 A A H62    1 
ATOM 1166 H H2     . A A 1 36 ? 4.655   -5.570  -1.300  1.00 0.00 ? 36 A A H2     1 
ATOM 1167 P P      . A A 1 37 ? 0.885   -7.547  -9.644  1.00 0.00 ? 37 A A P      1 
ATOM 1168 O OP1    . A A 1 37 ? -0.108  -6.497  -9.330  1.00 0.00 ? 37 A A OP1    1 
ATOM 1169 O OP2    . A A 1 37 ? 0.447   -8.937  -9.841  1.00 0.00 ? 37 A A OP2    1 
ATOM 1170 O "O5'"  . A A 1 37 ? 1.700   -7.081  -10.949 1.00 0.00 ? 37 A A "O5'"  1 
ATOM 1171 C "C5'"  . A A 1 37 ? 2.705   -7.904  -11.505 1.00 0.00 ? 37 A A "C5'"  1 
ATOM 1172 C "C4'"  . A A 1 37 ? 4.098   -7.393  -11.125 1.00 0.00 ? 37 A A "C4'"  1 
ATOM 1173 O "O4'"  . A A 1 37 ? 4.455   -7.568  -9.770  1.00 0.00 ? 37 A A "O4'"  1 
ATOM 1174 C "C3'"  . A A 1 37 ? 5.240   -8.003  -11.904 1.00 0.00 ? 37 A A "C3'"  1 
ATOM 1175 O "O3'"  . A A 1 37 ? 5.163   -7.546  -13.249 1.00 0.00 ? 37 A A "O3'"  1 
ATOM 1176 C "C2'"  . A A 1 37 ? 6.447   -7.606  -11.066 1.00 0.00 ? 37 A A "C2'"  1 
ATOM 1177 O "O2'"  . A A 1 37 ? 6.933   -6.333  -11.443 1.00 0.00 ? 37 A A "O2'"  1 
ATOM 1178 C "C1'"  . A A 1 37 ? 5.860   -7.701  -9.648  1.00 0.00 ? 37 A A "C1'"  1 
ATOM 1179 N N9     . A A 1 37 ? 6.161   -8.968  -8.918  1.00 0.00 ? 37 A A N9     1 
ATOM 1180 C C8     . A A 1 37 ? 5.301   -9.794  -8.209  1.00 0.00 ? 37 A A C8     1 
ATOM 1181 N N7     . A A 1 37 ? 5.774   -11.004 -8.060  1.00 0.00 ? 37 A A N7     1 
ATOM 1182 C C5     . A A 1 37 ? 7.083   -10.910 -8.549  1.00 0.00 ? 37 A A C5     1 
ATOM 1183 C C6     . A A 1 37 ? 8.177   -11.805 -8.643  1.00 0.00 ? 37 A A C6     1 
ATOM 1184 N N6     . A A 1 37 ? 8.094   -13.115 -8.469  1.00 0.00 ? 37 A A N6     1 
ATOM 1185 N N1     . A A 1 37 ? 9.402   -11.368 -8.936  1.00 0.00 ? 37 A A N1     1 
ATOM 1186 C C2     . A A 1 37 ? 9.548   -10.071 -9.159  1.00 0.00 ? 37 A A C2     1 
ATOM 1187 N N3     . A A 1 37 ? 8.618   -9.120  -9.195  1.00 0.00 ? 37 A A N3     1 
ATOM 1188 C C4     . A A 1 37 ? 7.378   -9.617  -8.892  1.00 0.00 ? 37 A A C4     1 
ATOM 1189 H "H5'"  . A A 1 37 ? 2.608   -7.862  -12.589 1.00 0.00 ? 37 A A "H5'"  1 
ATOM 1190 H "H5''" . A A 1 37 ? 2.560   -8.931  -11.182 1.00 0.00 ? 37 A A "H5''" 1 
ATOM 1191 H "H4'"  . A A 1 37 ? 4.112   -6.341  -11.354 1.00 0.00 ? 37 A A "H4'"  1 
ATOM 1192 H "H3'"  . A A 1 37 ? 5.200   -9.070  -11.820 1.00 0.00 ? 37 A A "H3'"  1 
ATOM 1193 H "H2'"  . A A 1 37 ? 7.239   -8.340  -11.216 1.00 0.00 ? 37 A A "H2'"  1 
ATOM 1194 H "HO2'" . A A 1 37 ? 7.236   -6.495  -12.388 1.00 0.00 ? 37 A A "HO2'" 1 
ATOM 1195 H "H1'"  . A A 1 37 ? 6.211   -6.851  -9.081  1.00 0.00 ? 37 A A "H1'"  1 
ATOM 1196 H H8     . A A 1 37 ? 4.317   -9.496  -7.812  1.00 0.00 ? 37 A A H8     1 
ATOM 1197 H H61    . A A 1 37 ? 8.969   -13.609 -8.501  1.00 0.00 ? 37 A A H61    1 
ATOM 1198 H H62    . A A 1 37 ? 7.199   -13.556 -8.305  1.00 0.00 ? 37 A A H62    1 
ATOM 1199 H H2     . A A 1 37 ? 10.569  -9.746  -9.298  1.00 0.00 ? 37 A A H2     1 
ATOM 1200 P P      . G A 1 38 ? 6.326   -7.812  -14.303 1.00 0.00 ? 38 G A P      1 
ATOM 1201 O OP1    . G A 1 38 ? 7.535   -7.164  -13.735 1.00 0.00 ? 38 G A OP1    1 
ATOM 1202 O OP2    . G A 1 38 ? 5.841   -7.435  -15.645 1.00 0.00 ? 38 G A OP2    1 
ATOM 1203 O "O5'"  . G A 1 38 ? 6.391   -9.421  -14.199 1.00 0.00 ? 38 G A "O5'"  1 
ATOM 1204 C "C5'"  . G A 1 38 ? 7.579   -10.100 -13.856 1.00 0.00 ? 38 G A "C5'"  1 
ATOM 1205 C "C4'"  . G A 1 38 ? 7.319   -11.333 -12.988 1.00 0.00 ? 38 G A "C4'"  1 
ATOM 1206 O "O4'"  . G A 1 38 ? 6.734   -11.042 -11.717 1.00 0.00 ? 38 G A "O4'"  1 
ATOM 1207 C "C3'"  . G A 1 38 ? 6.612   -12.568 -13.554 1.00 0.00 ? 38 G A "C3'"  1 
ATOM 1208 O "O3'"  . G A 1 38 ? 7.412   -13.337 -14.448 1.00 0.00 ? 38 G A "O3'"  1 
ATOM 1209 C "C2'"  . G A 1 38 ? 6.486   -13.313 -12.229 1.00 0.00 ? 38 G A "C2'"  1 
ATOM 1210 O "O2'"  . G A 1 38 ? 7.733   -13.914 -11.911 1.00 0.00 ? 38 G A "O2'"  1 
ATOM 1211 C "C1'"  . G A 1 38 ? 6.178   -12.252 -11.220 1.00 0.00 ? 38 G A "C1'"  1 
ATOM 1212 N N9     . G A 1 38 ? 4.777   -12.228 -10.730 1.00 0.00 ? 38 G A N9     1 
ATOM 1213 C C8     . G A 1 38 ? 3.815   -11.261 -10.845 1.00 0.00 ? 38 G A C8     1 
ATOM 1214 N N7     . G A 1 38 ? 2.761   -11.448 -10.109 1.00 0.00 ? 38 G A N7     1 
ATOM 1215 C C5     . G A 1 38 ? 3.046   -12.614 -9.412  1.00 0.00 ? 38 G A C5     1 
ATOM 1216 C C6     . G A 1 38 ? 2.315   -13.288 -8.379  1.00 0.00 ? 38 G A C6     1 
ATOM 1217 O O6     . G A 1 38 ? 1.220   -13.012 -7.900  1.00 0.00 ? 38 G A O6     1 
ATOM 1218 N N1     . G A 1 38 ? 2.981   -14.389 -7.873  1.00 0.00 ? 38 G A N1     1 
ATOM 1219 C C2     . G A 1 38 ? 4.202   -14.808 -8.320  1.00 0.00 ? 38 G A C2     1 
ATOM 1220 N N2     . G A 1 38 ? 4.722   -15.886 -7.783  1.00 0.00 ? 38 G A N2     1 
ATOM 1221 N N3     . G A 1 38 ? 4.909   -14.203 -9.276  1.00 0.00 ? 38 G A N3     1 
ATOM 1222 C C4     . G A 1 38 ? 4.278   -13.105 -9.789  1.00 0.00 ? 38 G A C4     1 
ATOM 1223 H "H5'"  . G A 1 38 ? 8.237   -9.443  -13.288 1.00 0.00 ? 38 G A "H5'"  1 
ATOM 1224 H "H5''" . G A 1 38 ? 8.095   -10.399 -14.769 1.00 0.00 ? 38 G A "H5''" 1 
ATOM 1225 H "H4'"  . G A 1 38 ? 8.301   -11.726 -12.769 1.00 0.00 ? 38 G A "H4'"  1 
ATOM 1226 H "H3'"  . G A 1 38 ? 5.642   -12.301 -13.974 1.00 0.00 ? 38 G A "H3'"  1 
ATOM 1227 H "H2'"  . G A 1 38 ? 5.710   -14.032 -12.176 1.00 0.00 ? 38 G A "H2'"  1 
ATOM 1228 H "HO2'" . G A 1 38 ? 8.133   -14.098 -12.773 1.00 0.00 ? 38 G A "HO2'" 1 
ATOM 1229 H "H1'"  . G A 1 38 ? 6.731   -12.614 -10.381 1.00 0.00 ? 38 G A "H1'"  1 
ATOM 1230 H H8     . G A 1 38 ? 3.908   -10.375 -11.434 1.00 0.00 ? 38 G A H8     1 
ATOM 1231 H H1     . G A 1 38 ? 2.564   -14.795 -7.047  1.00 0.00 ? 38 G A H1     1 
ATOM 1232 H H21    . G A 1 38 ? 4.293   -16.373 -6.984  1.00 0.00 ? 38 G A H21    1 
ATOM 1233 H H22    . G A 1 38 ? 5.625   -16.152 -8.128  1.00 0.00 ? 38 G A H22    1 
ATOM 1234 P P      . G A 1 39 ? 6.738   -14.379 -15.476 1.00 0.00 ? 39 G A P      1 
ATOM 1235 O OP1    . G A 1 39 ? 7.824   -15.052 -16.214 1.00 0.00 ? 39 G A OP1    1 
ATOM 1236 O OP2    . G A 1 39 ? 5.670   -13.674 -16.211 1.00 0.00 ? 39 G A OP2    1 
ATOM 1237 O "O5'"  . G A 1 39 ? 6.045   -15.455 -14.501 1.00 0.00 ? 39 G A "O5'"  1 
ATOM 1238 C "C5'"  . G A 1 39 ? 6.813   -16.379 -13.762 1.00 0.00 ? 39 G A "C5'"  1 
ATOM 1239 C "C4'"  . G A 1 39 ? 6.061   -17.206 -12.709 1.00 0.00 ? 39 G A "C4'"  1 
ATOM 1240 O "O4'"  . G A 1 39 ? 5.456   -16.306 -11.798 1.00 0.00 ? 39 G A "O4'"  1 
ATOM 1241 C "C3'"  . G A 1 39 ? 4.894   -18.023 -13.262 1.00 0.00 ? 39 G A "C3'"  1 
ATOM 1242 O "O3'"  . G A 1 39 ? 5.305   -19.299 -13.726 1.00 0.00 ? 39 G A "O3'"  1 
ATOM 1243 C "C2'"  . G A 1 39 ? 4.020   -18.168 -12.032 1.00 0.00 ? 39 G A "C2'"  1 
ATOM 1244 O "O2'"  . G A 1 39 ? 4.627   -19.108 -11.163 1.00 0.00 ? 39 G A "O2'"  1 
ATOM 1245 C "C1'"  . G A 1 39 ? 4.178   -16.803 -11.435 1.00 0.00 ? 39 G A "C1'"  1 
ATOM 1246 N N9     . G A 1 39 ? 3.201   -15.819 -11.919 1.00 0.00 ? 39 G A N9     1 
ATOM 1247 C C8     . G A 1 39 ? 3.341   -14.824 -12.846 1.00 0.00 ? 39 G A C8     1 
ATOM 1248 N N7     . G A 1 39 ? 2.356   -13.953 -12.820 1.00 0.00 ? 39 G A N7     1 
ATOM 1249 C C5     . G A 1 39 ? 1.491   -14.424 -11.811 1.00 0.00 ? 39 G A C5     1 
ATOM 1250 C C6     . G A 1 39 ? 0.212   -13.977 -11.285 1.00 0.00 ? 39 G A C6     1 
ATOM 1251 O O6     . G A 1 39 ? -0.485  -13.003 -11.570 1.00 0.00 ? 39 G A O6     1 
ATOM 1252 N N1     . G A 1 39 ? -0.322  -14.852 -10.350 1.00 0.00 ? 39 G A N1     1 
ATOM 1253 C C2     . G A 1 39 ? 0.280   -16.011 -9.975  1.00 0.00 ? 39 G A C2     1 
ATOM 1254 N N2     . G A 1 39 ? -0.296  -16.780 -9.099  1.00 0.00 ? 39 G A N2     1 
ATOM 1255 N N3     . G A 1 39 ? 1.454   -16.438 -10.396 1.00 0.00 ? 39 G A N3     1 
ATOM 1256 C C4     . G A 1 39 ? 2.003   -15.603 -11.314 1.00 0.00 ? 39 G A C4     1 
ATOM 1257 H "H5'"  . G A 1 39 ? 7.692   -15.917 -13.320 1.00 0.00 ? 39 G A "H5'"  1 
ATOM 1258 H "H5''" . G A 1 39 ? 7.114   -17.075 -14.514 1.00 0.00 ? 39 G A "H5''" 1 
ATOM 1259 H "H4'"  . G A 1 39 ? 6.752   -17.865 -12.181 1.00 0.00 ? 39 G A "H4'"  1 
ATOM 1260 H "H3'"  . G A 1 39 ? 4.365   -17.425 -13.994 1.00 0.00 ? 39 G A "H3'"  1 
ATOM 1261 H "H2'"  . G A 1 39 ? 2.982   -18.431 -12.169 1.00 0.00 ? 39 G A "H2'"  1 
ATOM 1262 H "HO2'" . G A 1 39 ? 5.089   -19.717 -11.757 1.00 0.00 ? 39 G A "HO2'" 1 
ATOM 1263 H "H1'"  . G A 1 39 ? 3.928   -16.900 -10.410 1.00 0.00 ? 39 G A "H1'"  1 
ATOM 1264 H H8     . G A 1 39 ? 4.231   -14.813 -13.481 1.00 0.00 ? 39 G A H8     1 
ATOM 1265 H H1     . G A 1 39 ? -1.273  -14.693 -10.048 1.00 0.00 ? 39 G A H1     1 
ATOM 1266 H H21    . G A 1 39 ? -0.840  -16.270 -8.403  1.00 0.00 ? 39 G A H21    1 
ATOM 1267 H H22    . G A 1 39 ? 0.316   -17.523 -8.825  1.00 0.00 ? 39 G A H22    1 
ATOM 1268 P P      . C A 1 40 ? 4.445   -20.105 -14.818 1.00 0.00 ? 40 C A P      1 
ATOM 1269 O OP1    . C A 1 40 ? 5.160   -21.364 -15.110 1.00 0.00 ? 40 C A OP1    1 
ATOM 1270 O OP2    . C A 1 40 ? 4.113   -19.162 -15.901 1.00 0.00 ? 40 C A OP2    1 
ATOM 1271 O "O5'"  . C A 1 40 ? 3.086   -20.451 -14.036 1.00 0.00 ? 40 C A "O5'"  1 
ATOM 1272 C "C5'"  . C A 1 40 ? 3.056   -21.400 -12.987 1.00 0.00 ? 40 C A "C5'"  1 
ATOM 1273 C "C4'"  . C A 1 40 ? 1.700   -21.371 -12.276 1.00 0.00 ? 40 C A "C4'"  1 
ATOM 1274 O "O4'"  . C A 1 40 ? 1.477   -20.095 -11.714 1.00 0.00 ? 40 C A "O4'"  1 
ATOM 1275 C "C3'"  . C A 1 40 ? 0.490   -21.618 -13.164 1.00 0.00 ? 40 C A "C3'"  1 
ATOM 1276 O "O3'"  . C A 1 40 ? 0.327   -23.011 -13.359 1.00 0.00 ? 40 C A "O3'"  1 
ATOM 1277 C "C2'"  . C A 1 40 ? -0.623  -21.019 -12.298 1.00 0.00 ? 40 C A "C2'"  1 
ATOM 1278 O "O2'"  . C A 1 40 ? -0.926  -21.939 -11.265 1.00 0.00 ? 40 C A "O2'"  1 
ATOM 1279 C "C1'"  . C A 1 40 ? 0.099   -19.778 -11.764 1.00 0.00 ? 40 C A "C1'"  1 
ATOM 1280 N N1     . C A 1 40 ? -0.219  -18.574 -12.583 1.00 0.00 ? 40 C A N1     1 
ATOM 1281 C C2     . C A 1 40 ? -1.418  -17.869 -12.377 1.00 0.00 ? 40 C A C2     1 
ATOM 1282 O O2     . C A 1 40 ? -2.357  -18.353 -11.744 1.00 0.00 ? 40 C A O2     1 
ATOM 1283 N N3     . C A 1 40 ? -1.580  -16.618 -12.892 1.00 0.00 ? 40 C A N3     1 
ATOM 1284 C C4     . C A 1 40 ? -0.602  -16.098 -13.622 1.00 0.00 ? 40 C A C4     1 
ATOM 1285 N N4     . C A 1 40 ? -0.730  -14.885 -14.096 1.00 0.00 ? 40 C A N4     1 
ATOM 1286 C C5     . C A 1 40 ? 0.621   -16.777 -13.842 1.00 0.00 ? 40 C A C5     1 
ATOM 1287 C C6     . C A 1 40 ? 0.744   -18.019 -13.367 1.00 0.00 ? 40 C A C6     1 
ATOM 1288 H "H5'"  . C A 1 40 ? 3.843   -21.204 -12.265 1.00 0.00 ? 40 C A "H5'"  1 
ATOM 1289 H "H5''" . C A 1 40 ? 3.214   -22.394 -13.409 1.00 0.00 ? 40 C A "H5''" 1 
ATOM 1290 H "H4'"  . C A 1 40 ? 1.690   -22.096 -11.464 1.00 0.00 ? 40 C A "H4'"  1 
ATOM 1291 H "H3'"  . C A 1 40 ? 0.584   -21.045 -14.084 1.00 0.00 ? 40 C A "H3'"  1 
ATOM 1292 H "H2'"  . C A 1 40 ? -1.525  -20.781 -12.871 1.00 0.00 ? 40 C A "H2'"  1 
ATOM 1293 H "HO2'" . C A 1 40 ? -0.735  -22.802 -11.662 1.00 0.00 ? 40 C A "HO2'" 1 
ATOM 1294 H "H1'"  . C A 1 40 ? -0.119  -19.540 -10.742 1.00 0.00 ? 40 C A "H1'"  1 
ATOM 1295 H H41    . C A 1 40 ? -1.593  -14.356 -13.958 1.00 0.00 ? 40 C A H41    1 
ATOM 1296 H H42    . C A 1 40 ? 0.071   -14.460 -14.519 1.00 0.00 ? 40 C A H42    1 
ATOM 1297 H H5     . C A 1 40 ? 1.501   -16.385 -14.296 1.00 0.00 ? 40 C A H5     1 
ATOM 1298 H H6     . C A 1 40 ? 1.667   -18.508 -13.573 1.00 0.00 ? 40 C A H6     1 
ATOM 1299 P P      . G A 1 41 ? -0.115  -23.587 -14.790 1.00 0.00 ? 41 G A P      1 
ATOM 1300 O OP1    . G A 1 41 ? -0.038  -25.062 -14.715 1.00 0.00 ? 41 G A OP1    1 
ATOM 1301 O OP2    . G A 1 41 ? 0.608   -22.845 -15.839 1.00 0.00 ? 41 G A OP2    1 
ATOM 1302 O "O5'"  . G A 1 41 ? -1.654  -23.167 -14.854 1.00 0.00 ? 41 G A "O5'"  1 
ATOM 1303 C "C5'"  . G A 1 41 ? -2.615  -23.821 -14.056 1.00 0.00 ? 41 G A "C5'"  1 
ATOM 1304 C "C4'"  . G A 1 41 ? -3.969  -23.142 -14.229 1.00 0.00 ? 41 G A "C4'"  1 
ATOM 1305 O "O4'"  . G A 1 41 ? -3.944  -21.839 -13.650 1.00 0.00 ? 41 G A "O4'"  1 
ATOM 1306 C "C3'"  . G A 1 41 ? -4.407  -22.997 -15.693 1.00 0.00 ? 41 G A "C3'"  1 
ATOM 1307 O "O3'"  . G A 1 41 ? -5.155  -24.098 -16.191 1.00 0.00 ? 41 G A "O3'"  1 
ATOM 1308 C "C2'"  . G A 1 41 ? -5.362  -21.824 -15.537 1.00 0.00 ? 41 G A "C2'"  1 
ATOM 1309 O "O2'"  . G A 1 41 ? -6.590  -22.321 -15.037 1.00 0.00 ? 41 G A "O2'"  1 
ATOM 1310 C "C1'"  . G A 1 41 ? -4.711  -20.968 -14.468 1.00 0.00 ? 41 G A "C1'"  1 
ATOM 1311 N N9     . G A 1 41 ? -3.888  -19.885 -15.035 1.00 0.00 ? 41 G A N9     1 
ATOM 1312 C C8     . G A 1 41 ? -2.530  -19.785 -15.204 1.00 0.00 ? 41 G A C8     1 
ATOM 1313 N N7     . G A 1 41 ? -2.142  -18.613 -15.632 1.00 0.00 ? 41 G A N7     1 
ATOM 1314 C C5     . G A 1 41 ? -3.334  -17.902 -15.807 1.00 0.00 ? 41 G A C5     1 
ATOM 1315 C C6     . G A 1 41 ? -3.606  -16.592 -16.333 1.00 0.00 ? 41 G A C6     1 
ATOM 1316 O O6     . G A 1 41 ? -2.826  -15.731 -16.724 1.00 0.00 ? 41 G A O6     1 
ATOM 1317 N N1     . G A 1 41 ? -4.960  -16.318 -16.442 1.00 0.00 ? 41 G A N1     1 
ATOM 1318 C C2     . G A 1 41 ? -5.949  -17.189 -16.099 1.00 0.00 ? 41 G A C2     1 
ATOM 1319 N N2     . G A 1 41 ? -7.187  -16.844 -16.361 1.00 0.00 ? 41 G A N2     1 
ATOM 1320 N N3     . G A 1 41 ? -5.735  -18.397 -15.585 1.00 0.00 ? 41 G A N3     1 
ATOM 1321 C C4     . G A 1 41 ? -4.406  -18.696 -15.469 1.00 0.00 ? 41 G A C4     1 
ATOM 1322 H "H5'"  . G A 1 41 ? -2.324  -23.783 -13.006 1.00 0.00 ? 41 G A "H5'"  1 
ATOM 1323 H "H5''" . G A 1 41 ? -2.691  -24.862 -14.370 1.00 0.00 ? 41 G A "H5''" 1 
ATOM 1324 H "H4'"  . G A 1 41 ? -4.721  -23.733 -13.707 1.00 0.00 ? 41 G A "H4'"  1 
ATOM 1325 H "H3'"  . G A 1 41 ? -3.566  -22.732 -16.336 1.00 0.00 ? 41 G A "H3'"  1 
ATOM 1326 H "H2'"  . G A 1 41 ? -5.503  -21.291 -16.471 1.00 0.00 ? 41 G A "H2'"  1 
ATOM 1327 H "HO2'" . G A 1 41 ? -6.605  -23.230 -15.379 1.00 0.00 ? 41 G A "HO2'" 1 
ATOM 1328 H "H1'"  . G A 1 41 ? -5.513  -20.477 -13.922 1.00 0.00 ? 41 G A "H1'"  1 
ATOM 1329 H H8     . G A 1 41 ? -1.850  -20.599 -14.995 1.00 0.00 ? 41 G A H8     1 
ATOM 1330 H H1     . G A 1 41 ? -5.230  -15.421 -16.827 1.00 0.00 ? 41 G A H1     1 
ATOM 1331 H H21    . G A 1 41 ? -7.426  -15.942 -16.794 1.00 0.00 ? 41 G A H21    1 
ATOM 1332 H H22    . G A 1 41 ? -7.886  -17.510 -16.094 1.00 0.00 ? 41 G A H22    1 
ATOM 1333 P P      . C A 1 42 ? -5.170  -24.460 -17.766 1.00 0.00 ? 42 C A P      1 
ATOM 1334 O OP1    . C A 1 42 ? -6.097  -25.598 -17.933 1.00 0.00 ? 42 C A OP1    1 
ATOM 1335 O OP2    . C A 1 42 ? -3.777  -24.563 -18.235 1.00 0.00 ? 42 C A OP2    1 
ATOM 1336 O "O5'"  . C A 1 42 ? -5.842  -23.171 -18.465 1.00 0.00 ? 42 C A "O5'"  1 
ATOM 1337 C "C5'"  . C A 1 42 ? -7.213  -22.884 -18.272 1.00 0.00 ? 42 C A "C5'"  1 
ATOM 1338 C "C4'"  . C A 1 42 ? -7.638  -21.520 -18.819 1.00 0.00 ? 42 C A "C4'"  1 
ATOM 1339 O "O4'"  . C A 1 42 ? -6.979  -20.463 -18.118 1.00 0.00 ? 42 C A "O4'"  1 
ATOM 1340 C "C3'"  . C A 1 42 ? -7.396  -21.228 -20.302 1.00 0.00 ? 42 C A "C3'"  1 
ATOM 1341 O "O3'"  . C A 1 42 ? -8.400  -21.795 -21.138 1.00 0.00 ? 42 C A "O3'"  1 
ATOM 1342 C "C2'"  . C A 1 42 ? -7.548  -19.716 -20.270 1.00 0.00 ? 42 C A "C2'"  1 
ATOM 1343 O "O2'"  . C A 1 42 ? -8.924  -19.392 -20.194 1.00 0.00 ? 42 C A "O2'"  1 
ATOM 1344 C "C1'"  . C A 1 42 ? -6.865  -19.323 -18.963 1.00 0.00 ? 42 C A "C1'"  1 
ATOM 1345 N N1     . C A 1 42 ? -5.481  -18.792 -19.166 1.00 0.00 ? 42 C A N1     1 
ATOM 1346 C C2     . C A 1 42 ? -5.357  -17.576 -19.856 1.00 0.00 ? 42 C A C2     1 
ATOM 1347 O O2     . C A 1 42 ? -6.337  -16.985 -20.304 1.00 0.00 ? 42 C A O2     1 
ATOM 1348 N N3     . C A 1 42 ? -4.146  -17.004 -20.046 1.00 0.00 ? 42 C A N3     1 
ATOM 1349 C C4     . C A 1 42 ? -3.077  -17.582 -19.531 1.00 0.00 ? 42 C A C4     1 
ATOM 1350 N N4     . C A 1 42 ? -1.956  -16.918 -19.643 1.00 0.00 ? 42 C A N4     1 
ATOM 1351 C C5     . C A 1 42 ? -3.137  -18.803 -18.800 1.00 0.00 ? 42 C A C5     1 
ATOM 1352 C C6     . C A 1 42 ? -4.357  -19.371 -18.618 1.00 0.00 ? 42 C A C6     1 
ATOM 1353 H "H5'"  . C A 1 42 ? -7.468  -22.927 -17.218 1.00 0.00 ? 42 C A "H5'"  1 
ATOM 1354 H "H5''" . C A 1 42 ? -7.795  -23.653 -18.783 1.00 0.00 ? 42 C A "H5''" 1 
ATOM 1355 H "H4'"  . C A 1 42 ? -8.707  -21.421 -18.637 1.00 0.00 ? 42 C A "H4'"  1 
ATOM 1356 H "H3'"  . C A 1 42 ? -6.383  -21.500 -20.607 1.00 0.00 ? 42 C A "H3'"  1 
ATOM 1357 H "H2'"  . C A 1 42 ? -7.096  -19.248 -21.134 1.00 0.00 ? 42 C A "H2'"  1 
ATOM 1358 H "HO2'" . C A 1 42 ? -9.362  -20.117 -20.660 1.00 0.00 ? 42 C A "HO2'" 1 
ATOM 1359 H "H1'"  . C A 1 42 ? -7.445  -18.513 -18.538 1.00 0.00 ? 42 C A "H1'"  1 
ATOM 1360 H H41    . C A 1 42 ? -2.066  -15.980 -20.042 1.00 0.00 ? 42 C A H41    1 
ATOM 1361 H H42    . C A 1 42 ? -1.171  -17.176 -19.077 1.00 0.00 ? 42 C A H42    1 
ATOM 1362 H H5     . C A 1 42 ? -2.265  -19.246 -18.345 1.00 0.00 ? 42 C A H5     1 
ATOM 1363 H H6     . C A 1 42 ? -4.419  -20.247 -17.985 1.00 0.00 ? 42 C A H6     1 
ATOM 1364 P P      . C A 1 43 ? -8.145  -22.021 -22.712 1.00 0.00 ? 43 C A P      1 
ATOM 1365 O OP1    . C A 1 43 ? -9.261  -22.823 -23.252 1.00 0.00 ? 43 C A OP1    1 
ATOM 1366 O OP2    . C A 1 43 ? -6.751  -22.465 -22.901 1.00 0.00 ? 43 C A OP2    1 
ATOM 1367 O "O5'"  . C A 1 43 ? -8.256  -20.552 -23.345 1.00 0.00 ? 43 C A "O5'"  1 
ATOM 1368 C "C5'"  . C A 1 43 ? -9.486  -19.863 -23.474 1.00 0.00 ? 43 C A "C5'"  1 
ATOM 1369 C "C4'"  . C A 1 43 ? -9.236  -18.496 -24.123 1.00 0.00 ? 43 C A "C4'"  1 
ATOM 1370 O "O4'"  . C A 1 43 ? -8.473  -17.644 -23.281 1.00 0.00 ? 43 C A "O4'"  1 
ATOM 1371 C "C3'"  . C A 1 43 ? -8.438  -18.581 -25.425 1.00 0.00 ? 43 C A "C3'"  1 
ATOM 1372 O "O3'"  . C A 1 43 ? -9.213  -18.951 -26.556 1.00 0.00 ? 43 C A "O3'"  1 
ATOM 1373 C "C2'"  . C A 1 43 ? -7.908  -17.170 -25.556 1.00 0.00 ? 43 C A "C2'"  1 
ATOM 1374 O "O2'"  . C A 1 43 ? -8.931  -16.339 -26.066 1.00 0.00 ? 43 C A "O2'"  1 
ATOM 1375 C "C1'"  . C A 1 43 ? -7.605  -16.856 -24.092 1.00 0.00 ? 43 C A "C1'"  1 
ATOM 1376 N N1     . C A 1 43 ? -6.170  -17.095 -23.753 1.00 0.00 ? 43 C A N1     1 
ATOM 1377 C C2     . C A 1 43 ? -5.254  -16.066 -23.980 1.00 0.00 ? 43 C A C2     1 
ATOM 1378 O O2     . C A 1 43 ? -5.595  -15.007 -24.502 1.00 0.00 ? 43 C A O2     1 
ATOM 1379 N N3     . C A 1 43 ? -3.952  -16.219 -23.632 1.00 0.00 ? 43 C A N3     1 
ATOM 1380 C C4     . C A 1 43 ? -3.548  -17.365 -23.109 1.00 0.00 ? 43 C A C4     1 
ATOM 1381 N N4     . C A 1 43 ? -2.271  -17.429 -22.819 1.00 0.00 ? 43 C A N4     1 
ATOM 1382 C C5     . C A 1 43 ? -4.436  -18.460 -22.874 1.00 0.00 ? 43 C A C5     1 
ATOM 1383 C C6     . C A 1 43 ? -5.741  -18.279 -23.207 1.00 0.00 ? 43 C A C6     1 
ATOM 1384 H "H5'"  . C A 1 43 ? -9.954  -19.722 -22.502 1.00 0.00 ? 43 C A "H5'"  1 
ATOM 1385 H "H5''" . C A 1 43 ? -10.159 -20.445 -24.105 1.00 0.00 ? 43 C A "H5''" 1 
ATOM 1386 H "H4'"  . C A 1 43 ? -10.192 -18.013 -24.326 1.00 0.00 ? 43 C A "H4'"  1 
ATOM 1387 H "H3'"  . C A 1 43 ? -7.570  -19.214 -25.285 1.00 0.00 ? 43 C A "H3'"  1 
ATOM 1388 H "HO3'" . C A 1 43 ? -9.366  -19.901 -26.514 1.00 0.00 ? 43 C A "HO3'" 1 
ATOM 1389 H "H2'"  . C A 1 43 ? -7.018  -17.129 -26.186 1.00 0.00 ? 43 C A "H2'"  1 
ATOM 1390 H "HO2'" . C A 1 43 ? -9.433  -16.921 -26.656 1.00 0.00 ? 43 C A "HO2'" 1 
ATOM 1391 H "H1'"  . C A 1 43 ? -7.829  -15.814 -23.946 1.00 0.00 ? 43 C A "H1'"  1 
ATOM 1392 H H41    . C A 1 43 ? -1.736  -16.569 -22.962 1.00 0.00 ? 43 C A H41    1 
ATOM 1393 H H42    . C A 1 43 ? -1.903  -18.214 -22.319 1.00 0.00 ? 43 C A H42    1 
ATOM 1394 H H5     . C A 1 43 ? -4.116  -19.386 -22.417 1.00 0.00 ? 43 C A H5     1 
ATOM 1395 H H6     . C A 1 43 ? -6.480  -19.048 -23.028 1.00 0.00 ? 43 C A H6     1 
# 
